data_3GWH
# 
_entry.id   3GWH 
# 
_audit_conform.dict_name       mmcif_pdbx.dic 
_audit_conform.dict_version    5.388 
_audit_conform.dict_location   http://mmcif.pdb.org/dictionaries/ascii/mmcif_pdbx.dic 
# 
loop_
_database_2.database_id 
_database_2.database_code 
_database_2.pdbx_database_accession 
_database_2.pdbx_DOI 
PDB   3GWH         pdb_00003gwh 10.2210/pdb3gwh/pdb 
RCSB  RCSB052393   ?            ?                   
WWPDB D_1000052393 ?            ?                   
# 
loop_
_pdbx_audit_revision_history.ordinal 
_pdbx_audit_revision_history.data_content_type 
_pdbx_audit_revision_history.major_revision 
_pdbx_audit_revision_history.minor_revision 
_pdbx_audit_revision_history.revision_date 
1 'Structure model' 1 0 2010-04-07 
2 'Structure model' 1 1 2011-07-13 
3 'Structure model' 1 2 2024-03-20 
# 
_pdbx_audit_revision_details.ordinal             1 
_pdbx_audit_revision_details.revision_ordinal    1 
_pdbx_audit_revision_details.data_content_type   'Structure model' 
_pdbx_audit_revision_details.provider            repository 
_pdbx_audit_revision_details.type                'Initial release' 
_pdbx_audit_revision_details.description         ? 
_pdbx_audit_revision_details.details             ? 
# 
loop_
_pdbx_audit_revision_group.ordinal 
_pdbx_audit_revision_group.revision_ordinal 
_pdbx_audit_revision_group.data_content_type 
_pdbx_audit_revision_group.group 
1 2 'Structure model' 'Version format compliance' 
2 3 'Structure model' 'Data collection'           
3 3 'Structure model' 'Database references'       
4 3 'Structure model' 'Derived calculations'      
# 
loop_
_pdbx_audit_revision_category.ordinal 
_pdbx_audit_revision_category.revision_ordinal 
_pdbx_audit_revision_category.data_content_type 
_pdbx_audit_revision_category.category 
1 3 'Structure model' chem_comp_atom     
2 3 'Structure model' chem_comp_bond     
3 3 'Structure model' database_2         
4 3 'Structure model' struct_ref_seq_dif 
5 3 'Structure model' struct_site        
# 
loop_
_pdbx_audit_revision_item.ordinal 
_pdbx_audit_revision_item.revision_ordinal 
_pdbx_audit_revision_item.data_content_type 
_pdbx_audit_revision_item.item 
1 3 'Structure model' '_database_2.pdbx_DOI'                
2 3 'Structure model' '_database_2.pdbx_database_accession' 
3 3 'Structure model' '_struct_ref_seq_dif.details'         
4 3 'Structure model' '_struct_site.pdbx_auth_asym_id'      
5 3 'Structure model' '_struct_site.pdbx_auth_comp_id'      
6 3 'Structure model' '_struct_site.pdbx_auth_seq_id'       
# 
_pdbx_database_status.entry_id                        3GWH 
_pdbx_database_status.deposit_site                    RCSB 
_pdbx_database_status.process_site                    PDBJ 
_pdbx_database_status.recvd_initial_deposition_date   2009-04-01 
_pdbx_database_status.status_code                     REL 
_pdbx_database_status.status_code_sf                  REL 
_pdbx_database_status.status_code_mr                  ? 
_pdbx_database_status.SG_entry                        ? 
_pdbx_database_status.pdb_format_compatible           Y 
_pdbx_database_status.status_code_cs                  ? 
_pdbx_database_status.status_code_nmr_data            ? 
_pdbx_database_status.methods_development_category    ? 
# 
loop_
_audit_author.name 
_audit_author.pdbx_ordinal 
'Rodriguez, D.D.' 1 
'Grosse, C.'      2 
'Himmel, S.'      3 
'Gonzalez, C.'    4 
'Becker, S.'      5 
'Sheldrick, G.M.' 6 
'Uson, I.'        7 
# 
_citation.id                        primary 
_citation.title                     'Crystallographic ab initio protein structure solution below atomic resolution' 
_citation.journal_abbrev            Nat.Methods 
_citation.journal_volume            6 
_citation.page_first                651 
_citation.page_last                 653 
_citation.year                      2009 
_citation.journal_id_ASTM           ? 
_citation.country                   US 
_citation.journal_id_ISSN           1548-7091 
_citation.journal_id_CSD            ? 
_citation.book_publisher            ? 
_citation.pdbx_database_id_PubMed   19684596 
_citation.pdbx_database_id_DOI      10.1038/nmeth.1365 
# 
loop_
_citation_author.citation_id 
_citation_author.name 
_citation_author.ordinal 
_citation_author.identifier_ORCID 
primary 'Rodriguez, D.D.'   1 ? 
primary 'Grosse, C.'        2 ? 
primary 'Himmel, S.'        3 ? 
primary 'Gonzalez, C.'      4 ? 
primary 'de Ilarduya, I.M.' 5 ? 
primary 'Becker, S.'        6 ? 
primary 'Sheldrick, G.M.'   7 ? 
primary 'Uson, I.'          8 ? 
# 
loop_
_entity.id 
_entity.type 
_entity.src_method 
_entity.pdbx_description 
_entity.formula_weight 
_entity.pdbx_number_of_molecules 
_entity.pdbx_ec 
_entity.pdbx_mutation 
_entity.pdbx_fragment 
_entity.details 
1 polymer     man 'Transcriptional antiterminator (BglG family)' 13154.480 2  ? ? 'UNP residues 178-285' ? 
2 non-polymer syn 'PHOSPHATE ION'                                94.971    2  ? ? ?                      ? 
3 water       nat water                                          18.015    29 ? ? ?                      ? 
# 
_entity_poly.entity_id                      1 
_entity_poly.type                           'polypeptide(L)' 
_entity_poly.nstd_linkage                   no 
_entity_poly.nstd_monomer                   no 
_entity_poly.pdbx_seq_one_letter_code       
;GSLRPLSEVNQHSQLMAQLVEVIEDSFQMKVNKESVNYLRLIRHIRFTIERIKKEEPTKEPEKLMLLLKNEYPLCYNTAW
KLIKILQQTLKKPVHEAEAVYLTLHLIPINQ
;
_entity_poly.pdbx_seq_one_letter_code_can   
;GSLRPLSEVNQHSQLMAQLVEVIEDSFQMKVNKESVNYLRLIRHIRFTIERIKKEEPTKEPEKLMLLLKNEYPLCYNTAW
KLIKILQQTLKKPVHEAEAVYLTLHLIPINQ
;
_entity_poly.pdbx_strand_id                 A,B 
_entity_poly.pdbx_target_identifier         ? 
# 
loop_
_pdbx_entity_nonpoly.entity_id 
_pdbx_entity_nonpoly.name 
_pdbx_entity_nonpoly.comp_id 
2 'PHOSPHATE ION' PO4 
3 water           HOH 
# 
loop_
_entity_poly_seq.entity_id 
_entity_poly_seq.num 
_entity_poly_seq.mon_id 
_entity_poly_seq.hetero 
1 1   GLY n 
1 2   SER n 
1 3   LEU n 
1 4   ARG n 
1 5   PRO n 
1 6   LEU n 
1 7   SER n 
1 8   GLU n 
1 9   VAL n 
1 10  ASN n 
1 11  GLN n 
1 12  HIS n 
1 13  SER n 
1 14  GLN n 
1 15  LEU n 
1 16  MET n 
1 17  ALA n 
1 18  GLN n 
1 19  LEU n 
1 20  VAL n 
1 21  GLU n 
1 22  VAL n 
1 23  ILE n 
1 24  GLU n 
1 25  ASP n 
1 26  SER n 
1 27  PHE n 
1 28  GLN n 
1 29  MET n 
1 30  LYS n 
1 31  VAL n 
1 32  ASN n 
1 33  LYS n 
1 34  GLU n 
1 35  SER n 
1 36  VAL n 
1 37  ASN n 
1 38  TYR n 
1 39  LEU n 
1 40  ARG n 
1 41  LEU n 
1 42  ILE n 
1 43  ARG n 
1 44  HIS n 
1 45  ILE n 
1 46  ARG n 
1 47  PHE n 
1 48  THR n 
1 49  ILE n 
1 50  GLU n 
1 51  ARG n 
1 52  ILE n 
1 53  LYS n 
1 54  LYS n 
1 55  GLU n 
1 56  GLU n 
1 57  PRO n 
1 58  THR n 
1 59  LYS n 
1 60  GLU n 
1 61  PRO n 
1 62  GLU n 
1 63  LYS n 
1 64  LEU n 
1 65  MET n 
1 66  LEU n 
1 67  LEU n 
1 68  LEU n 
1 69  LYS n 
1 70  ASN n 
1 71  GLU n 
1 72  TYR n 
1 73  PRO n 
1 74  LEU n 
1 75  CYS n 
1 76  TYR n 
1 77  ASN n 
1 78  THR n 
1 79  ALA n 
1 80  TRP n 
1 81  LYS n 
1 82  LEU n 
1 83  ILE n 
1 84  LYS n 
1 85  ILE n 
1 86  LEU n 
1 87  GLN n 
1 88  GLN n 
1 89  THR n 
1 90  LEU n 
1 91  LYS n 
1 92  LYS n 
1 93  PRO n 
1 94  VAL n 
1 95  HIS n 
1 96  GLU n 
1 97  ALA n 
1 98  GLU n 
1 99  ALA n 
1 100 VAL n 
1 101 TYR n 
1 102 LEU n 
1 103 THR n 
1 104 LEU n 
1 105 HIS n 
1 106 LEU n 
1 107 ILE n 
1 108 PRO n 
1 109 ILE n 
1 110 ASN n 
1 111 GLN n 
# 
_entity_src_gen.entity_id                          1 
_entity_src_gen.pdbx_src_id                        1 
_entity_src_gen.pdbx_alt_source_flag               sample 
_entity_src_gen.pdbx_seq_type                      ? 
_entity_src_gen.pdbx_beg_seq_num                   ? 
_entity_src_gen.pdbx_end_seq_num                   ? 
_entity_src_gen.gene_src_common_name               ? 
_entity_src_gen.gene_src_genus                     ? 
_entity_src_gen.pdbx_gene_src_gene                 'BSU13880, glcT' 
_entity_src_gen.gene_src_species                   ? 
_entity_src_gen.gene_src_strain                    168 
_entity_src_gen.gene_src_tissue                    ? 
_entity_src_gen.gene_src_tissue_fraction           ? 
_entity_src_gen.gene_src_details                   'GST fusion protein, pGEX2TEV derived from commercial pGEX2T' 
_entity_src_gen.pdbx_gene_src_fragment             ? 
_entity_src_gen.pdbx_gene_src_scientific_name      'Bacillus subtilis' 
_entity_src_gen.pdbx_gene_src_ncbi_taxonomy_id     1423 
_entity_src_gen.pdbx_gene_src_variant              ? 
_entity_src_gen.pdbx_gene_src_cell_line            ? 
_entity_src_gen.pdbx_gene_src_atcc                 ? 
_entity_src_gen.pdbx_gene_src_organ                ? 
_entity_src_gen.pdbx_gene_src_organelle            ? 
_entity_src_gen.pdbx_gene_src_cell                 ? 
_entity_src_gen.pdbx_gene_src_cellular_location    ? 
_entity_src_gen.host_org_common_name               ? 
_entity_src_gen.pdbx_host_org_scientific_name      'Escherichia coli' 
_entity_src_gen.pdbx_host_org_ncbi_taxonomy_id     562 
_entity_src_gen.host_org_genus                     ? 
_entity_src_gen.pdbx_host_org_gene                 ? 
_entity_src_gen.pdbx_host_org_organ                ? 
_entity_src_gen.host_org_species                   ? 
_entity_src_gen.pdbx_host_org_tissue               ? 
_entity_src_gen.pdbx_host_org_tissue_fraction      ? 
_entity_src_gen.pdbx_host_org_strain               BL21 
_entity_src_gen.pdbx_host_org_variant              ? 
_entity_src_gen.pdbx_host_org_cell_line            ? 
_entity_src_gen.pdbx_host_org_atcc                 ? 
_entity_src_gen.pdbx_host_org_culture_collection   ? 
_entity_src_gen.pdbx_host_org_cell                 ? 
_entity_src_gen.pdbx_host_org_organelle            ? 
_entity_src_gen.pdbx_host_org_cellular_location    ? 
_entity_src_gen.pdbx_host_org_vector_type          plasmid 
_entity_src_gen.pdbx_host_org_vector               ? 
_entity_src_gen.host_org_details                   ? 
_entity_src_gen.expression_system_id               ? 
_entity_src_gen.plasmid_name                       pGEX2TEV 
_entity_src_gen.plasmid_details                    ? 
_entity_src_gen.pdbx_description                   ? 
# 
loop_
_chem_comp.id 
_chem_comp.type 
_chem_comp.mon_nstd_flag 
_chem_comp.name 
_chem_comp.pdbx_synonyms 
_chem_comp.formula 
_chem_comp.formula_weight 
ALA 'L-peptide linking' y ALANINE         ? 'C3 H7 N O2'     89.093  
ARG 'L-peptide linking' y ARGININE        ? 'C6 H15 N4 O2 1' 175.209 
ASN 'L-peptide linking' y ASPARAGINE      ? 'C4 H8 N2 O3'    132.118 
ASP 'L-peptide linking' y 'ASPARTIC ACID' ? 'C4 H7 N O4'     133.103 
CYS 'L-peptide linking' y CYSTEINE        ? 'C3 H7 N O2 S'   121.158 
GLN 'L-peptide linking' y GLUTAMINE       ? 'C5 H10 N2 O3'   146.144 
GLU 'L-peptide linking' y 'GLUTAMIC ACID' ? 'C5 H9 N O4'     147.129 
GLY 'peptide linking'   y GLYCINE         ? 'C2 H5 N O2'     75.067  
HIS 'L-peptide linking' y HISTIDINE       ? 'C6 H10 N3 O2 1' 156.162 
HOH non-polymer         . WATER           ? 'H2 O'           18.015  
ILE 'L-peptide linking' y ISOLEUCINE      ? 'C6 H13 N O2'    131.173 
LEU 'L-peptide linking' y LEUCINE         ? 'C6 H13 N O2'    131.173 
LYS 'L-peptide linking' y LYSINE          ? 'C6 H15 N2 O2 1' 147.195 
MET 'L-peptide linking' y METHIONINE      ? 'C5 H11 N O2 S'  149.211 
PHE 'L-peptide linking' y PHENYLALANINE   ? 'C9 H11 N O2'    165.189 
PO4 non-polymer         . 'PHOSPHATE ION' ? 'O4 P -3'        94.971  
PRO 'L-peptide linking' y PROLINE         ? 'C5 H9 N O2'     115.130 
SER 'L-peptide linking' y SERINE          ? 'C3 H7 N O3'     105.093 
THR 'L-peptide linking' y THREONINE       ? 'C4 H9 N O3'     119.119 
TRP 'L-peptide linking' y TRYPTOPHAN      ? 'C11 H12 N2 O2'  204.225 
TYR 'L-peptide linking' y TYROSINE        ? 'C9 H11 N O3'    181.189 
VAL 'L-peptide linking' y VALINE          ? 'C5 H11 N O2'    117.146 
# 
loop_
_pdbx_poly_seq_scheme.asym_id 
_pdbx_poly_seq_scheme.entity_id 
_pdbx_poly_seq_scheme.seq_id 
_pdbx_poly_seq_scheme.mon_id 
_pdbx_poly_seq_scheme.ndb_seq_num 
_pdbx_poly_seq_scheme.pdb_seq_num 
_pdbx_poly_seq_scheme.auth_seq_num 
_pdbx_poly_seq_scheme.pdb_mon_id 
_pdbx_poly_seq_scheme.auth_mon_id 
_pdbx_poly_seq_scheme.pdb_strand_id 
_pdbx_poly_seq_scheme.pdb_ins_code 
_pdbx_poly_seq_scheme.hetero 
A 1 1   GLY 1   1   ?   ?   ?   A . n 
A 1 2   SER 2   2   ?   ?   ?   A . n 
A 1 3   LEU 3   3   ?   ?   ?   A . n 
A 1 4   ARG 4   4   ?   ?   ?   A . n 
A 1 5   PRO 5   5   ?   ?   ?   A . n 
A 1 6   LEU 6   6   ?   ?   ?   A . n 
A 1 7   SER 7   7   ?   ?   ?   A . n 
A 1 8   GLU 8   8   ?   ?   ?   A . n 
A 1 9   VAL 9   9   ?   ?   ?   A . n 
A 1 10  ASN 10  10  ?   ?   ?   A . n 
A 1 11  GLN 11  11  ?   ?   ?   A . n 
A 1 12  HIS 12  12  12  HIS HIS A . n 
A 1 13  SER 13  13  13  SER SER A . n 
A 1 14  GLN 14  14  14  GLN GLN A . n 
A 1 15  LEU 15  15  15  LEU LEU A . n 
A 1 16  MET 16  16  16  MET MET A . n 
A 1 17  ALA 17  17  17  ALA ALA A . n 
A 1 18  GLN 18  18  18  GLN GLN A . n 
A 1 19  LEU 19  19  19  LEU LEU A . n 
A 1 20  VAL 20  20  20  VAL VAL A . n 
A 1 21  GLU 21  21  21  GLU GLU A . n 
A 1 22  VAL 22  22  22  VAL VAL A . n 
A 1 23  ILE 23  23  23  ILE ILE A . n 
A 1 24  GLU 24  24  24  GLU GLU A . n 
A 1 25  ASP 25  25  25  ASP ASP A . n 
A 1 26  SER 26  26  26  SER SER A . n 
A 1 27  PHE 27  27  27  PHE PHE A . n 
A 1 28  GLN 28  28  28  GLN GLN A . n 
A 1 29  MET 29  29  29  MET MET A . n 
A 1 30  LYS 30  30  30  LYS LYS A . n 
A 1 31  VAL 31  31  31  VAL VAL A . n 
A 1 32  ASN 32  32  32  ASN ASN A . n 
A 1 33  LYS 33  33  33  LYS LYS A . n 
A 1 34  GLU 34  34  34  GLU GLU A . n 
A 1 35  SER 35  35  35  SER SER A . n 
A 1 36  VAL 36  36  36  VAL VAL A . n 
A 1 37  ASN 37  37  37  ASN ASN A . n 
A 1 38  TYR 38  38  38  TYR TYR A . n 
A 1 39  LEU 39  39  39  LEU LEU A . n 
A 1 40  ARG 40  40  40  ARG ARG A . n 
A 1 41  LEU 41  41  41  LEU LEU A . n 
A 1 42  ILE 42  42  42  ILE ILE A . n 
A 1 43  ARG 43  43  43  ARG ARG A . n 
A 1 44  HIS 44  44  44  HIS HIS A . n 
A 1 45  ILE 45  45  45  ILE ILE A . n 
A 1 46  ARG 46  46  46  ARG ARG A . n 
A 1 47  PHE 47  47  47  PHE PHE A . n 
A 1 48  THR 48  48  48  THR THR A . n 
A 1 49  ILE 49  49  49  ILE ILE A . n 
A 1 50  GLU 50  50  50  GLU GLU A . n 
A 1 51  ARG 51  51  51  ARG ARG A . n 
A 1 52  ILE 52  52  52  ILE ILE A . n 
A 1 53  LYS 53  53  53  LYS LYS A . n 
A 1 54  LYS 54  54  54  LYS LYS A . n 
A 1 55  GLU 55  55  55  GLU GLU A . n 
A 1 56  GLU 56  56  56  GLU GLU A . n 
A 1 57  PRO 57  57  57  PRO PRO A . n 
A 1 58  THR 58  58  58  THR THR A . n 
A 1 59  LYS 59  59  59  LYS LYS A . n 
A 1 60  GLU 60  60  60  GLU GLU A . n 
A 1 61  PRO 61  61  61  PRO PRO A . n 
A 1 62  GLU 62  62  62  GLU GLU A . n 
A 1 63  LYS 63  63  63  LYS LYS A . n 
A 1 64  LEU 64  64  64  LEU LEU A . n 
A 1 65  MET 65  65  65  MET MET A . n 
A 1 66  LEU 66  66  66  LEU LEU A . n 
A 1 67  LEU 67  67  67  LEU LEU A . n 
A 1 68  LEU 68  68  68  LEU LEU A . n 
A 1 69  LYS 69  69  69  LYS LYS A . n 
A 1 70  ASN 70  70  70  ASN ASN A . n 
A 1 71  GLU 71  71  71  GLU GLU A . n 
A 1 72  TYR 72  72  72  TYR TYR A . n 
A 1 73  PRO 73  73  73  PRO PRO A . n 
A 1 74  LEU 74  74  74  LEU LEU A . n 
A 1 75  CYS 75  75  75  CYS CYS A . n 
A 1 76  TYR 76  76  76  TYR TYR A . n 
A 1 77  ASN 77  77  77  ASN ASN A . n 
A 1 78  THR 78  78  78  THR THR A . n 
A 1 79  ALA 79  79  79  ALA ALA A . n 
A 1 80  TRP 80  80  80  TRP TRP A . n 
A 1 81  LYS 81  81  81  LYS LYS A . n 
A 1 82  LEU 82  82  82  LEU LEU A . n 
A 1 83  ILE 83  83  83  ILE ILE A . n 
A 1 84  LYS 84  84  84  LYS LYS A . n 
A 1 85  ILE 85  85  85  ILE ILE A . n 
A 1 86  LEU 86  86  86  LEU LEU A . n 
A 1 87  GLN 87  87  87  GLN GLN A . n 
A 1 88  GLN 88  88  88  GLN GLN A . n 
A 1 89  THR 89  89  89  THR THR A . n 
A 1 90  LEU 90  90  90  LEU LEU A . n 
A 1 91  LYS 91  91  91  LYS LYS A . n 
A 1 92  LYS 92  92  92  LYS LYS A . n 
A 1 93  PRO 93  93  93  PRO PRO A . n 
A 1 94  VAL 94  94  94  VAL VAL A . n 
A 1 95  HIS 95  95  95  HIS HIS A . n 
A 1 96  GLU 96  96  96  GLU GLU A . n 
A 1 97  ALA 97  97  97  ALA ALA A . n 
A 1 98  GLU 98  98  98  GLU GLU A . n 
A 1 99  ALA 99  99  99  ALA ALA A . n 
A 1 100 VAL 100 100 100 VAL VAL A . n 
A 1 101 TYR 101 101 101 TYR TYR A . n 
A 1 102 LEU 102 102 102 LEU LEU A . n 
A 1 103 THR 103 103 103 THR THR A . n 
A 1 104 LEU 104 104 104 LEU LEU A . n 
A 1 105 HIS 105 105 105 HIS HIS A . n 
A 1 106 LEU 106 106 106 LEU LEU A . n 
A 1 107 ILE 107 107 107 ILE ILE A . n 
A 1 108 PRO 108 108 108 PRO PRO A . n 
A 1 109 ILE 109 109 109 ILE ILE A . n 
A 1 110 ASN 110 110 ?   ?   ?   A . n 
A 1 111 GLN 111 111 ?   ?   ?   A . n 
B 1 1   GLY 1   1   ?   ?   ?   B . n 
B 1 2   SER 2   2   ?   ?   ?   B . n 
B 1 3   LEU 3   3   ?   ?   ?   B . n 
B 1 4   ARG 4   4   ?   ?   ?   B . n 
B 1 5   PRO 5   5   ?   ?   ?   B . n 
B 1 6   LEU 6   6   ?   ?   ?   B . n 
B 1 7   SER 7   7   ?   ?   ?   B . n 
B 1 8   GLU 8   8   ?   ?   ?   B . n 
B 1 9   VAL 9   9   ?   ?   ?   B . n 
B 1 10  ASN 10  10  ?   ?   ?   B . n 
B 1 11  GLN 11  11  11  GLN GLN B . n 
B 1 12  HIS 12  12  12  HIS HIS B . n 
B 1 13  SER 13  13  13  SER SER B . n 
B 1 14  GLN 14  14  14  GLN GLN B . n 
B 1 15  LEU 15  15  15  LEU LEU B . n 
B 1 16  MET 16  16  16  MET MET B . n 
B 1 17  ALA 17  17  17  ALA ALA B . n 
B 1 18  GLN 18  18  18  GLN GLN B . n 
B 1 19  LEU 19  19  19  LEU LEU B . n 
B 1 20  VAL 20  20  20  VAL VAL B . n 
B 1 21  GLU 21  21  21  GLU GLU B . n 
B 1 22  VAL 22  22  22  VAL VAL B . n 
B 1 23  ILE 23  23  23  ILE ILE B . n 
B 1 24  GLU 24  24  24  GLU GLU B . n 
B 1 25  ASP 25  25  25  ASP ASP B . n 
B 1 26  SER 26  26  26  SER SER B . n 
B 1 27  PHE 27  27  27  PHE PHE B . n 
B 1 28  GLN 28  28  28  GLN GLN B . n 
B 1 29  MET 29  29  29  MET MET B . n 
B 1 30  LYS 30  30  30  LYS LYS B . n 
B 1 31  VAL 31  31  31  VAL VAL B . n 
B 1 32  ASN 32  32  32  ASN ASN B . n 
B 1 33  LYS 33  33  33  LYS LYS B . n 
B 1 34  GLU 34  34  34  GLU GLU B . n 
B 1 35  SER 35  35  35  SER SER B . n 
B 1 36  VAL 36  36  36  VAL VAL B . n 
B 1 37  ASN 37  37  37  ASN ASN B . n 
B 1 38  TYR 38  38  38  TYR TYR B . n 
B 1 39  LEU 39  39  39  LEU LEU B . n 
B 1 40  ARG 40  40  40  ARG ARG B . n 
B 1 41  LEU 41  41  41  LEU LEU B . n 
B 1 42  ILE 42  42  42  ILE ILE B . n 
B 1 43  ARG 43  43  43  ARG ARG B . n 
B 1 44  HIS 44  44  44  HIS HIS B . n 
B 1 45  ILE 45  45  45  ILE ILE B . n 
B 1 46  ARG 46  46  46  ARG ARG B . n 
B 1 47  PHE 47  47  47  PHE PHE B . n 
B 1 48  THR 48  48  48  THR THR B . n 
B 1 49  ILE 49  49  49  ILE ILE B . n 
B 1 50  GLU 50  50  50  GLU GLU B . n 
B 1 51  ARG 51  51  51  ARG ARG B . n 
B 1 52  ILE 52  52  52  ILE ILE B . n 
B 1 53  LYS 53  53  53  LYS LYS B . n 
B 1 54  LYS 54  54  54  LYS LYS B . n 
B 1 55  GLU 55  55  55  GLU GLU B . n 
B 1 56  GLU 56  56  56  GLU GLU B . n 
B 1 57  PRO 57  57  57  PRO PRO B . n 
B 1 58  THR 58  58  58  THR THR B . n 
B 1 59  LYS 59  59  59  LYS LYS B . n 
B 1 60  GLU 60  60  60  GLU GLU B . n 
B 1 61  PRO 61  61  61  PRO PRO B . n 
B 1 62  GLU 62  62  62  GLU GLU B . n 
B 1 63  LYS 63  63  63  LYS LYS B . n 
B 1 64  LEU 64  64  64  LEU LEU B . n 
B 1 65  MET 65  65  65  MET MET B . n 
B 1 66  LEU 66  66  66  LEU LEU B . n 
B 1 67  LEU 67  67  67  LEU LEU B . n 
B 1 68  LEU 68  68  68  LEU LEU B . n 
B 1 69  LYS 69  69  69  LYS LYS B . n 
B 1 70  ASN 70  70  70  ASN ASN B . n 
B 1 71  GLU 71  71  71  GLU GLU B . n 
B 1 72  TYR 72  72  72  TYR TYR B . n 
B 1 73  PRO 73  73  73  PRO PRO B . n 
B 1 74  LEU 74  74  74  LEU LEU B . n 
B 1 75  CYS 75  75  75  CYS CYS B . n 
B 1 76  TYR 76  76  76  TYR TYR B . n 
B 1 77  ASN 77  77  77  ASN ASN B . n 
B 1 78  THR 78  78  78  THR THR B . n 
B 1 79  ALA 79  79  79  ALA ALA B . n 
B 1 80  TRP 80  80  80  TRP TRP B . n 
B 1 81  LYS 81  81  81  LYS LYS B . n 
B 1 82  LEU 82  82  82  LEU LEU B . n 
B 1 83  ILE 83  83  83  ILE ILE B . n 
B 1 84  LYS 84  84  84  LYS LYS B . n 
B 1 85  ILE 85  85  85  ILE ILE B . n 
B 1 86  LEU 86  86  86  LEU LEU B . n 
B 1 87  GLN 87  87  87  GLN GLN B . n 
B 1 88  GLN 88  88  88  GLN GLN B . n 
B 1 89  THR 89  89  89  THR THR B . n 
B 1 90  LEU 90  90  90  LEU LEU B . n 
B 1 91  LYS 91  91  91  LYS LYS B . n 
B 1 92  LYS 92  92  92  LYS LYS B . n 
B 1 93  PRO 93  93  93  PRO PRO B . n 
B 1 94  VAL 94  94  94  VAL VAL B . n 
B 1 95  HIS 95  95  95  HIS HIS B . n 
B 1 96  GLU 96  96  96  GLU GLU B . n 
B 1 97  ALA 97  97  97  ALA ALA B . n 
B 1 98  GLU 98  98  98  GLU GLU B . n 
B 1 99  ALA 99  99  99  ALA ALA B . n 
B 1 100 VAL 100 100 100 VAL VAL B . n 
B 1 101 TYR 101 101 101 TYR TYR B . n 
B 1 102 LEU 102 102 102 LEU LEU B . n 
B 1 103 THR 103 103 103 THR THR B . n 
B 1 104 LEU 104 104 104 LEU LEU B . n 
B 1 105 HIS 105 105 105 HIS HIS B . n 
B 1 106 LEU 106 106 106 LEU LEU B . n 
B 1 107 ILE 107 107 107 ILE ILE B . n 
B 1 108 PRO 108 108 108 PRO PRO B . n 
B 1 109 ILE 109 109 109 ILE ILE B . n 
B 1 110 ASN 110 110 110 ASN ASN B . n 
B 1 111 GLN 111 111 111 GLN GLN B . n 
# 
loop_
_pdbx_nonpoly_scheme.asym_id 
_pdbx_nonpoly_scheme.entity_id 
_pdbx_nonpoly_scheme.mon_id 
_pdbx_nonpoly_scheme.ndb_seq_num 
_pdbx_nonpoly_scheme.pdb_seq_num 
_pdbx_nonpoly_scheme.auth_seq_num 
_pdbx_nonpoly_scheme.pdb_mon_id 
_pdbx_nonpoly_scheme.auth_mon_id 
_pdbx_nonpoly_scheme.pdb_strand_id 
_pdbx_nonpoly_scheme.pdb_ins_code 
C 2 PO4 1  112 31 PO4 PO4 A . 
D 2 PO4 1  112 30 PO4 PO4 B . 
E 3 HOH 1  113 2  HOH HOH A . 
E 3 HOH 2  114 4  HOH HOH A . 
E 3 HOH 3  115 5  HOH HOH A . 
E 3 HOH 4  116 6  HOH HOH A . 
E 3 HOH 5  117 8  HOH HOH A . 
E 3 HOH 6  118 10 HOH HOH A . 
E 3 HOH 7  119 11 HOH HOH A . 
E 3 HOH 8  120 12 HOH HOH A . 
E 3 HOH 9  121 15 HOH HOH A . 
E 3 HOH 10 122 16 HOH HOH A . 
E 3 HOH 11 123 19 HOH HOH A . 
E 3 HOH 12 124 25 HOH HOH A . 
E 3 HOH 13 125 27 HOH HOH A . 
E 3 HOH 14 126 28 HOH HOH A . 
E 3 HOH 15 127 29 HOH HOH A . 
F 3 HOH 1  113 1  HOH HOH B . 
F 3 HOH 2  114 3  HOH HOH B . 
F 3 HOH 3  115 7  HOH HOH B . 
F 3 HOH 4  116 9  HOH HOH B . 
F 3 HOH 5  117 13 HOH HOH B . 
F 3 HOH 6  118 14 HOH HOH B . 
F 3 HOH 7  119 17 HOH HOH B . 
F 3 HOH 8  120 18 HOH HOH B . 
F 3 HOH 9  121 20 HOH HOH B . 
F 3 HOH 10 122 21 HOH HOH B . 
F 3 HOH 11 123 22 HOH HOH B . 
F 3 HOH 12 124 23 HOH HOH B . 
F 3 HOH 13 125 24 HOH HOH B . 
F 3 HOH 14 126 26 HOH HOH B . 
# 
loop_
_pdbx_unobs_or_zero_occ_atoms.id 
_pdbx_unobs_or_zero_occ_atoms.PDB_model_num 
_pdbx_unobs_or_zero_occ_atoms.polymer_flag 
_pdbx_unobs_or_zero_occ_atoms.occupancy_flag 
_pdbx_unobs_or_zero_occ_atoms.auth_asym_id 
_pdbx_unobs_or_zero_occ_atoms.auth_comp_id 
_pdbx_unobs_or_zero_occ_atoms.auth_seq_id 
_pdbx_unobs_or_zero_occ_atoms.PDB_ins_code 
_pdbx_unobs_or_zero_occ_atoms.auth_atom_id 
_pdbx_unobs_or_zero_occ_atoms.label_alt_id 
_pdbx_unobs_or_zero_occ_atoms.label_asym_id 
_pdbx_unobs_or_zero_occ_atoms.label_comp_id 
_pdbx_unobs_or_zero_occ_atoms.label_seq_id 
_pdbx_unobs_or_zero_occ_atoms.label_atom_id 
1  1 Y 1 A LYS 30 ? NZ  ? A LYS 30 NZ  
2  1 Y 1 A THR 58 ? OG1 ? A THR 58 OG1 
3  1 Y 1 A THR 58 ? CG2 ? A THR 58 CG2 
4  1 Y 1 A LYS 59 ? CG  ? A LYS 59 CG  
5  1 Y 1 A LYS 59 ? CD  ? A LYS 59 CD  
6  1 Y 1 A LYS 59 ? CE  ? A LYS 59 CE  
7  1 Y 1 A LYS 59 ? NZ  ? A LYS 59 NZ  
8  1 Y 1 A GLU 60 ? CG  ? A GLU 60 CG  
9  1 Y 1 A GLU 60 ? CD  ? A GLU 60 CD  
10 1 Y 1 A GLU 60 ? OE1 ? A GLU 60 OE1 
11 1 Y 1 A GLU 60 ? OE2 ? A GLU 60 OE2 
12 1 Y 1 A GLU 62 ? CG  ? A GLU 62 CG  
13 1 Y 1 A GLU 62 ? CD  ? A GLU 62 CD  
14 1 Y 1 A GLU 62 ? OE1 ? A GLU 62 OE1 
15 1 Y 1 A GLU 62 ? OE2 ? A GLU 62 OE2 
16 1 Y 1 A LYS 63 ? CG  ? A LYS 63 CG  
17 1 Y 1 A LYS 63 ? CD  ? A LYS 63 CD  
18 1 Y 1 A LYS 63 ? CE  ? A LYS 63 CE  
19 1 Y 1 A LYS 63 ? NZ  ? A LYS 63 NZ  
20 1 Y 1 B GLN 11 ? CG  ? B GLN 11 CG  
21 1 Y 1 B GLN 11 ? CD  ? B GLN 11 CD  
22 1 Y 1 B GLN 11 ? OE1 ? B GLN 11 OE1 
23 1 Y 1 B GLN 11 ? NE2 ? B GLN 11 NE2 
24 1 Y 1 B LYS 30 ? CE  ? B LYS 30 CE  
25 1 Y 1 B LYS 30 ? NZ  ? B LYS 30 NZ  
26 1 Y 1 B LYS 69 ? CE  ? B LYS 69 CE  
27 1 Y 1 B LYS 69 ? NZ  ? B LYS 69 NZ  
28 1 Y 1 B LYS 91 ? CG  ? B LYS 91 CG  
29 1 Y 1 B LYS 91 ? CD  ? B LYS 91 CD  
30 1 Y 1 B LYS 91 ? CE  ? B LYS 91 CE  
31 1 Y 1 B LYS 91 ? NZ  ? B LYS 91 NZ  
# 
loop_
_software.name 
_software.version 
_software.date 
_software.type 
_software.contact_author 
_software.contact_author_email 
_software.classification 
_software.location 
_software.language 
_software.citation_id 
_software.pdbx_ordinal 
REFMAC      .     ?               program 'Garib N. Murshudov' garib@ysbl.york.ac.uk refinement        
http://www.ccp4.ac.uk/dist/html/refmac5.html Fortran_77 ? 1 
PDB_EXTRACT 3.006 'June 11, 2008' package PDB                  help@deposit.rcsb.org 'data extraction' 
http://sw-tools.pdb.org/apps/PDB_EXTRACT/    C++        ? 2 
APEX        .     ?               ?       ?                    ?                     'data collection' ? ?          ? 3 
SAINT       .     ?               ?       ?                    ?                     'data reduction'  ? ?          ? 4 
TWINABS     .     ?               ?       ?                    ?                     'data scaling'    ? ?          ? 5 
Arcimboldo  .     ?               ?       ?                    ?                     phasing           ? ?          ? 6 
PHASER      .     ?               ?       ?                    ?                     phasing           ? ?          ? 7 
SHELXE      .     ?               ?       ?                    ?                     'model building'  ? ?          ? 8 
# 
_cell.length_a           37.390 
_cell.length_b           65.750 
_cell.length_c           38.190 
_cell.angle_alpha        90.000 
_cell.angle_beta         109.580 
_cell.angle_gamma        90.000 
_cell.entry_id           3GWH 
_cell.pdbx_unique_axis   ? 
_cell.Z_PDB              4 
_cell.length_a_esd       ? 
_cell.length_b_esd       ? 
_cell.length_c_esd       ? 
_cell.angle_alpha_esd    ? 
_cell.angle_beta_esd     ? 
_cell.angle_gamma_esd    ? 
# 
_symmetry.space_group_name_H-M             'P 1 21 1' 
_symmetry.entry_id                         3GWH 
_symmetry.pdbx_full_space_group_name_H-M   ? 
_symmetry.Int_Tables_number                4 
_symmetry.cell_setting                     ? 
_symmetry.space_group_name_Hall            ? 
# 
_exptl.crystals_number   1 
_exptl.entry_id          3GWH 
_exptl.method            'X-RAY DIFFRACTION' 
# 
_exptl_crystal.id                    1 
_exptl_crystal.pdbx_mosaicity        ? 
_exptl_crystal.pdbx_mosaicity_esd    ? 
_exptl_crystal.density_Matthews      1.77 
_exptl_crystal.density_diffrn        ? 
_exptl_crystal.density_meas          ? 
_exptl_crystal.density_meas_temp     ? 
_exptl_crystal.density_percent_sol   30.59 
_exptl_crystal.size_max              ? 
_exptl_crystal.size_mid              ? 
_exptl_crystal.size_min              ? 
_exptl_crystal.size_rad              ? 
_exptl_crystal.description           ? 
_exptl_crystal.F_000                 ? 
_exptl_crystal.preparation           ? 
# 
_exptl_crystal_grow.crystal_id      1 
_exptl_crystal_grow.method          'VAPOR DIFFUSION, SITTING DROP' 
_exptl_crystal_grow.pH              6.0 
_exptl_crystal_grow.temp            293 
_exptl_crystal_grow.pdbx_details    
'2.4M (NH4)2SO4, 0.1M citric acid, pH6.0, vapor diffusion, sitting drop, temperature 293K, VAPOR DIFFUSION, SITTING DROP' 
_exptl_crystal_grow.temp_details    ? 
_exptl_crystal_grow.pdbx_pH_range   . 
# 
_diffrn.id                     1 
_diffrn.ambient_temp           100 
_diffrn.ambient_temp_details   ? 
_diffrn.crystal_id             1 
# 
_diffrn_detector.diffrn_id              1 
_diffrn_detector.detector               CCD 
_diffrn_detector.type                   'BRUKER SMART 6000' 
_diffrn_detector.pdbx_collection_date   2008-08-22 
_diffrn_detector.details                'MULTI-LAYER INCOATEC OPTICS' 
# 
_diffrn_radiation.diffrn_id                        1 
_diffrn_radiation.pdbx_diffrn_protocol             'SINGLE WAVELENGTH' 
_diffrn_radiation.monochromator                    'MULTI-LAYER INCOATEC OPTICS' 
_diffrn_radiation.wavelength_id                    1 
_diffrn_radiation.pdbx_monochromatic_or_laue_m_l   M 
_diffrn_radiation.pdbx_scattering_type             x-ray 
# 
_diffrn_radiation_wavelength.id           1 
_diffrn_radiation_wavelength.wavelength   1.5418 
_diffrn_radiation_wavelength.wt           1.0 
# 
_diffrn_source.diffrn_id                   1 
_diffrn_source.source                      'ROTATING ANODE' 
_diffrn_source.type                        MACSCIENCE 
_diffrn_source.pdbx_wavelength_list        1.5418 
_diffrn_source.pdbx_synchrotron_beamline   ? 
_diffrn_source.pdbx_wavelength             ? 
_diffrn_source.pdbx_synchrotron_site       ? 
# 
_reflns.entry_id                     3GWH 
_reflns.observed_criterion_sigma_F   ? 
_reflns.observed_criterion_sigma_I   -3 
_reflns.d_resolution_high            1.95 
_reflns.d_resolution_low             35.98 
_reflns.number_all                   ? 
_reflns.number_obs                   12855 
_reflns.percent_possible_obs         99.6 
_reflns.pdbx_Rmerge_I_obs            0.0906 
_reflns.pdbx_Rsym_value              ? 
_reflns.pdbx_netI_over_sigmaI        20.21 
_reflns.B_iso_Wilson_estimate        ? 
_reflns.pdbx_redundancy              16.7 
_reflns.R_free_details               ? 
_reflns.limit_h_max                  ? 
_reflns.limit_h_min                  ? 
_reflns.limit_k_max                  ? 
_reflns.limit_k_min                  ? 
_reflns.limit_l_max                  ? 
_reflns.limit_l_min                  ? 
_reflns.observed_criterion_F_max     ? 
_reflns.observed_criterion_F_min     ? 
_reflns.pdbx_chi_squared             ? 
_reflns.pdbx_scaling_rejects         ? 
_reflns.pdbx_diffrn_id               1 
_reflns.pdbx_ordinal                 1 
# 
_reflns_shell.d_res_high             1.95 
_reflns_shell.d_res_low              2.04 
_reflns_shell.percent_possible_obs   ? 
_reflns_shell.percent_possible_all   96.8 
_reflns_shell.Rmerge_I_obs           ? 
_reflns_shell.meanI_over_sigI_obs    2.45 
_reflns_shell.pdbx_Rsym_value        ? 
_reflns_shell.pdbx_redundancy        1.75 
_reflns_shell.number_unique_all      1786 
_reflns_shell.number_measured_all    ? 
_reflns_shell.number_measured_obs    ? 
_reflns_shell.number_unique_obs      ? 
_reflns_shell.pdbx_chi_squared       ? 
_reflns_shell.pdbx_diffrn_id         ? 
_reflns_shell.pdbx_ordinal           1 
# 
_refine.entry_id                                 3GWH 
_refine.ls_d_res_high                            1.950 
_refine.ls_d_res_low                             35.98 
_refine.pdbx_ls_sigma_F                          0.00 
_refine.ls_percent_reflns_obs                    99.740 
_refine.ls_number_reflns_obs                     12832 
_refine.pdbx_ls_cross_valid_method               THROUGHOUT 
_refine.pdbx_R_Free_selection_details            RANDOM 
_refine.details                                  
;HYDROGENS HAVE BEEN ADDED IN THE RIDING POSITIONS, The data were non-merohedrally twinned. The twinning fraction was 0.729/0.271, The data were detwinned with twinabs for refinement.
The crystal was a two-component non-merohedral twin. 
The frames were indexed with CELL_NOW, integrated with SAINT and scaled with TWINABS 
(all programs from Bruker AXS) to obtain the merged intensities of the unique reflections 
from measurements of all 99947 reflections of domain 1, 
98274 reflections of domain 2 and 25843 reflections for which both domains overlapped.
;
_refine.ls_R_factor_obs                          0.198 
_refine.ls_R_factor_R_work                       0.195 
_refine.ls_wR_factor_R_work                      0.185 
_refine.ls_R_factor_R_free                       0.241 
_refine.ls_wR_factor_R_free                      0.229 
_refine.ls_percent_reflns_R_free                 4.900 
_refine.ls_number_reflns_R_free                  626 
_refine.B_iso_mean                               27.144 
_refine.aniso_B[1][1]                            -0.540 
_refine.aniso_B[2][2]                            -0.120 
_refine.aniso_B[3][3]                            0.200 
_refine.aniso_B[1][2]                            0.000 
_refine.aniso_B[1][3]                            -0.690 
_refine.aniso_B[2][3]                            0.000 
_refine.correlation_coeff_Fo_to_Fc               0.949 
_refine.correlation_coeff_Fo_to_Fc_free          0.940 
_refine.overall_SU_R_Cruickshank_DPI             0.214 
_refine.overall_SU_R_free                        0.177 
_refine.pdbx_overall_ESU_R                       0.214 
_refine.pdbx_overall_ESU_R_Free                  0.177 
_refine.overall_SU_ML                            0.133 
_refine.overall_SU_B                             4.629 
_refine.solvent_model_details                    'BABINET MODEL WITH MASK' 
_refine.pdbx_solvent_vdw_probe_radii             1.400 
_refine.pdbx_solvent_ion_probe_radii             0.800 
_refine.pdbx_solvent_shrinkage_radii             0.800 
_refine.pdbx_method_to_determine_struct          'AB INITIO' 
_refine.pdbx_stereochemistry_target_values       'MAXIMUM LIKELIHOOD' 
_refine.overall_FOM_work_R_set                   0.837 
_refine.B_iso_max                                59.60 
_refine.B_iso_min                                8.68 
_refine.occupancy_max                            1.00 
_refine.occupancy_min                            0.50 
_refine.pdbx_ls_sigma_I                          2 
_refine.ls_number_reflns_all                     24546 
_refine.ls_R_factor_all                          ? 
_refine.ls_redundancy_reflns_obs                 ? 
_refine.pdbx_data_cutoff_high_absF               ? 
_refine.pdbx_data_cutoff_low_absF                ? 
_refine.ls_number_parameters                     ? 
_refine.ls_number_restraints                     ? 
_refine.ls_R_factor_R_free_error                 ? 
_refine.ls_R_factor_R_free_error_details         ? 
_refine.pdbx_starting_model                      ? 
_refine.pdbx_stereochem_target_val_spec_case     ? 
_refine.solvent_model_param_bsol                 ? 
_refine.solvent_model_param_ksol                 ? 
_refine.pdbx_isotropic_thermal_model             ? 
_refine.pdbx_data_cutoff_high_rms_absF           ? 
_refine.overall_FOM_free_R_set                   ? 
_refine.pdbx_refine_id                           'X-RAY DIFFRACTION' 
_refine.pdbx_overall_phase_error                 ? 
_refine.pdbx_diffrn_id                           1 
_refine.pdbx_TLS_residual_ADP_flag               ? 
_refine.pdbx_overall_SU_R_free_Cruickshank_DPI   ? 
_refine.pdbx_overall_SU_R_Blow_DPI               ? 
_refine.pdbx_overall_SU_R_free_Blow_DPI          ? 
# 
_refine_hist.pdbx_refine_id                   'X-RAY DIFFRACTION' 
_refine_hist.cycle_id                         LAST 
_refine_hist.pdbx_number_atoms_protein        1641 
_refine_hist.pdbx_number_atoms_nucleic_acid   0 
_refine_hist.pdbx_number_atoms_ligand         10 
_refine_hist.number_atoms_solvent             29 
_refine_hist.number_atoms_total               1680 
_refine_hist.d_res_high                       1.950 
_refine_hist.d_res_low                        35.98 
# 
loop_
_refine_ls_restr.type 
_refine_ls_restr.number 
_refine_ls_restr.dev_ideal 
_refine_ls_restr.dev_ideal_target 
_refine_ls_restr.weight 
_refine_ls_restr.pdbx_refine_id 
_refine_ls_restr.pdbx_restraint_function 
r_bond_refined_d       1681 0.023  0.022  ? 'X-RAY DIFFRACTION' ? 
r_bond_other_d         1151 0.002  0.020  ? 'X-RAY DIFFRACTION' ? 
r_angle_refined_deg    2276 1.848  1.991  ? 'X-RAY DIFFRACTION' ? 
r_angle_other_deg      2842 1.058  3.000  ? 'X-RAY DIFFRACTION' ? 
r_dihedral_angle_1_deg 197  6.089  5.000  ? 'X-RAY DIFFRACTION' ? 
r_dihedral_angle_2_deg 72   34.456 24.722 ? 'X-RAY DIFFRACTION' ? 
r_dihedral_angle_3_deg 333  14.344 15.000 ? 'X-RAY DIFFRACTION' ? 
r_dihedral_angle_4_deg 8    18.730 15.000 ? 'X-RAY DIFFRACTION' ? 
r_chiral_restr         268  0.106  0.200  ? 'X-RAY DIFFRACTION' ? 
r_gen_planes_refined   1757 0.009  0.021  ? 'X-RAY DIFFRACTION' ? 
r_gen_planes_other     297  0.001  0.020  ? 'X-RAY DIFFRACTION' ? 
r_mcbond_it            1003 1.171  1.500  ? 'X-RAY DIFFRACTION' ? 
r_mcbond_other         386  0.320  1.500  ? 'X-RAY DIFFRACTION' ? 
r_mcangle_it           1640 2.172  2.000  ? 'X-RAY DIFFRACTION' ? 
r_scbond_it            678  3.297  3.000  ? 'X-RAY DIFFRACTION' ? 
r_scangle_it           636  5.476  4.500  ? 'X-RAY DIFFRACTION' ? 
# 
_refine_ls_shell.d_res_high                       1.945 
_refine_ls_shell.d_res_low                        1.996 
_refine_ls_shell.pdbx_total_number_of_bins_used   20 
_refine_ls_shell.percent_reflns_obs               97.580 
_refine_ls_shell.number_reflns_R_work             893 
_refine_ls_shell.R_factor_all                     ? 
_refine_ls_shell.R_factor_R_work                  0.254 
_refine_ls_shell.R_factor_R_free                  0.318 
_refine_ls_shell.percent_reflns_R_free            ? 
_refine_ls_shell.number_reflns_R_free             33 
_refine_ls_shell.R_factor_R_free_error            ? 
_refine_ls_shell.number_reflns_all                926 
_refine_ls_shell.number_reflns_obs                ? 
_refine_ls_shell.redundancy_reflns_obs            ? 
_refine_ls_shell.pdbx_refine_id                   'X-RAY DIFFRACTION' 
# 
_struct.entry_id                  3GWH 
_struct.title                     'Crystallographic Ab Initio protein solution far below atomic resolution' 
_struct.pdbx_model_details        ? 
_struct.pdbx_CASP_flag            ? 
_struct.pdbx_model_type_details   ? 
# 
_struct_keywords.entry_id        3GWH 
_struct_keywords.text            'extended helix bundle, Ab Initio, Structure solution, ARCIMBOLDO, PHASER, SHELXE, TRANSCRIPTION' 
_struct_keywords.pdbx_keywords   TRANSCRIPTION 
# 
loop_
_struct_asym.id 
_struct_asym.pdbx_blank_PDB_chainid_flag 
_struct_asym.pdbx_modified 
_struct_asym.entity_id 
_struct_asym.details 
A N N 1 ? 
B N N 1 ? 
C N N 2 ? 
D N N 2 ? 
E N N 3 ? 
F N N 3 ? 
# 
_struct_ref.id                         1 
_struct_ref.db_name                    UNP 
_struct_ref.db_code                    O31691_BACSU 
_struct_ref.pdbx_db_accession          O31691 
_struct_ref.entity_id                  1 
_struct_ref.pdbx_seq_one_letter_code   
;RPLSEVNQHSQLMAQLVEVIEDSFQMKVNKESVNYLRLIRHIRFTIERIKKEEPTKEPEKLMLLLKNEYPLCYNTAWKLI
KILQQTLKKPVHEAEAVYLTLHLIPINQ
;
_struct_ref.pdbx_align_begin           178 
_struct_ref.pdbx_db_isoform            ? 
# 
loop_
_struct_ref_seq.align_id 
_struct_ref_seq.ref_id 
_struct_ref_seq.pdbx_PDB_id_code 
_struct_ref_seq.pdbx_strand_id 
_struct_ref_seq.seq_align_beg 
_struct_ref_seq.pdbx_seq_align_beg_ins_code 
_struct_ref_seq.seq_align_end 
_struct_ref_seq.pdbx_seq_align_end_ins_code 
_struct_ref_seq.pdbx_db_accession 
_struct_ref_seq.db_align_beg 
_struct_ref_seq.pdbx_db_align_beg_ins_code 
_struct_ref_seq.db_align_end 
_struct_ref_seq.pdbx_db_align_end_ins_code 
_struct_ref_seq.pdbx_auth_seq_align_beg 
_struct_ref_seq.pdbx_auth_seq_align_end 
1 1 3GWH A 4 ? 111 ? O31691 178 ? 285 ? 4 111 
2 1 3GWH B 4 ? 111 ? O31691 178 ? 285 ? 4 111 
# 
loop_
_struct_ref_seq_dif.align_id 
_struct_ref_seq_dif.pdbx_pdb_id_code 
_struct_ref_seq_dif.mon_id 
_struct_ref_seq_dif.pdbx_pdb_strand_id 
_struct_ref_seq_dif.seq_num 
_struct_ref_seq_dif.pdbx_pdb_ins_code 
_struct_ref_seq_dif.pdbx_seq_db_name 
_struct_ref_seq_dif.pdbx_seq_db_accession_code 
_struct_ref_seq_dif.db_mon_id 
_struct_ref_seq_dif.pdbx_seq_db_seq_num 
_struct_ref_seq_dif.details 
_struct_ref_seq_dif.pdbx_auth_seq_num 
_struct_ref_seq_dif.pdbx_ordinal 
1 3GWH GLY A 1 ? UNP O31691 ? ? 'expression tag' 1 1 
1 3GWH SER A 2 ? UNP O31691 ? ? 'expression tag' 2 2 
1 3GWH LEU A 3 ? UNP O31691 ? ? 'expression tag' 3 3 
2 3GWH GLY B 1 ? UNP O31691 ? ? 'expression tag' 1 4 
2 3GWH SER B 2 ? UNP O31691 ? ? 'expression tag' 2 5 
2 3GWH LEU B 3 ? UNP O31691 ? ? 'expression tag' 3 6 
# 
_pdbx_struct_assembly.id                   1 
_pdbx_struct_assembly.details              author_and_software_defined_assembly 
_pdbx_struct_assembly.method_details       PISA 
_pdbx_struct_assembly.oligomeric_details   dimeric 
_pdbx_struct_assembly.oligomeric_count     2 
# 
loop_
_pdbx_struct_assembly_prop.biol_id 
_pdbx_struct_assembly_prop.type 
_pdbx_struct_assembly_prop.value 
_pdbx_struct_assembly_prop.details 
1 'ABSA (A^2)' 5760  ? 
1 MORE         -64   ? 
1 'SSA (A^2)'  10860 ? 
# 
_pdbx_struct_assembly_gen.assembly_id       1 
_pdbx_struct_assembly_gen.oper_expression   1 
_pdbx_struct_assembly_gen.asym_id_list      A,B,C,D,E,F 
# 
_pdbx_struct_oper_list.id                   1 
_pdbx_struct_oper_list.type                 'identity operation' 
_pdbx_struct_oper_list.name                 1_555 
_pdbx_struct_oper_list.symmetry_operation   x,y,z 
_pdbx_struct_oper_list.matrix[1][1]         1.0000000000 
_pdbx_struct_oper_list.matrix[1][2]         0.0000000000 
_pdbx_struct_oper_list.matrix[1][3]         0.0000000000 
_pdbx_struct_oper_list.vector[1]            0.0000000000 
_pdbx_struct_oper_list.matrix[2][1]         0.0000000000 
_pdbx_struct_oper_list.matrix[2][2]         1.0000000000 
_pdbx_struct_oper_list.matrix[2][3]         0.0000000000 
_pdbx_struct_oper_list.vector[2]            0.0000000000 
_pdbx_struct_oper_list.matrix[3][1]         0.0000000000 
_pdbx_struct_oper_list.matrix[3][2]         0.0000000000 
_pdbx_struct_oper_list.matrix[3][3]         1.0000000000 
_pdbx_struct_oper_list.vector[3]            0.0000000000 
# 
_struct_biol.id        1 
_struct_biol.details   ? 
# 
loop_
_struct_conf.conf_type_id 
_struct_conf.id 
_struct_conf.pdbx_PDB_helix_id 
_struct_conf.beg_label_comp_id 
_struct_conf.beg_label_asym_id 
_struct_conf.beg_label_seq_id 
_struct_conf.pdbx_beg_PDB_ins_code 
_struct_conf.end_label_comp_id 
_struct_conf.end_label_asym_id 
_struct_conf.end_label_seq_id 
_struct_conf.pdbx_end_PDB_ins_code 
_struct_conf.beg_auth_comp_id 
_struct_conf.beg_auth_asym_id 
_struct_conf.beg_auth_seq_id 
_struct_conf.end_auth_comp_id 
_struct_conf.end_auth_asym_id 
_struct_conf.end_auth_seq_id 
_struct_conf.pdbx_PDB_helix_class 
_struct_conf.details 
_struct_conf.pdbx_PDB_helix_length 
HELX_P HELX_P1  1  HIS A 12 ? GLN A 28  ? HIS A 12 GLN A 28  1 ? 17 
HELX_P HELX_P2  2  SER A 35 ? LYS A 54  ? SER A 35 LYS A 54  1 ? 20 
HELX_P HELX_P3  3  PRO A 61 ? TYR A 72  ? PRO A 61 TYR A 72  1 ? 12 
HELX_P HELX_P4  4  TYR A 72 ? LYS A 91  ? TYR A 72 LYS A 91  1 ? 20 
HELX_P HELX_P5  5  GLU A 96 ? ILE A 107 ? GLU A 96 ILE A 107 1 ? 12 
HELX_P HELX_P6  6  HIS B 12 ? GLN B 28  ? HIS B 12 GLN B 28  1 ? 17 
HELX_P HELX_P7  7  SER B 35 ? LYS B 54  ? SER B 35 LYS B 54  1 ? 20 
HELX_P HELX_P8  8  LYS B 59 ? TYR B 72  ? LYS B 59 TYR B 72  1 ? 14 
HELX_P HELX_P9  9  TYR B 72 ? LYS B 91  ? TYR B 72 LYS B 91  1 ? 20 
HELX_P HELX_P10 10 HIS B 95 ? GLN B 111 ? HIS B 95 GLN B 111 1 ? 17 
# 
_struct_conf_type.id          HELX_P 
_struct_conf_type.criteria    ? 
_struct_conf_type.reference   ? 
# 
loop_
_struct_site.id 
_struct_site.pdbx_evidence_code 
_struct_site.pdbx_auth_asym_id 
_struct_site.pdbx_auth_comp_id 
_struct_site.pdbx_auth_seq_id 
_struct_site.pdbx_auth_ins_code 
_struct_site.pdbx_num_residues 
_struct_site.details 
AC1 Software A PO4 112 ? 6 'BINDING SITE FOR RESIDUE PO4 A 112' 
AC2 Software B PO4 112 ? 6 'BINDING SITE FOR RESIDUE PO4 B 112' 
# 
loop_
_struct_site_gen.id 
_struct_site_gen.site_id 
_struct_site_gen.pdbx_num_res 
_struct_site_gen.label_comp_id 
_struct_site_gen.label_asym_id 
_struct_site_gen.label_seq_id 
_struct_site_gen.pdbx_auth_ins_code 
_struct_site_gen.auth_comp_id 
_struct_site_gen.auth_asym_id 
_struct_site_gen.auth_seq_id 
_struct_site_gen.label_atom_id 
_struct_site_gen.label_alt_id 
_struct_site_gen.symmetry 
_struct_site_gen.details 
1  AC1 6 ASN A 32  ? ASN A 32  . ? 1_555 ? 
2  AC1 6 SER A 35  ? SER A 35  . ? 1_555 ? 
3  AC1 6 ASN A 37  ? ASN A 37  . ? 1_555 ? 
4  AC1 6 HOH E .   ? HOH A 115 . ? 1_555 ? 
5  AC1 6 PHE B 47  ? PHE B 47  . ? 1_556 ? 
6  AC1 6 ILE B 109 ? ILE B 109 . ? 1_555 ? 
7  AC2 6 GLU A 34  ? GLU A 34  . ? 1_554 ? 
8  AC2 6 HIS A 105 ? HIS A 105 . ? 1_555 ? 
9  AC2 6 HIS B 44  ? HIS B 44  . ? 1_555 ? 
10 AC2 6 PHE B 47  ? PHE B 47  . ? 1_555 ? 
11 AC2 6 ARG B 51  ? ARG B 51  . ? 1_555 ? 
12 AC2 6 LYS B 63  ? LYS B 63  . ? 1_555 ? 
# 
_pdbx_validate_close_contact.id               1 
_pdbx_validate_close_contact.PDB_model_num    1 
_pdbx_validate_close_contact.auth_atom_id_1   NH1 
_pdbx_validate_close_contact.auth_asym_id_1   A 
_pdbx_validate_close_contact.auth_comp_id_1   ARG 
_pdbx_validate_close_contact.auth_seq_id_1    51 
_pdbx_validate_close_contact.PDB_ins_code_1   ? 
_pdbx_validate_close_contact.label_alt_id_1   ? 
_pdbx_validate_close_contact.auth_atom_id_2   OE2 
_pdbx_validate_close_contact.auth_asym_id_2   B 
_pdbx_validate_close_contact.auth_comp_id_2   GLU 
_pdbx_validate_close_contact.auth_seq_id_2    98 
_pdbx_validate_close_contact.PDB_ins_code_2   ? 
_pdbx_validate_close_contact.label_alt_id_2   ? 
_pdbx_validate_close_contact.dist             2.13 
# 
_pdbx_validate_symm_contact.id                1 
_pdbx_validate_symm_contact.PDB_model_num     1 
_pdbx_validate_symm_contact.auth_atom_id_1    NH1 
_pdbx_validate_symm_contact.auth_asym_id_1    A 
_pdbx_validate_symm_contact.auth_comp_id_1    ARG 
_pdbx_validate_symm_contact.auth_seq_id_1     43 
_pdbx_validate_symm_contact.PDB_ins_code_1    ? 
_pdbx_validate_symm_contact.label_alt_id_1    ? 
_pdbx_validate_symm_contact.site_symmetry_1   1_555 
_pdbx_validate_symm_contact.auth_atom_id_2    OE2 
_pdbx_validate_symm_contact.auth_asym_id_2    B 
_pdbx_validate_symm_contact.auth_comp_id_2    GLU 
_pdbx_validate_symm_contact.auth_seq_id_2     56 
_pdbx_validate_symm_contact.PDB_ins_code_2    ? 
_pdbx_validate_symm_contact.label_alt_id_2    ? 
_pdbx_validate_symm_contact.site_symmetry_2   1_556 
_pdbx_validate_symm_contact.dist              2.07 
# 
loop_
_pdbx_validate_torsion.id 
_pdbx_validate_torsion.PDB_model_num 
_pdbx_validate_torsion.auth_comp_id 
_pdbx_validate_torsion.auth_asym_id 
_pdbx_validate_torsion.auth_seq_id 
_pdbx_validate_torsion.PDB_ins_code 
_pdbx_validate_torsion.label_alt_id 
_pdbx_validate_torsion.phi 
_pdbx_validate_torsion.psi 
1 1 PRO A 61 ? ? -113.01 -80.08 
2 1 GLU B 34 ? ? -117.55 63.51  
# 
loop_
_pdbx_unobs_or_zero_occ_residues.id 
_pdbx_unobs_or_zero_occ_residues.PDB_model_num 
_pdbx_unobs_or_zero_occ_residues.polymer_flag 
_pdbx_unobs_or_zero_occ_residues.occupancy_flag 
_pdbx_unobs_or_zero_occ_residues.auth_asym_id 
_pdbx_unobs_or_zero_occ_residues.auth_comp_id 
_pdbx_unobs_or_zero_occ_residues.auth_seq_id 
_pdbx_unobs_or_zero_occ_residues.PDB_ins_code 
_pdbx_unobs_or_zero_occ_residues.label_asym_id 
_pdbx_unobs_or_zero_occ_residues.label_comp_id 
_pdbx_unobs_or_zero_occ_residues.label_seq_id 
1  1 Y 1 A GLY 1   ? A GLY 1   
2  1 Y 1 A SER 2   ? A SER 2   
3  1 Y 1 A LEU 3   ? A LEU 3   
4  1 Y 1 A ARG 4   ? A ARG 4   
5  1 Y 1 A PRO 5   ? A PRO 5   
6  1 Y 1 A LEU 6   ? A LEU 6   
7  1 Y 1 A SER 7   ? A SER 7   
8  1 Y 1 A GLU 8   ? A GLU 8   
9  1 Y 1 A VAL 9   ? A VAL 9   
10 1 Y 1 A ASN 10  ? A ASN 10  
11 1 Y 1 A GLN 11  ? A GLN 11  
12 1 Y 1 A ASN 110 ? A ASN 110 
13 1 Y 1 A GLN 111 ? A GLN 111 
14 1 Y 1 B GLY 1   ? B GLY 1   
15 1 Y 1 B SER 2   ? B SER 2   
16 1 Y 1 B LEU 3   ? B LEU 3   
17 1 Y 1 B ARG 4   ? B ARG 4   
18 1 Y 1 B PRO 5   ? B PRO 5   
19 1 Y 1 B LEU 6   ? B LEU 6   
20 1 Y 1 B SER 7   ? B SER 7   
21 1 Y 1 B GLU 8   ? B GLU 8   
22 1 Y 1 B VAL 9   ? B VAL 9   
23 1 Y 1 B ASN 10  ? B ASN 10  
# 
loop_
_chem_comp_atom.comp_id 
_chem_comp_atom.atom_id 
_chem_comp_atom.type_symbol 
_chem_comp_atom.pdbx_aromatic_flag 
_chem_comp_atom.pdbx_stereo_config 
_chem_comp_atom.pdbx_ordinal 
ALA N    N N N 1   
ALA CA   C N S 2   
ALA C    C N N 3   
ALA O    O N N 4   
ALA CB   C N N 5   
ALA OXT  O N N 6   
ALA H    H N N 7   
ALA H2   H N N 8   
ALA HA   H N N 9   
ALA HB1  H N N 10  
ALA HB2  H N N 11  
ALA HB3  H N N 12  
ALA HXT  H N N 13  
ARG N    N N N 14  
ARG CA   C N S 15  
ARG C    C N N 16  
ARG O    O N N 17  
ARG CB   C N N 18  
ARG CG   C N N 19  
ARG CD   C N N 20  
ARG NE   N N N 21  
ARG CZ   C N N 22  
ARG NH1  N N N 23  
ARG NH2  N N N 24  
ARG OXT  O N N 25  
ARG H    H N N 26  
ARG H2   H N N 27  
ARG HA   H N N 28  
ARG HB2  H N N 29  
ARG HB3  H N N 30  
ARG HG2  H N N 31  
ARG HG3  H N N 32  
ARG HD2  H N N 33  
ARG HD3  H N N 34  
ARG HE   H N N 35  
ARG HH11 H N N 36  
ARG HH12 H N N 37  
ARG HH21 H N N 38  
ARG HH22 H N N 39  
ARG HXT  H N N 40  
ASN N    N N N 41  
ASN CA   C N S 42  
ASN C    C N N 43  
ASN O    O N N 44  
ASN CB   C N N 45  
ASN CG   C N N 46  
ASN OD1  O N N 47  
ASN ND2  N N N 48  
ASN OXT  O N N 49  
ASN H    H N N 50  
ASN H2   H N N 51  
ASN HA   H N N 52  
ASN HB2  H N N 53  
ASN HB3  H N N 54  
ASN HD21 H N N 55  
ASN HD22 H N N 56  
ASN HXT  H N N 57  
ASP N    N N N 58  
ASP CA   C N S 59  
ASP C    C N N 60  
ASP O    O N N 61  
ASP CB   C N N 62  
ASP CG   C N N 63  
ASP OD1  O N N 64  
ASP OD2  O N N 65  
ASP OXT  O N N 66  
ASP H    H N N 67  
ASP H2   H N N 68  
ASP HA   H N N 69  
ASP HB2  H N N 70  
ASP HB3  H N N 71  
ASP HD2  H N N 72  
ASP HXT  H N N 73  
CYS N    N N N 74  
CYS CA   C N R 75  
CYS C    C N N 76  
CYS O    O N N 77  
CYS CB   C N N 78  
CYS SG   S N N 79  
CYS OXT  O N N 80  
CYS H    H N N 81  
CYS H2   H N N 82  
CYS HA   H N N 83  
CYS HB2  H N N 84  
CYS HB3  H N N 85  
CYS HG   H N N 86  
CYS HXT  H N N 87  
GLN N    N N N 88  
GLN CA   C N S 89  
GLN C    C N N 90  
GLN O    O N N 91  
GLN CB   C N N 92  
GLN CG   C N N 93  
GLN CD   C N N 94  
GLN OE1  O N N 95  
GLN NE2  N N N 96  
GLN OXT  O N N 97  
GLN H    H N N 98  
GLN H2   H N N 99  
GLN HA   H N N 100 
GLN HB2  H N N 101 
GLN HB3  H N N 102 
GLN HG2  H N N 103 
GLN HG3  H N N 104 
GLN HE21 H N N 105 
GLN HE22 H N N 106 
GLN HXT  H N N 107 
GLU N    N N N 108 
GLU CA   C N S 109 
GLU C    C N N 110 
GLU O    O N N 111 
GLU CB   C N N 112 
GLU CG   C N N 113 
GLU CD   C N N 114 
GLU OE1  O N N 115 
GLU OE2  O N N 116 
GLU OXT  O N N 117 
GLU H    H N N 118 
GLU H2   H N N 119 
GLU HA   H N N 120 
GLU HB2  H N N 121 
GLU HB3  H N N 122 
GLU HG2  H N N 123 
GLU HG3  H N N 124 
GLU HE2  H N N 125 
GLU HXT  H N N 126 
GLY N    N N N 127 
GLY CA   C N N 128 
GLY C    C N N 129 
GLY O    O N N 130 
GLY OXT  O N N 131 
GLY H    H N N 132 
GLY H2   H N N 133 
GLY HA2  H N N 134 
GLY HA3  H N N 135 
GLY HXT  H N N 136 
HIS N    N N N 137 
HIS CA   C N S 138 
HIS C    C N N 139 
HIS O    O N N 140 
HIS CB   C N N 141 
HIS CG   C Y N 142 
HIS ND1  N Y N 143 
HIS CD2  C Y N 144 
HIS CE1  C Y N 145 
HIS NE2  N Y N 146 
HIS OXT  O N N 147 
HIS H    H N N 148 
HIS H2   H N N 149 
HIS HA   H N N 150 
HIS HB2  H N N 151 
HIS HB3  H N N 152 
HIS HD1  H N N 153 
HIS HD2  H N N 154 
HIS HE1  H N N 155 
HIS HE2  H N N 156 
HIS HXT  H N N 157 
HOH O    O N N 158 
HOH H1   H N N 159 
HOH H2   H N N 160 
ILE N    N N N 161 
ILE CA   C N S 162 
ILE C    C N N 163 
ILE O    O N N 164 
ILE CB   C N S 165 
ILE CG1  C N N 166 
ILE CG2  C N N 167 
ILE CD1  C N N 168 
ILE OXT  O N N 169 
ILE H    H N N 170 
ILE H2   H N N 171 
ILE HA   H N N 172 
ILE HB   H N N 173 
ILE HG12 H N N 174 
ILE HG13 H N N 175 
ILE HG21 H N N 176 
ILE HG22 H N N 177 
ILE HG23 H N N 178 
ILE HD11 H N N 179 
ILE HD12 H N N 180 
ILE HD13 H N N 181 
ILE HXT  H N N 182 
LEU N    N N N 183 
LEU CA   C N S 184 
LEU C    C N N 185 
LEU O    O N N 186 
LEU CB   C N N 187 
LEU CG   C N N 188 
LEU CD1  C N N 189 
LEU CD2  C N N 190 
LEU OXT  O N N 191 
LEU H    H N N 192 
LEU H2   H N N 193 
LEU HA   H N N 194 
LEU HB2  H N N 195 
LEU HB3  H N N 196 
LEU HG   H N N 197 
LEU HD11 H N N 198 
LEU HD12 H N N 199 
LEU HD13 H N N 200 
LEU HD21 H N N 201 
LEU HD22 H N N 202 
LEU HD23 H N N 203 
LEU HXT  H N N 204 
LYS N    N N N 205 
LYS CA   C N S 206 
LYS C    C N N 207 
LYS O    O N N 208 
LYS CB   C N N 209 
LYS CG   C N N 210 
LYS CD   C N N 211 
LYS CE   C N N 212 
LYS NZ   N N N 213 
LYS OXT  O N N 214 
LYS H    H N N 215 
LYS H2   H N N 216 
LYS HA   H N N 217 
LYS HB2  H N N 218 
LYS HB3  H N N 219 
LYS HG2  H N N 220 
LYS HG3  H N N 221 
LYS HD2  H N N 222 
LYS HD3  H N N 223 
LYS HE2  H N N 224 
LYS HE3  H N N 225 
LYS HZ1  H N N 226 
LYS HZ2  H N N 227 
LYS HZ3  H N N 228 
LYS HXT  H N N 229 
MET N    N N N 230 
MET CA   C N S 231 
MET C    C N N 232 
MET O    O N N 233 
MET CB   C N N 234 
MET CG   C N N 235 
MET SD   S N N 236 
MET CE   C N N 237 
MET OXT  O N N 238 
MET H    H N N 239 
MET H2   H N N 240 
MET HA   H N N 241 
MET HB2  H N N 242 
MET HB3  H N N 243 
MET HG2  H N N 244 
MET HG3  H N N 245 
MET HE1  H N N 246 
MET HE2  H N N 247 
MET HE3  H N N 248 
MET HXT  H N N 249 
PHE N    N N N 250 
PHE CA   C N S 251 
PHE C    C N N 252 
PHE O    O N N 253 
PHE CB   C N N 254 
PHE CG   C Y N 255 
PHE CD1  C Y N 256 
PHE CD2  C Y N 257 
PHE CE1  C Y N 258 
PHE CE2  C Y N 259 
PHE CZ   C Y N 260 
PHE OXT  O N N 261 
PHE H    H N N 262 
PHE H2   H N N 263 
PHE HA   H N N 264 
PHE HB2  H N N 265 
PHE HB3  H N N 266 
PHE HD1  H N N 267 
PHE HD2  H N N 268 
PHE HE1  H N N 269 
PHE HE2  H N N 270 
PHE HZ   H N N 271 
PHE HXT  H N N 272 
PO4 P    P N N 273 
PO4 O1   O N N 274 
PO4 O2   O N N 275 
PO4 O3   O N N 276 
PO4 O4   O N N 277 
PRO N    N N N 278 
PRO CA   C N S 279 
PRO C    C N N 280 
PRO O    O N N 281 
PRO CB   C N N 282 
PRO CG   C N N 283 
PRO CD   C N N 284 
PRO OXT  O N N 285 
PRO H    H N N 286 
PRO HA   H N N 287 
PRO HB2  H N N 288 
PRO HB3  H N N 289 
PRO HG2  H N N 290 
PRO HG3  H N N 291 
PRO HD2  H N N 292 
PRO HD3  H N N 293 
PRO HXT  H N N 294 
SER N    N N N 295 
SER CA   C N S 296 
SER C    C N N 297 
SER O    O N N 298 
SER CB   C N N 299 
SER OG   O N N 300 
SER OXT  O N N 301 
SER H    H N N 302 
SER H2   H N N 303 
SER HA   H N N 304 
SER HB2  H N N 305 
SER HB3  H N N 306 
SER HG   H N N 307 
SER HXT  H N N 308 
THR N    N N N 309 
THR CA   C N S 310 
THR C    C N N 311 
THR O    O N N 312 
THR CB   C N R 313 
THR OG1  O N N 314 
THR CG2  C N N 315 
THR OXT  O N N 316 
THR H    H N N 317 
THR H2   H N N 318 
THR HA   H N N 319 
THR HB   H N N 320 
THR HG1  H N N 321 
THR HG21 H N N 322 
THR HG22 H N N 323 
THR HG23 H N N 324 
THR HXT  H N N 325 
TRP N    N N N 326 
TRP CA   C N S 327 
TRP C    C N N 328 
TRP O    O N N 329 
TRP CB   C N N 330 
TRP CG   C Y N 331 
TRP CD1  C Y N 332 
TRP CD2  C Y N 333 
TRP NE1  N Y N 334 
TRP CE2  C Y N 335 
TRP CE3  C Y N 336 
TRP CZ2  C Y N 337 
TRP CZ3  C Y N 338 
TRP CH2  C Y N 339 
TRP OXT  O N N 340 
TRP H    H N N 341 
TRP H2   H N N 342 
TRP HA   H N N 343 
TRP HB2  H N N 344 
TRP HB3  H N N 345 
TRP HD1  H N N 346 
TRP HE1  H N N 347 
TRP HE3  H N N 348 
TRP HZ2  H N N 349 
TRP HZ3  H N N 350 
TRP HH2  H N N 351 
TRP HXT  H N N 352 
TYR N    N N N 353 
TYR CA   C N S 354 
TYR C    C N N 355 
TYR O    O N N 356 
TYR CB   C N N 357 
TYR CG   C Y N 358 
TYR CD1  C Y N 359 
TYR CD2  C Y N 360 
TYR CE1  C Y N 361 
TYR CE2  C Y N 362 
TYR CZ   C Y N 363 
TYR OH   O N N 364 
TYR OXT  O N N 365 
TYR H    H N N 366 
TYR H2   H N N 367 
TYR HA   H N N 368 
TYR HB2  H N N 369 
TYR HB3  H N N 370 
TYR HD1  H N N 371 
TYR HD2  H N N 372 
TYR HE1  H N N 373 
TYR HE2  H N N 374 
TYR HH   H N N 375 
TYR HXT  H N N 376 
VAL N    N N N 377 
VAL CA   C N S 378 
VAL C    C N N 379 
VAL O    O N N 380 
VAL CB   C N N 381 
VAL CG1  C N N 382 
VAL CG2  C N N 383 
VAL OXT  O N N 384 
VAL H    H N N 385 
VAL H2   H N N 386 
VAL HA   H N N 387 
VAL HB   H N N 388 
VAL HG11 H N N 389 
VAL HG12 H N N 390 
VAL HG13 H N N 391 
VAL HG21 H N N 392 
VAL HG22 H N N 393 
VAL HG23 H N N 394 
VAL HXT  H N N 395 
# 
loop_
_chem_comp_bond.comp_id 
_chem_comp_bond.atom_id_1 
_chem_comp_bond.atom_id_2 
_chem_comp_bond.value_order 
_chem_comp_bond.pdbx_aromatic_flag 
_chem_comp_bond.pdbx_stereo_config 
_chem_comp_bond.pdbx_ordinal 
ALA N   CA   sing N N 1   
ALA N   H    sing N N 2   
ALA N   H2   sing N N 3   
ALA CA  C    sing N N 4   
ALA CA  CB   sing N N 5   
ALA CA  HA   sing N N 6   
ALA C   O    doub N N 7   
ALA C   OXT  sing N N 8   
ALA CB  HB1  sing N N 9   
ALA CB  HB2  sing N N 10  
ALA CB  HB3  sing N N 11  
ALA OXT HXT  sing N N 12  
ARG N   CA   sing N N 13  
ARG N   H    sing N N 14  
ARG N   H2   sing N N 15  
ARG CA  C    sing N N 16  
ARG CA  CB   sing N N 17  
ARG CA  HA   sing N N 18  
ARG C   O    doub N N 19  
ARG C   OXT  sing N N 20  
ARG CB  CG   sing N N 21  
ARG CB  HB2  sing N N 22  
ARG CB  HB3  sing N N 23  
ARG CG  CD   sing N N 24  
ARG CG  HG2  sing N N 25  
ARG CG  HG3  sing N N 26  
ARG CD  NE   sing N N 27  
ARG CD  HD2  sing N N 28  
ARG CD  HD3  sing N N 29  
ARG NE  CZ   sing N N 30  
ARG NE  HE   sing N N 31  
ARG CZ  NH1  sing N N 32  
ARG CZ  NH2  doub N N 33  
ARG NH1 HH11 sing N N 34  
ARG NH1 HH12 sing N N 35  
ARG NH2 HH21 sing N N 36  
ARG NH2 HH22 sing N N 37  
ARG OXT HXT  sing N N 38  
ASN N   CA   sing N N 39  
ASN N   H    sing N N 40  
ASN N   H2   sing N N 41  
ASN CA  C    sing N N 42  
ASN CA  CB   sing N N 43  
ASN CA  HA   sing N N 44  
ASN C   O    doub N N 45  
ASN C   OXT  sing N N 46  
ASN CB  CG   sing N N 47  
ASN CB  HB2  sing N N 48  
ASN CB  HB3  sing N N 49  
ASN CG  OD1  doub N N 50  
ASN CG  ND2  sing N N 51  
ASN ND2 HD21 sing N N 52  
ASN ND2 HD22 sing N N 53  
ASN OXT HXT  sing N N 54  
ASP N   CA   sing N N 55  
ASP N   H    sing N N 56  
ASP N   H2   sing N N 57  
ASP CA  C    sing N N 58  
ASP CA  CB   sing N N 59  
ASP CA  HA   sing N N 60  
ASP C   O    doub N N 61  
ASP C   OXT  sing N N 62  
ASP CB  CG   sing N N 63  
ASP CB  HB2  sing N N 64  
ASP CB  HB3  sing N N 65  
ASP CG  OD1  doub N N 66  
ASP CG  OD2  sing N N 67  
ASP OD2 HD2  sing N N 68  
ASP OXT HXT  sing N N 69  
CYS N   CA   sing N N 70  
CYS N   H    sing N N 71  
CYS N   H2   sing N N 72  
CYS CA  C    sing N N 73  
CYS CA  CB   sing N N 74  
CYS CA  HA   sing N N 75  
CYS C   O    doub N N 76  
CYS C   OXT  sing N N 77  
CYS CB  SG   sing N N 78  
CYS CB  HB2  sing N N 79  
CYS CB  HB3  sing N N 80  
CYS SG  HG   sing N N 81  
CYS OXT HXT  sing N N 82  
GLN N   CA   sing N N 83  
GLN N   H    sing N N 84  
GLN N   H2   sing N N 85  
GLN CA  C    sing N N 86  
GLN CA  CB   sing N N 87  
GLN CA  HA   sing N N 88  
GLN C   O    doub N N 89  
GLN C   OXT  sing N N 90  
GLN CB  CG   sing N N 91  
GLN CB  HB2  sing N N 92  
GLN CB  HB3  sing N N 93  
GLN CG  CD   sing N N 94  
GLN CG  HG2  sing N N 95  
GLN CG  HG3  sing N N 96  
GLN CD  OE1  doub N N 97  
GLN CD  NE2  sing N N 98  
GLN NE2 HE21 sing N N 99  
GLN NE2 HE22 sing N N 100 
GLN OXT HXT  sing N N 101 
GLU N   CA   sing N N 102 
GLU N   H    sing N N 103 
GLU N   H2   sing N N 104 
GLU CA  C    sing N N 105 
GLU CA  CB   sing N N 106 
GLU CA  HA   sing N N 107 
GLU C   O    doub N N 108 
GLU C   OXT  sing N N 109 
GLU CB  CG   sing N N 110 
GLU CB  HB2  sing N N 111 
GLU CB  HB3  sing N N 112 
GLU CG  CD   sing N N 113 
GLU CG  HG2  sing N N 114 
GLU CG  HG3  sing N N 115 
GLU CD  OE1  doub N N 116 
GLU CD  OE2  sing N N 117 
GLU OE2 HE2  sing N N 118 
GLU OXT HXT  sing N N 119 
GLY N   CA   sing N N 120 
GLY N   H    sing N N 121 
GLY N   H2   sing N N 122 
GLY CA  C    sing N N 123 
GLY CA  HA2  sing N N 124 
GLY CA  HA3  sing N N 125 
GLY C   O    doub N N 126 
GLY C   OXT  sing N N 127 
GLY OXT HXT  sing N N 128 
HIS N   CA   sing N N 129 
HIS N   H    sing N N 130 
HIS N   H2   sing N N 131 
HIS CA  C    sing N N 132 
HIS CA  CB   sing N N 133 
HIS CA  HA   sing N N 134 
HIS C   O    doub N N 135 
HIS C   OXT  sing N N 136 
HIS CB  CG   sing N N 137 
HIS CB  HB2  sing N N 138 
HIS CB  HB3  sing N N 139 
HIS CG  ND1  sing Y N 140 
HIS CG  CD2  doub Y N 141 
HIS ND1 CE1  doub Y N 142 
HIS ND1 HD1  sing N N 143 
HIS CD2 NE2  sing Y N 144 
HIS CD2 HD2  sing N N 145 
HIS CE1 NE2  sing Y N 146 
HIS CE1 HE1  sing N N 147 
HIS NE2 HE2  sing N N 148 
HIS OXT HXT  sing N N 149 
HOH O   H1   sing N N 150 
HOH O   H2   sing N N 151 
ILE N   CA   sing N N 152 
ILE N   H    sing N N 153 
ILE N   H2   sing N N 154 
ILE CA  C    sing N N 155 
ILE CA  CB   sing N N 156 
ILE CA  HA   sing N N 157 
ILE C   O    doub N N 158 
ILE C   OXT  sing N N 159 
ILE CB  CG1  sing N N 160 
ILE CB  CG2  sing N N 161 
ILE CB  HB   sing N N 162 
ILE CG1 CD1  sing N N 163 
ILE CG1 HG12 sing N N 164 
ILE CG1 HG13 sing N N 165 
ILE CG2 HG21 sing N N 166 
ILE CG2 HG22 sing N N 167 
ILE CG2 HG23 sing N N 168 
ILE CD1 HD11 sing N N 169 
ILE CD1 HD12 sing N N 170 
ILE CD1 HD13 sing N N 171 
ILE OXT HXT  sing N N 172 
LEU N   CA   sing N N 173 
LEU N   H    sing N N 174 
LEU N   H2   sing N N 175 
LEU CA  C    sing N N 176 
LEU CA  CB   sing N N 177 
LEU CA  HA   sing N N 178 
LEU C   O    doub N N 179 
LEU C   OXT  sing N N 180 
LEU CB  CG   sing N N 181 
LEU CB  HB2  sing N N 182 
LEU CB  HB3  sing N N 183 
LEU CG  CD1  sing N N 184 
LEU CG  CD2  sing N N 185 
LEU CG  HG   sing N N 186 
LEU CD1 HD11 sing N N 187 
LEU CD1 HD12 sing N N 188 
LEU CD1 HD13 sing N N 189 
LEU CD2 HD21 sing N N 190 
LEU CD2 HD22 sing N N 191 
LEU CD2 HD23 sing N N 192 
LEU OXT HXT  sing N N 193 
LYS N   CA   sing N N 194 
LYS N   H    sing N N 195 
LYS N   H2   sing N N 196 
LYS CA  C    sing N N 197 
LYS CA  CB   sing N N 198 
LYS CA  HA   sing N N 199 
LYS C   O    doub N N 200 
LYS C   OXT  sing N N 201 
LYS CB  CG   sing N N 202 
LYS CB  HB2  sing N N 203 
LYS CB  HB3  sing N N 204 
LYS CG  CD   sing N N 205 
LYS CG  HG2  sing N N 206 
LYS CG  HG3  sing N N 207 
LYS CD  CE   sing N N 208 
LYS CD  HD2  sing N N 209 
LYS CD  HD3  sing N N 210 
LYS CE  NZ   sing N N 211 
LYS CE  HE2  sing N N 212 
LYS CE  HE3  sing N N 213 
LYS NZ  HZ1  sing N N 214 
LYS NZ  HZ2  sing N N 215 
LYS NZ  HZ3  sing N N 216 
LYS OXT HXT  sing N N 217 
MET N   CA   sing N N 218 
MET N   H    sing N N 219 
MET N   H2   sing N N 220 
MET CA  C    sing N N 221 
MET CA  CB   sing N N 222 
MET CA  HA   sing N N 223 
MET C   O    doub N N 224 
MET C   OXT  sing N N 225 
MET CB  CG   sing N N 226 
MET CB  HB2  sing N N 227 
MET CB  HB3  sing N N 228 
MET CG  SD   sing N N 229 
MET CG  HG2  sing N N 230 
MET CG  HG3  sing N N 231 
MET SD  CE   sing N N 232 
MET CE  HE1  sing N N 233 
MET CE  HE2  sing N N 234 
MET CE  HE3  sing N N 235 
MET OXT HXT  sing N N 236 
PHE N   CA   sing N N 237 
PHE N   H    sing N N 238 
PHE N   H2   sing N N 239 
PHE CA  C    sing N N 240 
PHE CA  CB   sing N N 241 
PHE CA  HA   sing N N 242 
PHE C   O    doub N N 243 
PHE C   OXT  sing N N 244 
PHE CB  CG   sing N N 245 
PHE CB  HB2  sing N N 246 
PHE CB  HB3  sing N N 247 
PHE CG  CD1  doub Y N 248 
PHE CG  CD2  sing Y N 249 
PHE CD1 CE1  sing Y N 250 
PHE CD1 HD1  sing N N 251 
PHE CD2 CE2  doub Y N 252 
PHE CD2 HD2  sing N N 253 
PHE CE1 CZ   doub Y N 254 
PHE CE1 HE1  sing N N 255 
PHE CE2 CZ   sing Y N 256 
PHE CE2 HE2  sing N N 257 
PHE CZ  HZ   sing N N 258 
PHE OXT HXT  sing N N 259 
PO4 P   O1   doub N N 260 
PO4 P   O2   sing N N 261 
PO4 P   O3   sing N N 262 
PO4 P   O4   sing N N 263 
PRO N   CA   sing N N 264 
PRO N   CD   sing N N 265 
PRO N   H    sing N N 266 
PRO CA  C    sing N N 267 
PRO CA  CB   sing N N 268 
PRO CA  HA   sing N N 269 
PRO C   O    doub N N 270 
PRO C   OXT  sing N N 271 
PRO CB  CG   sing N N 272 
PRO CB  HB2  sing N N 273 
PRO CB  HB3  sing N N 274 
PRO CG  CD   sing N N 275 
PRO CG  HG2  sing N N 276 
PRO CG  HG3  sing N N 277 
PRO CD  HD2  sing N N 278 
PRO CD  HD3  sing N N 279 
PRO OXT HXT  sing N N 280 
SER N   CA   sing N N 281 
SER N   H    sing N N 282 
SER N   H2   sing N N 283 
SER CA  C    sing N N 284 
SER CA  CB   sing N N 285 
SER CA  HA   sing N N 286 
SER C   O    doub N N 287 
SER C   OXT  sing N N 288 
SER CB  OG   sing N N 289 
SER CB  HB2  sing N N 290 
SER CB  HB3  sing N N 291 
SER OG  HG   sing N N 292 
SER OXT HXT  sing N N 293 
THR N   CA   sing N N 294 
THR N   H    sing N N 295 
THR N   H2   sing N N 296 
THR CA  C    sing N N 297 
THR CA  CB   sing N N 298 
THR CA  HA   sing N N 299 
THR C   O    doub N N 300 
THR C   OXT  sing N N 301 
THR CB  OG1  sing N N 302 
THR CB  CG2  sing N N 303 
THR CB  HB   sing N N 304 
THR OG1 HG1  sing N N 305 
THR CG2 HG21 sing N N 306 
THR CG2 HG22 sing N N 307 
THR CG2 HG23 sing N N 308 
THR OXT HXT  sing N N 309 
TRP N   CA   sing N N 310 
TRP N   H    sing N N 311 
TRP N   H2   sing N N 312 
TRP CA  C    sing N N 313 
TRP CA  CB   sing N N 314 
TRP CA  HA   sing N N 315 
TRP C   O    doub N N 316 
TRP C   OXT  sing N N 317 
TRP CB  CG   sing N N 318 
TRP CB  HB2  sing N N 319 
TRP CB  HB3  sing N N 320 
TRP CG  CD1  doub Y N 321 
TRP CG  CD2  sing Y N 322 
TRP CD1 NE1  sing Y N 323 
TRP CD1 HD1  sing N N 324 
TRP CD2 CE2  doub Y N 325 
TRP CD2 CE3  sing Y N 326 
TRP NE1 CE2  sing Y N 327 
TRP NE1 HE1  sing N N 328 
TRP CE2 CZ2  sing Y N 329 
TRP CE3 CZ3  doub Y N 330 
TRP CE3 HE3  sing N N 331 
TRP CZ2 CH2  doub Y N 332 
TRP CZ2 HZ2  sing N N 333 
TRP CZ3 CH2  sing Y N 334 
TRP CZ3 HZ3  sing N N 335 
TRP CH2 HH2  sing N N 336 
TRP OXT HXT  sing N N 337 
TYR N   CA   sing N N 338 
TYR N   H    sing N N 339 
TYR N   H2   sing N N 340 
TYR CA  C    sing N N 341 
TYR CA  CB   sing N N 342 
TYR CA  HA   sing N N 343 
TYR C   O    doub N N 344 
TYR C   OXT  sing N N 345 
TYR CB  CG   sing N N 346 
TYR CB  HB2  sing N N 347 
TYR CB  HB3  sing N N 348 
TYR CG  CD1  doub Y N 349 
TYR CG  CD2  sing Y N 350 
TYR CD1 CE1  sing Y N 351 
TYR CD1 HD1  sing N N 352 
TYR CD2 CE2  doub Y N 353 
TYR CD2 HD2  sing N N 354 
TYR CE1 CZ   doub Y N 355 
TYR CE1 HE1  sing N N 356 
TYR CE2 CZ   sing Y N 357 
TYR CE2 HE2  sing N N 358 
TYR CZ  OH   sing N N 359 
TYR OH  HH   sing N N 360 
TYR OXT HXT  sing N N 361 
VAL N   CA   sing N N 362 
VAL N   H    sing N N 363 
VAL N   H2   sing N N 364 
VAL CA  C    sing N N 365 
VAL CA  CB   sing N N 366 
VAL CA  HA   sing N N 367 
VAL C   O    doub N N 368 
VAL C   OXT  sing N N 369 
VAL CB  CG1  sing N N 370 
VAL CB  CG2  sing N N 371 
VAL CB  HB   sing N N 372 
VAL CG1 HG11 sing N N 373 
VAL CG1 HG12 sing N N 374 
VAL CG1 HG13 sing N N 375 
VAL CG2 HG21 sing N N 376 
VAL CG2 HG22 sing N N 377 
VAL CG2 HG23 sing N N 378 
VAL OXT HXT  sing N N 379 
# 
_atom_sites.entry_id                    3GWH 
_atom_sites.fract_transf_matrix[1][1]   -0.01814167 
_atom_sites.fract_transf_matrix[1][2]   -0.02079132 
_atom_sites.fract_transf_matrix[1][3]   0.00666281 
_atom_sites.fract_transf_matrix[2][1]   0.00124407 
_atom_sites.fract_transf_matrix[2][2]   -0.00559950 
_atom_sites.fract_transf_matrix[2][3]   -0.01408586 
_atom_sites.fract_transf_matrix[3][1]   0.01407291 
_atom_sites.fract_transf_matrix[3][2]   -0.02181787 
_atom_sites.fract_transf_matrix[3][3]   0.00991610 
_atom_sites.fract_transf_vector[1]      -0.252002 
_atom_sites.fract_transf_vector[2]      0.937153 
_atom_sites.fract_transf_vector[3]      -0.244293 
# 
loop_
_atom_type.symbol 
C 
N 
O 
P 
S 
# 
loop_
_atom_site.group_PDB 
_atom_site.id 
_atom_site.type_symbol 
_atom_site.label_atom_id 
_atom_site.label_alt_id 
_atom_site.label_comp_id 
_atom_site.label_asym_id 
_atom_site.label_entity_id 
_atom_site.label_seq_id 
_atom_site.pdbx_PDB_ins_code 
_atom_site.Cartn_x 
_atom_site.Cartn_y 
_atom_site.Cartn_z 
_atom_site.occupancy 
_atom_site.B_iso_or_equiv 
_atom_site.pdbx_formal_charge 
_atom_site.auth_seq_id 
_atom_site.auth_comp_id 
_atom_site.auth_asym_id 
_atom_site.auth_atom_id 
_atom_site.pdbx_PDB_model_num 
ATOM   1    N N   . HIS A 1 12  ? 22.277  -10.568 -12.524 1.00 32.04 ? 12  HIS A N   1 
ATOM   2    C CA  . HIS A 1 12  ? 22.316  -9.062  -12.380 1.00 32.44 ? 12  HIS A CA  1 
ATOM   3    C C   . HIS A 1 12  ? 22.857  -8.567  -11.018 1.00 32.59 ? 12  HIS A C   1 
ATOM   4    O O   . HIS A 1 12  ? 22.239  -7.747  -10.333 1.00 32.57 ? 12  HIS A O   1 
ATOM   5    C CB  . HIS A 1 12  ? 20.918  -8.527  -12.601 1.00 33.04 ? 12  HIS A CB  1 
ATOM   6    C CG  . HIS A 1 12  ? 20.446  -8.680  -14.006 1.00 32.00 ? 12  HIS A CG  1 
ATOM   7    N ND1 . HIS A 1 12  ? 19.522  -9.630  -14.378 1.00 32.80 ? 12  HIS A ND1 1 
ATOM   8    C CD2 . HIS A 1 12  ? 20.783  -8.009  -15.132 1.00 32.74 ? 12  HIS A CD2 1 
ATOM   9    C CE1 . HIS A 1 12  ? 19.288  -9.528  -15.670 1.00 31.67 ? 12  HIS A CE1 1 
ATOM   10   N NE2 . HIS A 1 12  ? 20.065  -8.575  -16.160 1.00 34.99 ? 12  HIS A NE2 1 
ATOM   11   N N   . SER A 1 13  ? 24.043  -9.037  -10.668 1.00 32.06 ? 13  SER A N   1 
ATOM   12   C CA  . SER A 1 13  ? 24.632  -8.797  -9.352  1.00 32.29 ? 13  SER A CA  1 
ATOM   13   C C   . SER A 1 13  ? 24.892  -7.333  -9.104  1.00 30.70 ? 13  SER A C   1 
ATOM   14   O O   . SER A 1 13  ? 24.480  -6.806  -8.057  1.00 29.59 ? 13  SER A O   1 
ATOM   15   C CB  . SER A 1 13  ? 25.938  -9.566  -9.175  1.00 32.54 ? 13  SER A CB  1 
ATOM   16   O OG  . SER A 1 13  ? 25.626  -10.928 -8.978  1.00 36.44 ? 13  SER A OG  1 
ATOM   17   N N   . GLN A 1 14  ? 25.552  -6.683  -10.053 1.00 29.41 ? 14  GLN A N   1 
ATOM   18   C CA  . GLN A 1 14  ? 25.873  -5.262  -9.891  1.00 29.29 ? 14  GLN A CA  1 
ATOM   19   C C   . GLN A 1 14  ? 24.601  -4.389  -9.929  1.00 27.49 ? 14  GLN A C   1 
ATOM   20   O O   . GLN A 1 14  ? 24.554  -3.377  -9.289  1.00 27.40 ? 14  GLN A O   1 
ATOM   21   C CB  . GLN A 1 14  ? 26.804  -4.749  -10.978 1.00 30.80 ? 14  GLN A CB  1 
ATOM   22   C CG  . GLN A 1 14  ? 28.314  -5.108  -10.830 1.00 35.66 ? 14  GLN A CG  1 
ATOM   23   C CD  . GLN A 1 14  ? 28.972  -4.579  -9.547  1.00 39.47 ? 14  GLN A CD  1 
ATOM   24   O OE1 . GLN A 1 14  ? 29.425  -5.368  -8.725  1.00 43.21 ? 14  GLN A OE1 1 
ATOM   25   N NE2 . GLN A 1 14  ? 29.069  -3.253  -9.401  1.00 43.25 ? 14  GLN A NE2 1 
ATOM   26   N N   . LEU A 1 15  ? 23.600  -4.804  -10.690 1.00 25.03 ? 15  LEU A N   1 
ATOM   27   C CA  . LEU A 1 15  ? 22.374  -4.067  -10.815 1.00 24.36 ? 15  LEU A CA  1 
ATOM   28   C C   . LEU A 1 15  ? 21.615  -4.104  -9.482  1.00 23.04 ? 15  LEU A C   1 
ATOM   29   O O   . LEU A 1 15  ? 21.106  -3.074  -9.038  1.00 22.61 ? 15  LEU A O   1 
ATOM   30   C CB  . LEU A 1 15  ? 21.506  -4.645  -11.936 1.00 23.47 ? 15  LEU A CB  1 
ATOM   31   C CG  . LEU A 1 15  ? 20.061  -4.142  -12.034 1.00 23.96 ? 15  LEU A CG  1 
ATOM   32   C CD1 . LEU A 1 15  ? 20.010  -2.610  -12.244 1.00 21.47 ? 15  LEU A CD1 1 
ATOM   33   C CD2 . LEU A 1 15  ? 19.318  -4.913  -13.130 1.00 22.11 ? 15  LEU A CD2 1 
ATOM   34   N N   . MET A 1 16  ? 21.554  -5.282  -8.865  1.00 22.34 ? 16  MET A N   1 
ATOM   35   C CA  . MET A 1 16  ? 20.881  -5.469  -7.599  1.00 23.75 ? 16  MET A CA  1 
ATOM   36   C C   . MET A 1 16  ? 21.560  -4.696  -6.509  1.00 23.32 ? 16  MET A C   1 
ATOM   37   O O   . MET A 1 16  ? 20.871  -4.043  -5.716  1.00 24.62 ? 16  MET A O   1 
ATOM   38   C CB  . MET A 1 16  ? 20.833  -6.933  -7.165  1.00 23.72 ? 16  MET A CB  1 
ATOM   39   C CG  . MET A 1 16  ? 20.042  -7.814  -8.122  1.00 26.15 ? 16  MET A CG  1 
ATOM   40   S SD  . MET A 1 16  ? 18.330  -7.379  -8.166  1.00 32.51 ? 16  MET A SD  1 
ATOM   41   C CE  . MET A 1 16  ? 17.999  -7.080  -6.432  1.00 22.08 ? 16  MET A CE  1 
ATOM   42   N N   . ALA A 1 17  ? 22.889  -4.749  -6.473  1.00 23.45 ? 17  ALA A N   1 
ATOM   43   C CA  . ALA A 1 17  ? 23.669  -3.920  -5.545  1.00 23.49 ? 17  ALA A CA  1 
ATOM   44   C C   . ALA A 1 17  ? 23.367  -2.428  -5.713  1.00 22.91 ? 17  ALA A C   1 
ATOM   45   O O   . ALA A 1 17  ? 23.358  -1.685  -4.726  1.00 24.83 ? 17  ALA A O   1 
ATOM   46   C CB  . ALA A 1 17  ? 25.143  -4.155  -5.697  1.00 23.74 ? 17  ALA A CB  1 
ATOM   47   N N   . GLN A 1 18  ? 23.177  -1.977  -6.941  1.00 21.93 ? 18  GLN A N   1 
ATOM   48   C CA  . GLN A 1 18  ? 23.031  -0.561  -7.154  1.00 21.21 ? 18  GLN A CA  1 
ATOM   49   C C   . GLN A 1 18  ? 21.620  -0.164  -6.672  1.00 19.04 ? 18  GLN A C   1 
ATOM   50   O O   . GLN A 1 18  ? 21.433  0.894   -6.086  1.00 17.99 ? 18  GLN A O   1 
ATOM   51   C CB  . GLN A 1 18  ? 23.270  -0.166  -8.623  1.00 22.37 ? 18  GLN A CB  1 
ATOM   52   C CG  . GLN A 1 18  ? 22.427  1.045   -9.049  1.00 26.12 ? 18  GLN A CG  1 
ATOM   53   C CD  . GLN A 1 18  ? 22.445  1.358   -10.549 1.00 32.27 ? 18  GLN A CD  1 
ATOM   54   O OE1 . GLN A 1 18  ? 22.656  0.464   -11.386 1.00 36.07 ? 18  GLN A OE1 1 
ATOM   55   N NE2 . GLN A 1 18  ? 22.148  2.625   -10.895 1.00 32.96 ? 18  GLN A NE2 1 
ATOM   56   N N   . LEU A 1 19  ? 20.654  -1.019  -6.920  1.00 17.48 ? 19  LEU A N   1 
ATOM   57   C CA  . LEU A 1 19  ? 19.295  -0.753  -6.500  1.00 17.21 ? 19  LEU A CA  1 
ATOM   58   C C   . LEU A 1 19  ? 19.280  -0.666  -4.968  1.00 16.51 ? 19  LEU A C   1 
ATOM   59   O O   . LEU A 1 19  ? 18.641  0.203   -4.364  1.00 14.41 ? 19  LEU A O   1 
ATOM   60   C CB  . LEU A 1 19  ? 18.349  -1.844  -7.009  1.00 15.62 ? 19  LEU A CB  1 
ATOM   61   C CG  . LEU A 1 19  ? 18.197  -1.893  -8.510  1.00 16.79 ? 19  LEU A CG  1 
ATOM   62   C CD1 . LEU A 1 19  ? 17.386  -3.107  -8.774  1.00 15.61 ? 19  LEU A CD1 1 
ATOM   63   C CD2 . LEU A 1 19  ? 17.584  -0.531  -9.162  1.00 12.37 ? 19  LEU A CD2 1 
ATOM   64   N N   . VAL A 1 20  ? 20.027  -1.570  -4.340  1.00 17.11 ? 20  VAL A N   1 
ATOM   65   C CA  . VAL A 1 20  ? 20.077  -1.587  -2.880  1.00 16.12 ? 20  VAL A CA  1 
ATOM   66   C C   . VAL A 1 20  ? 20.717  -0.319  -2.304  1.00 17.02 ? 20  VAL A C   1 
ATOM   67   O O   . VAL A 1 20  ? 20.249  0.240   -1.306  1.00 16.52 ? 20  VAL A O   1 
ATOM   68   C CB  . VAL A 1 20  ? 20.738  -2.877  -2.302  1.00 15.73 ? 20  VAL A CB  1 
ATOM   69   C CG1 . VAL A 1 20  ? 20.913  -2.787  -0.781  1.00 16.65 ? 20  VAL A CG1 1 
ATOM   70   C CG2 . VAL A 1 20  ? 19.873  -4.121  -2.606  1.00 15.26 ? 20  VAL A CG2 1 
ATOM   71   N N   . GLU A 1 21  ? 21.770  0.144   -2.942  1.00 18.19 ? 21  GLU A N   1 
ATOM   72   C CA  . GLU A 1 21  ? 22.419  1.344   -2.532  1.00 18.23 ? 21  GLU A CA  1 
ATOM   73   C C   . GLU A 1 21  ? 21.494  2.569   -2.661  1.00 17.56 ? 21  GLU A C   1 
ATOM   74   O O   . GLU A 1 21  ? 21.566  3.458   -1.828  1.00 18.26 ? 21  GLU A O   1 
ATOM   75   C CB  . GLU A 1 21  ? 23.684  1.501   -3.364  1.00 19.53 ? 21  GLU A CB  1 
ATOM   76   C CG  . GLU A 1 21  ? 24.456  2.747   -3.066  1.00 23.65 ? 21  GLU A CG  1 
ATOM   77   C CD  . GLU A 1 21  ? 25.951  2.544   -3.117  0.50 24.21 ? 21  GLU A CD  1 
ATOM   78   O OE1 . GLU A 1 21  ? 26.402  1.766   -3.977  0.50 27.07 ? 21  GLU A OE1 1 
ATOM   79   O OE2 . GLU A 1 21  ? 26.660  3.158   -2.286  0.50 28.12 ? 21  GLU A OE2 1 
ATOM   80   N N   . VAL A 1 22  ? 20.709  2.669   -3.732  1.00 15.74 ? 22  VAL A N   1 
ATOM   81   C CA  . VAL A 1 22  ? 19.777  3.792   -3.919  1.00 16.66 ? 22  VAL A CA  1 
ATOM   82   C C   . VAL A 1 22  ? 18.752  3.830   -2.746  1.00 15.62 ? 22  VAL A C   1 
ATOM   83   O O   . VAL A 1 22  ? 18.352  4.866   -2.263  1.00 16.28 ? 22  VAL A O   1 
ATOM   84   C CB  . VAL A 1 22  ? 18.995  3.678   -5.286  1.00 17.26 ? 22  VAL A CB  1 
ATOM   85   C CG1 . VAL A 1 22  ? 17.764  4.614   -5.330  1.00 15.49 ? 22  VAL A CG1 1 
ATOM   86   C CG2 . VAL A 1 22  ? 19.905  3.967   -6.476  1.00 18.47 ? 22  VAL A CG2 1 
ATOM   87   N N   . ILE A 1 23  ? 18.302  2.667   -2.336  1.00 14.61 ? 23  ILE A N   1 
ATOM   88   C CA  . ILE A 1 23  ? 17.365  2.523   -1.237  1.00 13.76 ? 23  ILE A CA  1 
ATOM   89   C C   . ILE A 1 23  ? 18.008  2.915   0.077   1.00 13.78 ? 23  ILE A C   1 
ATOM   90   O O   . ILE A 1 23  ? 17.399  3.610   0.924   1.00 15.02 ? 23  ILE A O   1 
ATOM   91   C CB  . ILE A 1 23  ? 16.907  1.032   -1.121  1.00 13.93 ? 23  ILE A CB  1 
ATOM   92   C CG1 . ILE A 1 23  ? 16.089  0.645   -2.342  1.00 13.84 ? 23  ILE A CG1 1 
ATOM   93   C CG2 . ILE A 1 23  ? 16.239  0.761   0.290   1.00 15.41 ? 23  ILE A CG2 1 
ATOM   94   C CD1 . ILE A 1 23  ? 15.987  -0.933  -2.602  1.00 12.03 ? 23  ILE A CD1 1 
ATOM   95   N N   . GLU A 1 24  ? 19.250  2.482   0.287   1.00 11.98 ? 24  GLU A N   1 
ATOM   96   C CA  . GLU A 1 24  ? 19.920  2.806   1.558   1.00 13.01 ? 24  GLU A CA  1 
ATOM   97   C C   . GLU A 1 24  ? 20.194  4.272   1.696   1.00 12.63 ? 24  GLU A C   1 
ATOM   98   O O   . GLU A 1 24  ? 19.999  4.799   2.808   1.00 13.16 ? 24  GLU A O   1 
ATOM   99   C CB  . GLU A 1 24  ? 21.221  1.983   1.769   1.00 13.71 ? 24  GLU A CB  1 
ATOM   100  C CG  . GLU A 1 24  ? 20.951  0.473   1.803   1.00 17.95 ? 24  GLU A CG  1 
ATOM   101  C CD  . GLU A 1 24  ? 22.128  -0.333  2.272   1.00 21.60 ? 24  GLU A CD  1 
ATOM   102  O OE1 . GLU A 1 24  ? 23.203  0.060   1.829   1.00 19.75 ? 24  GLU A OE1 1 
ATOM   103  O OE2 . GLU A 1 24  ? 21.976  -1.293  3.101   1.00 19.24 ? 24  GLU A OE2 1 
ATOM   104  N N   . ASP A 1 25  ? 20.704  4.897   0.619   1.00 12.70 ? 25  ASP A N   1 
ATOM   105  C CA  . ASP A 1 25  ? 20.955  6.336   0.543   1.00 14.28 ? 25  ASP A CA  1 
ATOM   106  C C   . ASP A 1 25  ? 19.681  7.147   0.707   1.00 14.53 ? 25  ASP A C   1 
ATOM   107  O O   . ASP A 1 25  ? 19.625  8.066   1.545   1.00 16.13 ? 25  ASP A O   1 
ATOM   108  C CB  . ASP A 1 25  ? 21.586  6.741   -0.802  1.00 14.21 ? 25  ASP A CB  1 
ATOM   109  C CG  . ASP A 1 25  ? 23.057  6.335   -0.946  1.00 18.96 ? 25  ASP A CG  1 
ATOM   110  O OD1 . ASP A 1 25  ? 23.660  5.711   -0.042  1.00 23.79 ? 25  ASP A OD1 1 
ATOM   111  O OD2 . ASP A 1 25  ? 23.591  6.654   -2.020  1.00 23.53 ? 25  ASP A OD2 1 
ATOM   112  N N   . SER A 1 26  ? 18.634  6.774   -0.036  1.00 14.29 ? 26  SER A N   1 
ATOM   113  C CA  . SER A 1 26  ? 17.350  7.464   0.050   1.00 14.00 ? 26  SER A CA  1 
ATOM   114  C C   . SER A 1 26  ? 16.626  7.405   1.408   1.00 13.90 ? 26  SER A C   1 
ATOM   115  O O   . SER A 1 26  ? 16.058  8.392   1.848   1.00 15.79 ? 26  SER A O   1 
ATOM   116  C CB  . SER A 1 26  ? 16.386  6.895   -1.028  1.00 14.11 ? 26  SER A CB  1 
ATOM   117  O OG  . SER A 1 26  ? 16.969  7.052   -2.311  1.00 16.80 ? 26  SER A OG  1 
ATOM   118  N N   . PHE A 1 27  ? 16.613  6.239   2.020   1.00 14.14 ? 27  PHE A N   1 
ATOM   119  C CA  . PHE A 1 27  ? 15.922  5.943   3.276   1.00 14.38 ? 27  PHE A CA  1 
ATOM   120  C C   . PHE A 1 27  ? 16.839  6.197   4.452   1.00 14.49 ? 27  PHE A C   1 
ATOM   121  O O   . PHE A 1 27  ? 16.384  6.194   5.587   1.00 14.43 ? 27  PHE A O   1 
ATOM   122  C CB  . PHE A 1 27  ? 15.465  4.487   3.328   1.00 13.78 ? 27  PHE A CB  1 
ATOM   123  C CG  . PHE A 1 27  ? 14.297  4.148   2.399   1.00 16.35 ? 27  PHE A CG  1 
ATOM   124  C CD1 . PHE A 1 27  ? 13.762  5.088   1.464   1.00 18.69 ? 27  PHE A CD1 1 
ATOM   125  C CD2 . PHE A 1 27  ? 13.802  2.842   2.381   1.00 16.93 ? 27  PHE A CD2 1 
ATOM   126  C CE1 . PHE A 1 27  ? 12.718  4.718   0.591   1.00 17.11 ? 27  PHE A CE1 1 
ATOM   127  C CE2 . PHE A 1 27  ? 12.747  2.491   1.502   1.00 17.35 ? 27  PHE A CE2 1 
ATOM   128  C CZ  . PHE A 1 27  ? 12.235  3.430   0.612   1.00 15.15 ? 27  PHE A CZ  1 
ATOM   129  N N   . GLN A 1 28  ? 18.113  6.488   4.185   1.00 16.66 ? 28  GLN A N   1 
ATOM   130  C CA  . GLN A 1 28  ? 19.144  6.597   5.222   1.00 18.07 ? 28  GLN A CA  1 
ATOM   131  C C   . GLN A 1 28  ? 19.028  5.511   6.276   1.00 19.48 ? 28  GLN A C   1 
ATOM   132  O O   . GLN A 1 28  ? 18.854  5.769   7.438   1.00 20.78 ? 28  GLN A O   1 
ATOM   133  C CB  . GLN A 1 28  ? 19.155  8.002   5.843   1.00 18.53 ? 28  GLN A CB  1 
ATOM   134  C CG  . GLN A 1 28  ? 19.798  8.995   4.861   1.00 17.29 ? 28  GLN A CG  1 
ATOM   135  C CD  . GLN A 1 28  ? 21.260  8.770   4.823   1.00 16.69 ? 28  GLN A CD  1 
ATOM   136  O OE1 . GLN A 1 28  ? 21.884  8.775   5.883   1.00 17.88 ? 28  GLN A OE1 1 
ATOM   137  N NE2 . GLN A 1 28  ? 21.806  8.417   3.663   1.00 14.96 ? 28  GLN A NE2 1 
ATOM   138  N N   . MET A 1 29  ? 19.145  4.273   5.833   1.00 21.86 ? 29  MET A N   1 
ATOM   139  C CA  . MET A 1 29  ? 19.199  3.112   6.712   1.00 23.80 ? 29  MET A CA  1 
ATOM   140  C C   . MET A 1 29  ? 20.094  2.104   6.025   1.00 23.10 ? 29  MET A C   1 
ATOM   141  O O   . MET A 1 29  ? 20.557  2.375   4.894   1.00 23.36 ? 29  MET A O   1 
ATOM   142  C CB  . MET A 1 29  ? 17.800  2.529   6.970   1.00 25.58 ? 29  MET A CB  1 
ATOM   143  C CG  . MET A 1 29  ? 16.988  2.226   5.782   1.00 29.59 ? 29  MET A CG  1 
ATOM   144  S SD  . MET A 1 29  ? 15.480  1.533   6.424   1.00 44.91 ? 29  MET A SD  1 
ATOM   145  C CE  . MET A 1 29  ? 15.875  -0.227  6.229   1.00 39.93 ? 29  MET A CE  1 
ATOM   146  N N   . LYS A 1 30  ? 20.445  1.039   6.745   1.00 22.34 ? 30  LYS A N   1 
ATOM   147  C CA  . LYS A 1 30  ? 21.083  -0.143  6.155   1.00 23.04 ? 30  LYS A CA  1 
ATOM   148  C C   . LYS A 1 30  ? 20.014  -1.280  6.170   1.00 21.70 ? 30  LYS A C   1 
ATOM   149  O O   . LYS A 1 30  ? 19.312  -1.465  7.174   1.00 19.98 ? 30  LYS A O   1 
ATOM   150  C CB  . LYS A 1 30  ? 22.373  -0.484  6.967   1.00 24.72 ? 30  LYS A CB  1 
ATOM   151  C CG  . LYS A 1 30  ? 23.418  -1.396  6.235   1.00 27.88 ? 30  LYS A CG  1 
ATOM   152  C CD  . LYS A 1 30  ? 24.707  -1.619  7.072   1.00 32.60 ? 30  LYS A CD  1 
ATOM   153  C CE  . LYS A 1 30  ? 25.481  -2.893  6.651   1.00 35.42 ? 30  LYS A CE  1 
ATOM   154  N N   . VAL A 1 31  ? 19.880  -2.036  5.070   1.00 20.58 ? 31  VAL A N   1 
ATOM   155  C CA  . VAL A 1 31  ? 18.876  -3.104  4.969   1.00 20.68 ? 31  VAL A CA  1 
ATOM   156  C C   . VAL A 1 31  ? 19.309  -4.195  5.940   1.00 21.53 ? 31  VAL A C   1 
ATOM   157  O O   . VAL A 1 31  ? 20.479  -4.306  6.196   1.00 22.68 ? 31  VAL A O   1 
ATOM   158  C CB  . VAL A 1 31  ? 18.778  -3.697  3.500   1.00 20.86 ? 31  VAL A CB  1 
ATOM   159  C CG1 . VAL A 1 31  ? 18.218  -2.625  2.546   1.00 21.89 ? 31  VAL A CG1 1 
ATOM   160  C CG2 . VAL A 1 31  ? 20.154  -4.267  3.020   1.00 20.84 ? 31  VAL A CG2 1 
ATOM   161  N N   . ASN A 1 32  ? 18.333  -4.872  6.542   1.00 22.55 ? 32  ASN A N   1 
ATOM   162  C CA  . ASN A 1 32  ? 18.436  -6.149  7.272   1.00 22.89 ? 32  ASN A CA  1 
ATOM   163  C C   . ASN A 1 32  ? 18.317  -7.308  6.253   1.00 23.40 ? 32  ASN A C   1 
ATOM   164  O O   . ASN A 1 32  ? 17.178  -7.770  5.922   1.00 23.04 ? 32  ASN A O   1 
ATOM   165  C CB  . ASN A 1 32  ? 17.288  -6.321  8.301   1.00 21.91 ? 32  ASN A CB  1 
ATOM   166  C CG  . ASN A 1 32  ? 17.405  -5.421  9.507   1.00 24.71 ? 32  ASN A CG  1 
ATOM   167  O OD1 . ASN A 1 32  ? 18.507  -5.069  9.932   1.00 27.44 ? 32  ASN A OD1 1 
ATOM   168  N ND2 . ASN A 1 32  ? 16.259  -5.079  10.100  1.00 25.97 ? 32  ASN A ND2 1 
ATOM   169  N N   . LYS A 1 33  ? 19.457  -7.770  5.768   1.00 23.50 ? 33  LYS A N   1 
ATOM   170  C CA  . LYS A 1 33  ? 19.495  -8.806  4.743   1.00 25.89 ? 33  LYS A CA  1 
ATOM   171  C C   . LYS A 1 33  ? 18.992  -10.173 5.201   1.00 27.18 ? 33  LYS A C   1 
ATOM   172  O O   . LYS A 1 33  ? 18.814  -11.069 4.374   1.00 27.56 ? 33  LYS A O   1 
ATOM   173  C CB  . LYS A 1 33  ? 20.883  -8.957  4.186   1.00 25.95 ? 33  LYS A CB  1 
ATOM   174  C CG  . LYS A 1 33  ? 21.379  -7.729  3.512   1.00 28.69 ? 33  LYS A CG  1 
ATOM   175  C CD  . LYS A 1 33  ? 22.472  -8.046  2.513   1.00 31.89 ? 33  LYS A CD  1 
ATOM   176  C CE  . LYS A 1 33  ? 22.753  -6.880  1.542   1.00 34.14 ? 33  LYS A CE  1 
ATOM   177  N NZ  . LYS A 1 33  ? 23.544  -7.413  0.351   1.00 38.56 ? 33  LYS A NZ  1 
ATOM   178  N N   . GLU A 1 34  ? 18.765  -10.283 6.513   1.00 27.86 ? 34  GLU A N   1 
ATOM   179  C CA  . GLU A 1 34  ? 18.177  -11.436 7.186   1.00 29.27 ? 34  GLU A CA  1 
ATOM   180  C C   . GLU A 1 34  ? 16.676  -11.453 7.101   1.00 26.98 ? 34  GLU A C   1 
ATOM   181  O O   . GLU A 1 34  ? 16.014  -12.500 7.349   1.00 26.83 ? 34  GLU A O   1 
ATOM   182  C CB  . GLU A 1 34  ? 18.493  -11.343 8.711   1.00 30.38 ? 34  GLU A CB  1 
ATOM   183  C CG  . GLU A 1 34  ? 19.936  -10.990 9.108   1.00 35.80 ? 34  GLU A CG  1 
ATOM   184  C CD  . GLU A 1 34  ? 20.289  -9.452  9.082   1.00 42.09 ? 34  GLU A CD  1 
ATOM   185  O OE1 . GLU A 1 34  ? 19.391  -8.561  8.993   1.00 42.63 ? 34  GLU A OE1 1 
ATOM   186  O OE2 . GLU A 1 34  ? 21.503  -9.153  9.143   1.00 47.20 ? 34  GLU A OE2 1 
ATOM   187  N N   . SER A 1 35  ? 16.091  -10.282 6.870   1.00 25.92 ? 35  SER A N   1 
ATOM   188  C CA  . SER A 1 35  ? 14.685  -10.115 7.204   1.00 24.18 ? 35  SER A CA  1 
ATOM   189  C C   . SER A 1 35  ? 13.818  -10.680 6.107   1.00 23.50 ? 35  SER A C   1 
ATOM   190  O O   . SER A 1 35  ? 14.232  -10.785 4.952   1.00 24.17 ? 35  SER A O   1 
ATOM   191  C CB  . SER A 1 35  ? 14.359  -8.641  7.411   1.00 25.25 ? 35  SER A CB  1 
ATOM   192  O OG  . SER A 1 35  ? 14.333  -7.914  6.186   1.00 22.10 ? 35  SER A OG  1 
ATOM   193  N N   . VAL A 1 36  ? 12.611  -11.047 6.482   1.00 21.99 ? 36  VAL A N   1 
ATOM   194  C CA  . VAL A 1 36  ? 11.597  -11.421 5.520   1.00 22.72 ? 36  VAL A CA  1 
ATOM   195  C C   . VAL A 1 36  ? 11.298  -10.259 4.527   1.00 20.29 ? 36  VAL A C   1 
ATOM   196  O O   . VAL A 1 36  ? 11.180  -10.480 3.342   1.00 18.85 ? 36  VAL A O   1 
ATOM   197  C CB  . VAL A 1 36  ? 10.339  -11.901 6.250   1.00 21.86 ? 36  VAL A CB  1 
ATOM   198  C CG1 . VAL A 1 36  ? 9.082   -12.062 5.306   1.00 25.38 ? 36  VAL A CG1 1 
ATOM   199  C CG2 . VAL A 1 36  ? 10.654  -13.227 7.009   1.00 25.77 ? 36  VAL A CG2 1 
ATOM   200  N N   . ASN A 1 37  ? 11.156  -9.040  5.010   1.00 19.96 ? 37  ASN A N   1 
ATOM   201  C CA  . ASN A 1 37  ? 10.796  -7.913  4.123   1.00 18.77 ? 37  ASN A CA  1 
ATOM   202  C C   . ASN A 1 37  ? 11.870  -7.727  3.071   1.00 17.49 ? 37  ASN A C   1 
ATOM   203  O O   . ASN A 1 37  ? 11.552  -7.492  1.900   1.00 14.26 ? 37  ASN A O   1 
ATOM   204  C CB  . ASN A 1 37  ? 10.616  -6.631  4.911   1.00 19.37 ? 37  ASN A CB  1 
ATOM   205  C CG  . ASN A 1 37  ? 9.384   -6.659  5.790   1.00 23.75 ? 37  ASN A CG  1 
ATOM   206  O OD1 . ASN A 1 37  ? 8.360   -7.271  5.448   1.00 27.93 ? 37  ASN A OD1 1 
ATOM   207  N ND2 . ASN A 1 37  ? 9.485   -6.025  6.942   1.00 25.34 ? 37  ASN A ND2 1 
ATOM   208  N N   . TYR A 1 38  ? 13.132  -7.911  3.444   1.00 16.31 ? 38  TYR A N   1 
ATOM   209  C CA  . TYR A 1 38  ? 14.198  -7.734  2.477   1.00 17.12 ? 38  TYR A CA  1 
ATOM   210  C C   . TYR A 1 38  ? 14.225  -8.900  1.462   1.00 18.24 ? 38  TYR A C   1 
ATOM   211  O O   . TYR A 1 38  ? 14.415  -8.698  0.277   1.00 16.66 ? 38  TYR A O   1 
ATOM   212  C CB  . TYR A 1 38  ? 15.543  -7.616  3.164   1.00 17.47 ? 38  TYR A CB  1 
ATOM   213  C CG  . TYR A 1 38  ? 16.697  -7.591  2.208   1.00 18.97 ? 38  TYR A CG  1 
ATOM   214  C CD1 . TYR A 1 38  ? 17.028  -6.408  1.558   1.00 22.40 ? 38  TYR A CD1 1 
ATOM   215  C CD2 . TYR A 1 38  ? 17.447  -8.746  1.908   1.00 22.32 ? 38  TYR A CD2 1 
ATOM   216  C CE1 . TYR A 1 38  ? 18.029  -6.349  0.645   1.00 21.42 ? 38  TYR A CE1 1 
ATOM   217  C CE2 . TYR A 1 38  ? 18.491  -8.681  0.966   1.00 20.54 ? 38  TYR A CE2 1 
ATOM   218  C CZ  . TYR A 1 38  ? 18.761  -7.462  0.354   1.00 23.53 ? 38  TYR A CZ  1 
ATOM   219  O OH  . TYR A 1 38  ? 19.770  -7.270  -0.571  1.00 27.51 ? 38  TYR A OH  1 
ATOM   220  N N   . LEU A 1 39  ? 14.099  -10.122 1.976   1.00 18.92 ? 39  LEU A N   1 
ATOM   221  C CA  . LEU A 1 39  ? 14.166  -11.323 1.152   1.00 19.56 ? 39  LEU A CA  1 
ATOM   222  C C   . LEU A 1 39  ? 13.036  -11.271 0.131   1.00 19.37 ? 39  LEU A C   1 
ATOM   223  O O   . LEU A 1 39  ? 13.196  -11.596 -1.056  1.00 19.39 ? 39  LEU A O   1 
ATOM   224  C CB  . LEU A 1 39  ? 14.049  -12.570 2.046   1.00 19.80 ? 39  LEU A CB  1 
ATOM   225  C CG  . LEU A 1 39  ? 15.230  -12.892 2.955   1.00 20.10 ? 39  LEU A CG  1 
ATOM   226  C CD1 . LEU A 1 39  ? 14.838  -14.040 3.973   1.00 22.96 ? 39  LEU A CD1 1 
ATOM   227  C CD2 . LEU A 1 39  ? 16.475  -13.263 2.161   1.00 23.20 ? 39  LEU A CD2 1 
ATOM   228  N N   . ARG A 1 40  ? 11.878  -10.879 0.617   1.00 19.01 ? 40  ARG A N   1 
ATOM   229  C CA  . ARG A 1 40  ? 10.746  -10.592 -0.257  1.00 19.71 ? 40  ARG A CA  1 
ATOM   230  C C   . ARG A 1 40  ? 11.029  -9.510  -1.309  1.00 17.84 ? 40  ARG A C   1 
ATOM   231  O O   . ARG A 1 40  ? 10.670  -9.670  -2.440  1.00 16.97 ? 40  ARG A O   1 
ATOM   232  C CB  . ARG A 1 40  ? 9.556   -10.163 0.585   1.00 21.77 ? 40  ARG A CB  1 
ATOM   233  C CG  . ARG A 1 40  ? 8.896   -11.283 1.370   1.00 30.75 ? 40  ARG A CG  1 
ATOM   234  C CD  . ARG A 1 40  ? 7.706   -10.738 2.273   1.00 40.64 ? 40  ARG A CD  1 
ATOM   235  N NE  . ARG A 1 40  ? 7.075   -9.534  1.690   1.00 47.76 ? 40  ARG A NE  1 
ATOM   236  C CZ  . ARG A 1 40  ? 6.499   -9.471  0.485   1.00 53.76 ? 40  ARG A CZ  1 
ATOM   237  N NH1 . ARG A 1 40  ? 6.419   -10.542 -0.308  1.00 57.61 ? 40  ARG A NH1 1 
ATOM   238  N NH2 . ARG A 1 40  ? 5.988   -8.322  0.055   1.00 56.92 ? 40  ARG A NH2 1 
ATOM   239  N N   . LEU A 1 41  ? 11.655  -8.399  -0.939  1.00 17.04 ? 41  LEU A N   1 
ATOM   240  C CA  . LEU A 1 41  ? 11.951  -7.342  -1.898  1.00 17.76 ? 41  LEU A CA  1 
ATOM   241  C C   . LEU A 1 41  ? 12.867  -7.820  -3.025  1.00 18.66 ? 41  LEU A C   1 
ATOM   242  O O   . LEU A 1 41  ? 12.617  -7.563  -4.172  1.00 18.36 ? 41  LEU A O   1 
ATOM   243  C CB  . LEU A 1 41  ? 12.551  -6.110  -1.195  1.00 17.36 ? 41  LEU A CB  1 
ATOM   244  C CG  . LEU A 1 41  ? 13.080  -4.922  -2.024  1.00 19.07 ? 41  LEU A CG  1 
ATOM   245  C CD1 . LEU A 1 41  ? 11.970  -4.122  -2.805  1.00 12.70 ? 41  LEU A CD1 1 
ATOM   246  C CD2 . LEU A 1 41  ? 13.863  -4.002  -1.074  1.00 18.84 ? 41  LEU A CD2 1 
ATOM   247  N N   . ILE A 1 42  ? 13.928  -8.532  -2.693  1.00 19.65 ? 42  ILE A N   1 
ATOM   248  C CA  . ILE A 1 42  ? 14.843  -8.962  -3.684  1.00 20.55 ? 42  ILE A CA  1 
ATOM   249  C C   . ILE A 1 42  ? 14.156  -9.986  -4.617  1.00 20.62 ? 42  ILE A C   1 
ATOM   250  O O   . ILE A 1 42  ? 14.374  -9.964  -5.827  1.00 19.57 ? 42  ILE A O   1 
ATOM   251  C CB  . ILE A 1 42  ? 16.096  -9.546  -3.063  1.00 20.31 ? 42  ILE A CB  1 
ATOM   252  C CG1 . ILE A 1 42  ? 16.874  -8.449  -2.323  1.00 21.68 ? 42  ILE A CG1 1 
ATOM   253  C CG2 . ILE A 1 42  ? 16.926  -10.222 -4.165  1.00 24.87 ? 42  ILE A CG2 1 
ATOM   254  C CD1 . ILE A 1 42  ? 17.458  -7.291  -3.229  1.00 22.58 ? 42  ILE A CD1 1 
ATOM   255  N N   . ARG A 1 43  ? 13.360  -10.892 -4.068  1.00 19.05 ? 43  ARG A N   1 
ATOM   256  C CA  . ARG A 1 43  ? 12.602  -11.795 -4.904  1.00 20.87 ? 43  ARG A CA  1 
ATOM   257  C C   . ARG A 1 43  ? 11.618  -11.047 -5.831  1.00 19.37 ? 43  ARG A C   1 
ATOM   258  O O   . ARG A 1 43  ? 11.469  -11.386 -6.987  1.00 21.68 ? 43  ARG A O   1 
ATOM   259  C CB  . ARG A 1 43  ? 11.875  -12.793 -4.011  1.00 21.95 ? 43  ARG A CB  1 
ATOM   260  C CG  . ARG A 1 43  ? 11.070  -13.812 -4.694  1.00 25.58 ? 43  ARG A CG  1 
ATOM   261  C CD  . ARG A 1 43  ? 10.330  -14.659 -3.615  1.00 31.68 ? 43  ARG A CD  1 
ATOM   262  N NE  . ARG A 1 43  ? 11.274  -15.224 -2.653  1.00 37.81 ? 43  ARG A NE  1 
ATOM   263  C CZ  . ARG A 1 43  ? 11.305  -14.980 -1.342  1.00 41.95 ? 43  ARG A CZ  1 
ATOM   264  N NH1 . ARG A 1 43  ? 10.423  -14.166 -0.768  1.00 44.67 ? 43  ARG A NH1 1 
ATOM   265  N NH2 . ARG A 1 43  ? 12.228  -15.564 -0.581  1.00 44.23 ? 43  ARG A NH2 1 
ATOM   266  N N   . HIS A 1 44  ? 10.961  -10.017 -5.339  1.00 18.83 ? 44  HIS A N   1 
ATOM   267  C CA  . HIS A 1 44  ? 10.036  -9.254  -6.165  1.00 17.55 ? 44  HIS A CA  1 
ATOM   268  C C   . HIS A 1 44  ? 10.828  -8.581  -7.279  1.00 18.58 ? 44  HIS A C   1 
ATOM   269  O O   . HIS A 1 44  ? 10.395  -8.547  -8.416  1.00 17.42 ? 44  HIS A O   1 
ATOM   270  C CB  . HIS A 1 44  ? 9.341   -8.186  -5.351  1.00 19.07 ? 44  HIS A CB  1 
ATOM   271  C CG  . HIS A 1 44  ? 8.553   -7.229  -6.199  1.00 16.79 ? 44  HIS A CG  1 
ATOM   272  N ND1 . HIS A 1 44  ? 7.367   -7.589  -6.801  1.00 18.22 ? 44  HIS A ND1 1 
ATOM   273  C CD2 . HIS A 1 44  ? 8.803   -5.963  -6.597  1.00 19.72 ? 44  HIS A CD2 1 
ATOM   274  C CE1 . HIS A 1 44  ? 6.917   -6.582  -7.541  1.00 19.10 ? 44  HIS A CE1 1 
ATOM   275  N NE2 . HIS A 1 44  ? 7.773   -5.581  -7.444  1.00 16.58 ? 44  HIS A NE2 1 
ATOM   276  N N   . ILE A 1 45  ? 11.989  -8.013  -6.957  1.00 19.02 ? 45  ILE A N   1 
ATOM   277  C CA  . ILE A 1 45  ? 12.815  -7.341  -7.971  1.00 19.74 ? 45  ILE A CA  1 
ATOM   278  C C   . ILE A 1 45  ? 13.269  -8.346  -9.015  1.00 21.63 ? 45  ILE A C   1 
ATOM   279  O O   . ILE A 1 45  ? 13.172  -8.070  -10.207 1.00 21.06 ? 45  ILE A O   1 
ATOM   280  C CB  . ILE A 1 45  ? 14.021  -6.553  -7.366  1.00 18.95 ? 45  ILE A CB  1 
ATOM   281  C CG1 . ILE A 1 45  ? 13.496  -5.345  -6.603  1.00 20.67 ? 45  ILE A CG1 1 
ATOM   282  C CG2 . ILE A 1 45  ? 14.945  -6.034  -8.463  1.00 20.31 ? 45  ILE A CG2 1 
ATOM   283  C CD1 . ILE A 1 45  ? 14.528  -4.632  -5.781  1.00 21.13 ? 45  ILE A CD1 1 
ATOM   284  N N   . ARG A 1 46  ? 13.672  -9.533  -8.597  1.00 23.18 ? 46  ARG A N   1 
ATOM   285  C CA  . ARG A 1 46  ? 14.127  -10.570 -9.571  1.00 25.79 ? 46  ARG A CA  1 
ATOM   286  C C   . ARG A 1 46  ? 13.028  -10.990 -10.522 1.00 25.12 ? 46  ARG A C   1 
ATOM   287  O O   . ARG A 1 46  ? 13.229  -11.020 -11.718 1.00 26.43 ? 46  ARG A O   1 
ATOM   288  C CB  . ARG A 1 46  ? 14.815  -11.747 -8.841  1.00 25.68 ? 46  ARG A CB  1 
ATOM   289  C CG  . ARG A 1 46  ? 16.238  -11.310 -8.408  1.00 31.86 ? 46  ARG A CG  1 
ATOM   290  C CD  . ARG A 1 46  ? 17.216  -12.519 -8.221  1.00 38.42 ? 46  ARG A CD  1 
ATOM   291  N NE  . ARG A 1 46  ? 18.616  -12.090 -8.047  1.00 44.62 ? 46  ARG A NE  1 
ATOM   292  C CZ  . ARG A 1 46  ? 19.445  -11.702 -9.028  1.00 48.14 ? 46  ARG A CZ  1 
ATOM   293  N NH1 . ARG A 1 46  ? 19.048  -11.649 -10.309 1.00 49.54 ? 46  ARG A NH1 1 
ATOM   294  N NH2 . ARG A 1 46  ? 20.696  -11.350 -8.722  1.00 49.60 ? 46  ARG A NH2 1 
ATOM   295  N N   . PHE A 1 47  ? 11.827  -11.164 -10.004 1.00 24.64 ? 47  PHE A N   1 
ATOM   296  C CA  . PHE A 1 47  ? 10.664  -11.487 -10.798 1.00 25.07 ? 47  PHE A CA  1 
ATOM   297  C C   . PHE A 1 47  ? 10.191  -10.352 -11.721 1.00 23.36 ? 47  PHE A C   1 
ATOM   298  O O   . PHE A 1 47  ? 9.773   -10.625 -12.814 1.00 23.31 ? 47  PHE A O   1 
ATOM   299  C CB  . PHE A 1 47  ? 9.572   -11.892 -9.815  1.00 26.19 ? 47  PHE A CB  1 
ATOM   300  C CG  . PHE A 1 47  ? 8.244   -12.232 -10.418 1.00 32.30 ? 47  PHE A CG  1 
ATOM   301  C CD1 . PHE A 1 47  ? 7.217   -11.303 -10.448 1.00 38.88 ? 47  PHE A CD1 1 
ATOM   302  C CD2 . PHE A 1 47  ? 7.989   -13.526 -10.873 1.00 39.55 ? 47  PHE A CD2 1 
ATOM   303  C CE1 . PHE A 1 47  ? 5.958   -11.651 -10.999 1.00 41.38 ? 47  PHE A CE1 1 
ATOM   304  C CE2 . PHE A 1 47  ? 6.766   -13.862 -11.399 1.00 41.75 ? 47  PHE A CE2 1 
ATOM   305  C CZ  . PHE A 1 47  ? 5.742   -12.913 -11.468 1.00 40.99 ? 47  PHE A CZ  1 
ATOM   306  N N   . THR A 1 48  ? 10.228  -9.106  -11.246 1.00 22.06 ? 48  THR A N   1 
ATOM   307  C CA  . THR A 1 48  ? 9.897   -7.934  -12.046 1.00 21.20 ? 48  THR A CA  1 
ATOM   308  C C   . THR A 1 48  ? 10.876  -7.809  -13.233 1.00 21.02 ? 48  THR A C   1 
ATOM   309  O O   . THR A 1 48  ? 10.463  -7.548  -14.369 1.00 20.99 ? 48  THR A O   1 
ATOM   310  C CB  . THR A 1 48  ? 9.888   -6.717  -11.131 1.00 22.43 ? 48  THR A CB  1 
ATOM   311  O OG1 . THR A 1 48  ? 8.858   -6.910  -10.160 1.00 22.05 ? 48  THR A OG1 1 
ATOM   312  C CG2 . THR A 1 48  ? 9.645   -5.406  -11.895 1.00 19.66 ? 48  THR A CG2 1 
ATOM   313  N N   . ILE A 1 49  ? 12.152  -8.057  -12.987 1.00 20.72 ? 49  ILE A N   1 
ATOM   314  C CA  . ILE A 1 49  ? 13.140  -8.097  -14.065 1.00 21.46 ? 49  ILE A CA  1 
ATOM   315  C C   . ILE A 1 49  ? 12.676  -9.029  -15.196 1.00 22.26 ? 49  ILE A C   1 
ATOM   316  O O   . ILE A 1 49  ? 12.730  -8.639  -16.360 1.00 20.95 ? 49  ILE A O   1 
ATOM   317  C CB  . ILE A 1 49  ? 14.544  -8.469  -13.577 1.00 21.17 ? 49  ILE A CB  1 
ATOM   318  C CG1 . ILE A 1 49  ? 15.158  -7.296  -12.804 1.00 20.74 ? 49  ILE A CG1 1 
ATOM   319  C CG2 . ILE A 1 49  ? 15.488  -8.876  -14.763 1.00 22.91 ? 49  ILE A CG2 1 
ATOM   320  C CD1 . ILE A 1 49  ? 16.364  -7.690  -12.017 1.00 19.01 ? 49  ILE A CD1 1 
ATOM   321  N N   . GLU A 1 50  ? 12.139  -10.202 -14.849 1.00 22.99 ? 50  GLU A N   1 
ATOM   322  C CA  . GLU A 1 50  ? 11.743  -11.199 -15.841 1.00 23.91 ? 50  GLU A CA  1 
ATOM   323  C C   . GLU A 1 50  ? 10.535  -10.788 -16.598 1.00 24.79 ? 50  GLU A C   1 
ATOM   324  O O   . GLU A 1 50  ? 10.482  -11.003 -17.806 1.00 23.39 ? 50  GLU A O   1 
ATOM   325  C CB  . GLU A 1 50  ? 11.411  -12.534 -15.181 1.00 25.71 ? 50  GLU A CB  1 
ATOM   326  C CG  . GLU A 1 50  ? 12.580  -13.228 -14.478 1.00 28.52 ? 50  GLU A CG  1 
ATOM   327  C CD  . GLU A 1 50  ? 13.712  -13.497 -15.416 1.00 33.87 ? 50  GLU A CD  1 
ATOM   328  O OE1 . GLU A 1 50  ? 13.459  -14.179 -16.475 1.00 41.87 ? 50  GLU A OE1 1 
ATOM   329  O OE2 . GLU A 1 50  ? 14.851  -13.030 -15.098 1.00 40.59 ? 50  GLU A OE2 1 
ATOM   330  N N   . ARG A 1 51  ? 9.536   -10.254 -15.874 1.00 23.67 ? 51  ARG A N   1 
ATOM   331  C CA  . ARG A 1 51  ? 8.349   -9.711  -16.487 1.00 23.95 ? 51  ARG A CA  1 
ATOM   332  C C   . ARG A 1 51  ? 8.679   -8.557  -17.445 1.00 23.53 ? 51  ARG A C   1 
ATOM   333  O O   . ARG A 1 51  ? 8.065   -8.422  -18.488 1.00 23.70 ? 51  ARG A O   1 
ATOM   334  C CB  . ARG A 1 51  ? 7.359   -9.235  -15.438 1.00 23.63 ? 51  ARG A CB  1 
ATOM   335  C CG  . ARG A 1 51  ? 6.580   -10.425 -14.807 1.00 29.98 ? 51  ARG A CG  1 
ATOM   336  C CD  . ARG A 1 51  ? 5.352   -9.921  -14.016 1.00 35.05 ? 51  ARG A CD  1 
ATOM   337  N NE  . ARG A 1 51  ? 5.822   -9.253  -12.800 1.00 41.33 ? 51  ARG A NE  1 
ATOM   338  C CZ  . ARG A 1 51  ? 5.937   -7.938  -12.637 1.00 44.89 ? 51  ARG A CZ  1 
ATOM   339  N NH1 . ARG A 1 51  ? 5.638   -7.113  -13.638 1.00 44.53 ? 51  ARG A NH1 1 
ATOM   340  N NH2 . ARG A 1 51  ? 6.361   -7.458  -11.449 1.00 47.28 ? 51  ARG A NH2 1 
ATOM   341  N N   . ILE A 1 52  ? 9.603   -7.706  -17.061 1.00 22.61 ? 52  ILE A N   1 
ATOM   342  C CA  . ILE A 1 52  ? 10.001  -6.611  -17.920 1.00 21.88 ? 52  ILE A CA  1 
ATOM   343  C C   . ILE A 1 52  ? 10.645  -7.204  -19.184 1.00 22.51 ? 52  ILE A C   1 
ATOM   344  O O   . ILE A 1 52  ? 10.288  -6.821  -20.309 1.00 21.71 ? 52  ILE A O   1 
ATOM   345  C CB  . ILE A 1 52  ? 10.928  -5.638  -17.148 1.00 21.15 ? 52  ILE A CB  1 
ATOM   346  C CG1 . ILE A 1 52  ? 10.099  -4.909  -16.094 1.00 23.83 ? 52  ILE A CG1 1 
ATOM   347  C CG2 . ILE A 1 52  ? 11.567  -4.549  -18.068 1.00 17.91 ? 52  ILE A CG2 1 
ATOM   348  C CD1 . ILE A 1 52  ? 10.937  -4.084  -15.107 1.00 17.64 ? 52  ILE A CD1 1 
ATOM   349  N N   . LYS A 1 53  ? 11.552  -8.171  -19.009 1.00 23.64 ? 53  LYS A N   1 
ATOM   350  C CA  . LYS A 1 53  ? 12.236  -8.758  -20.191 1.00 25.39 ? 53  LYS A CA  1 
ATOM   351  C C   . LYS A 1 53  ? 11.290  -9.352  -21.193 1.00 26.09 ? 53  LYS A C   1 
ATOM   352  O O   . LYS A 1 53  ? 11.598  -9.336  -22.377 1.00 24.80 ? 53  LYS A O   1 
ATOM   353  C CB  . LYS A 1 53  ? 13.268  -9.813  -19.818 1.00 25.36 ? 53  LYS A CB  1 
ATOM   354  C CG  . LYS A 1 53  ? 14.570  -9.184  -19.311 1.00 29.17 ? 53  LYS A CG  1 
ATOM   355  C CD  . LYS A 1 53  ? 15.450  -10.163 -18.488 1.00 32.34 ? 53  LYS A CD  1 
ATOM   356  C CE  . LYS A 1 53  ? 15.914  -11.400 -19.269 1.00 35.32 ? 53  LYS A CE  1 
ATOM   357  N NZ  . LYS A 1 53  ? 17.439  -11.616 -19.164 1.00 37.78 ? 53  LYS A NZ  1 
ATOM   358  N N   . LYS A 1 54  ? 10.197  -9.921  -20.689 1.00 27.31 ? 54  LYS A N   1 
ATOM   359  C CA  . LYS A 1 54  ? 9.183   -10.585 -21.493 1.00 29.57 ? 54  LYS A CA  1 
ATOM   360  C C   . LYS A 1 54  ? 8.041   -9.679  -21.930 1.00 30.64 ? 54  LYS A C   1 
ATOM   361  O O   . LYS A 1 54  ? 7.106   -10.129 -22.583 1.00 30.34 ? 54  LYS A O   1 
ATOM   362  C CB  . LYS A 1 54  ? 8.582   -11.734 -20.658 1.00 29.56 ? 54  LYS A CB  1 
ATOM   363  C CG  . LYS A 1 54  ? 9.161   -13.102 -20.905 1.00 32.42 ? 54  LYS A CG  1 
ATOM   364  C CD  . LYS A 1 54  ? 9.105   -13.412 -22.403 1.00 35.49 ? 54  LYS A CD  1 
ATOM   365  C CE  . LYS A 1 54  ? 8.531   -14.817 -22.690 1.00 35.07 ? 54  LYS A CE  1 
ATOM   366  N NZ  . LYS A 1 54  ? 8.729   -15.033 -24.136 1.00 36.66 ? 54  LYS A NZ  1 
ATOM   367  N N   . GLU A 1 55  ? 8.064   -8.423  -21.503 1.00 33.03 ? 55  GLU A N   1 
ATOM   368  C CA  . GLU A 1 55  ? 6.982   -7.491  -21.802 1.00 35.79 ? 55  GLU A CA  1 
ATOM   369  C C   . GLU A 1 55  ? 5.580   -8.048  -21.462 1.00 38.72 ? 55  GLU A C   1 
ATOM   370  O O   . GLU A 1 55  ? 4.622   -7.839  -22.211 1.00 39.73 ? 55  GLU A O   1 
ATOM   371  C CB  . GLU A 1 55  ? 7.060   -7.043  -23.271 1.00 35.61 ? 55  GLU A CB  1 
ATOM   372  C CG  . GLU A 1 55  ? 8.475   -6.562  -23.727 1.00 35.23 ? 55  GLU A CG  1 
ATOM   373  C CD  . GLU A 1 55  ? 8.472   -5.961  -25.125 1.00 38.53 ? 55  GLU A CD  1 
ATOM   374  O OE1 . GLU A 1 55  ? 7.359   -5.731  -25.635 1.00 42.43 ? 55  GLU A OE1 1 
ATOM   375  O OE2 . GLU A 1 55  ? 9.543   -5.706  -25.715 1.00 39.31 ? 55  GLU A OE2 1 
ATOM   376  N N   . GLU A 1 56  ? 5.477   -8.743  -20.332 1.00 41.56 ? 56  GLU A N   1 
ATOM   377  C CA  . GLU A 1 56  ? 4.199   -9.247  -19.803 1.00 44.45 ? 56  GLU A CA  1 
ATOM   378  C C   . GLU A 1 56  ? 3.575   -8.227  -18.864 1.00 46.65 ? 56  GLU A C   1 
ATOM   379  O O   . GLU A 1 56  ? 4.288   -7.502  -18.191 1.00 46.54 ? 56  GLU A O   1 
ATOM   380  C CB  . GLU A 1 56  ? 4.445   -10.553 -19.074 1.00 44.54 ? 56  GLU A CB  1 
ATOM   381  C CG  . GLU A 1 56  ? 4.766   -11.640 -20.075 1.00 46.89 ? 56  GLU A CG  1 
ATOM   382  C CD  . GLU A 1 56  ? 5.264   -12.893 -19.448 1.00 48.86 ? 56  GLU A CD  1 
ATOM   383  O OE1 . GLU A 1 56  ? 5.797   -12.816 -18.330 1.00 52.15 ? 56  GLU A OE1 1 
ATOM   384  O OE2 . GLU A 1 56  ? 5.153   -13.950 -20.097 1.00 50.92 ? 56  GLU A OE2 1 
ATOM   385  N N   . PRO A 1 57  ? 2.233   -8.154  -18.818 1.00 50.14 ? 57  PRO A N   1 
ATOM   386  C CA  . PRO A 1 57  ? 1.662   -7.091  -17.955 1.00 51.80 ? 57  PRO A CA  1 
ATOM   387  C C   . PRO A 1 57  ? 1.770   -7.390  -16.468 1.00 52.78 ? 57  PRO A C   1 
ATOM   388  O O   . PRO A 1 57  ? 1.976   -8.537  -16.061 1.00 53.31 ? 57  PRO A O   1 
ATOM   389  C CB  . PRO A 1 57  ? 0.179   -6.998  -18.399 1.00 51.80 ? 57  PRO A CB  1 
ATOM   390  C CG  . PRO A 1 57  ? 0.024   -7.965  -19.611 1.00 51.15 ? 57  PRO A CG  1 
ATOM   391  C CD  . PRO A 1 57  ? 1.178   -8.957  -19.477 1.00 50.38 ? 57  PRO A CD  1 
ATOM   392  N N   . THR A 1 58  ? 1.691   -6.334  -15.677 1.00 54.62 ? 58  THR A N   1 
ATOM   393  C CA  . THR A 1 58  ? 1.511   -6.472  -14.249 1.00 55.89 ? 58  THR A CA  1 
ATOM   394  C C   . THR A 1 58  ? 0.041   -6.805  -14.007 1.00 57.10 ? 58  THR A C   1 
ATOM   395  O O   . THR A 1 58  ? -0.846  -6.209  -14.655 1.00 57.31 ? 58  THR A O   1 
ATOM   396  C CB  . THR A 1 58  ? 1.840   -5.163  -13.509 1.00 55.87 ? 58  THR A CB  1 
ATOM   397  N N   . LYS A 1 59  ? -0.207  -7.762  -13.106 1.00 58.14 ? 59  LYS A N   1 
ATOM   398  C CA  . LYS A 1 59  ? -1.543  -7.957  -12.515 1.00 58.73 ? 59  LYS A CA  1 
ATOM   399  C C   . LYS A 1 59  ? -1.925  -6.705  -11.687 1.00 58.98 ? 59  LYS A C   1 
ATOM   400  O O   . LYS A 1 59  ? -1.290  -6.398  -10.679 1.00 59.60 ? 59  LYS A O   1 
ATOM   401  C CB  . LYS A 1 59  ? -1.594  -9.227  -11.643 1.00 58.56 ? 59  LYS A CB  1 
ATOM   402  N N   . GLU A 1 60  ? -2.937  -5.968  -12.141 1.00 58.87 ? 60  GLU A N   1 
ATOM   403  C CA  . GLU A 1 60  ? -3.435  -4.781  -11.428 1.00 58.67 ? 60  GLU A CA  1 
ATOM   404  C C   . GLU A 1 60  ? -4.058  -5.020  -10.018 1.00 58.11 ? 60  GLU A C   1 
ATOM   405  O O   . GLU A 1 60  ? -3.855  -4.203  -9.123  1.00 58.37 ? 60  GLU A O   1 
ATOM   406  C CB  . GLU A 1 60  ? -4.471  -4.043  -12.312 1.00 58.77 ? 60  GLU A CB  1 
ATOM   407  N N   . PRO A 1 61  ? -4.834  -6.119  -9.825  1.00 57.20 ? 61  PRO A N   1 
ATOM   408  C CA  . PRO A 1 61  ? -5.760  -6.095  -8.689  1.00 55.65 ? 61  PRO A CA  1 
ATOM   409  C C   . PRO A 1 61  ? -5.488  -7.076  -7.525  1.00 53.77 ? 61  PRO A C   1 
ATOM   410  O O   . PRO A 1 61  ? -4.942  -6.666  -6.491  1.00 52.61 ? 61  PRO A O   1 
ATOM   411  C CB  . PRO A 1 61  ? -7.104  -6.429  -9.379  1.00 56.61 ? 61  PRO A CB  1 
ATOM   412  C CG  . PRO A 1 61  ? -6.714  -7.289  -10.651 1.00 56.76 ? 61  PRO A CG  1 
ATOM   413  C CD  . PRO A 1 61  ? -5.198  -7.211  -10.762 1.00 57.59 ? 61  PRO A CD  1 
ATOM   414  N N   . GLU A 1 62  ? -5.885  -8.346  -7.696  1.00 51.64 ? 62  GLU A N   1 
ATOM   415  C CA  . GLU A 1 62  ? -5.949  -9.323  -6.591  1.00 50.00 ? 62  GLU A CA  1 
ATOM   416  C C   . GLU A 1 62  ? -4.573  -9.729  -6.037  1.00 47.92 ? 62  GLU A C   1 
ATOM   417  O O   . GLU A 1 62  ? -4.476  -10.244 -4.923  1.00 48.00 ? 62  GLU A O   1 
ATOM   418  C CB  . GLU A 1 62  ? -6.752  -10.562 -7.022  1.00 50.16 ? 62  GLU A CB  1 
ATOM   419  N N   . LYS A 1 63  ? -3.529  -9.481  -6.831  1.00 45.34 ? 63  LYS A N   1 
ATOM   420  C CA  . LYS A 1 63  ? -2.136  -9.569  -6.403  1.00 43.07 ? 63  LYS A CA  1 
ATOM   421  C C   . LYS A 1 63  ? -1.805  -8.640  -5.212  1.00 40.27 ? 63  LYS A C   1 
ATOM   422  O O   . LYS A 1 63  ? -1.132  -9.048  -4.237  1.00 38.77 ? 63  LYS A O   1 
ATOM   423  C CB  . LYS A 1 63  ? -1.250  -9.169  -7.595  1.00 43.18 ? 63  LYS A CB  1 
ATOM   424  N N   . LEU A 1 64  ? -2.230  -7.376  -5.332  1.00 37.58 ? 64  LEU A N   1 
ATOM   425  C CA  . LEU A 1 64  ? -2.052  -6.374  -4.248  1.00 36.06 ? 64  LEU A CA  1 
ATOM   426  C C   . LEU A 1 64  ? -2.592  -6.855  -2.897  1.00 34.16 ? 64  LEU A C   1 
ATOM   427  O O   . LEU A 1 64  ? -1.977  -6.628  -1.869  1.00 32.49 ? 64  LEU A O   1 
ATOM   428  C CB  . LEU A 1 64  ? -2.649  -4.991  -4.624  1.00 35.55 ? 64  LEU A CB  1 
ATOM   429  C CG  . LEU A 1 64  ? -1.833  -4.093  -5.578  1.00 36.99 ? 64  LEU A CG  1 
ATOM   430  C CD1 . LEU A 1 64  ? -2.305  -2.623  -5.532  1.00 37.57 ? 64  LEU A CD1 1 
ATOM   431  C CD2 . LEU A 1 64  ? -0.348  -4.111  -5.297  1.00 39.37 ? 64  LEU A CD2 1 
ATOM   432  N N   . MET A 1 65  ? -3.727  -7.539  -2.918  1.00 33.07 ? 65  MET A N   1 
ATOM   433  C CA  . MET A 1 65  ? -4.381  -8.013  -1.705  1.00 33.65 ? 65  MET A CA  1 
ATOM   434  C C   . MET A 1 65  ? -3.524  -9.005  -0.929  1.00 31.80 ? 65  MET A C   1 
ATOM   435  O O   . MET A 1 65  ? -3.330  -8.858  0.268   1.00 31.36 ? 65  MET A O   1 
ATOM   436  C CB  . MET A 1 65  ? -5.714  -8.668  -2.066  1.00 34.05 ? 65  MET A CB  1 
ATOM   437  C CG  . MET A 1 65  ? -6.680  -7.667  -2.697  1.00 38.55 ? 65  MET A CG  1 
ATOM   438  S SD  . MET A 1 65  ? -7.599  -6.931  -1.359  1.00 45.46 ? 65  MET A SD  1 
ATOM   439  C CE  . MET A 1 65  ? -8.795  -8.244  -1.146  1.00 43.39 ? 65  MET A CE  1 
ATOM   440  N N   . LEU A 1 66  ? -3.024  -10.010 -1.628  1.00 30.83 ? 66  LEU A N   1 
ATOM   441  C CA  . LEU A 1 66  ? -2.137  -11.012 -1.017  1.00 30.30 ? 66  LEU A CA  1 
ATOM   442  C C   . LEU A 1 66  ? -0.880  -10.375 -0.450  1.00 28.03 ? 66  LEU A C   1 
ATOM   443  O O   . LEU A 1 66  ? -0.480  -10.642 0.683   1.00 27.73 ? 66  LEU A O   1 
ATOM   444  C CB  . LEU A 1 66  ? -1.789  -12.082 -2.027  1.00 31.05 ? 66  LEU A CB  1 
ATOM   445  C CG  . LEU A 1 66  ? -3.047  -12.846 -2.491  1.00 34.90 ? 66  LEU A CG  1 
ATOM   446  C CD1 . LEU A 1 66  ? -2.654  -14.071 -3.370  1.00 35.37 ? 66  LEU A CD1 1 
ATOM   447  C CD2 . LEU A 1 66  ? -3.974  -13.256 -1.316  1.00 37.30 ? 66  LEU A CD2 1 
ATOM   448  N N   . LEU A 1 67  ? -0.313  -9.452  -1.218  1.00 26.64 ? 67  LEU A N   1 
ATOM   449  C CA  . LEU A 1 67  ? 0.889   -8.685  -0.767  1.00 25.20 ? 67  LEU A CA  1 
ATOM   450  C C   . LEU A 1 67  ? 0.637   -7.985  0.586   1.00 23.60 ? 67  LEU A C   1 
ATOM   451  O O   . LEU A 1 67  ? 1.401   -8.139  1.568   1.00 21.17 ? 67  LEU A O   1 
ATOM   452  C CB  . LEU A 1 67  ? 1.234   -7.681  -1.855  1.00 24.22 ? 67  LEU A CB  1 
ATOM   453  C CG  . LEU A 1 67  ? 2.578   -6.949  -1.800  1.00 26.71 ? 67  LEU A CG  1 
ATOM   454  C CD1 . LEU A 1 67  ? 2.819   -6.269  -3.143  1.00 23.71 ? 67  LEU A CD1 1 
ATOM   455  C CD2 . LEU A 1 67  ? 2.594   -5.917  -0.739  1.00 27.74 ? 67  LEU A CD2 1 
ATOM   456  N N   . LEU A 1 68  ? -0.461  -7.206  0.631   1.00 23.25 ? 68  LEU A N   1 
ATOM   457  C CA  . LEU A 1 68  ? -0.866  -6.508  1.861   1.00 22.50 ? 68  LEU A CA  1 
ATOM   458  C C   . LEU A 1 68  ? -1.195  -7.457  2.977   1.00 21.98 ? 68  LEU A C   1 
ATOM   459  O O   . LEU A 1 68  ? -0.852  -7.213  4.116   1.00 22.58 ? 68  LEU A O   1 
ATOM   460  C CB  . LEU A 1 68  ? -2.037  -5.551  1.562   1.00 23.45 ? 68  LEU A CB  1 
ATOM   461  C CG  . LEU A 1 68  ? -1.699  -4.351  0.658   1.00 23.55 ? 68  LEU A CG  1 
ATOM   462  C CD1 . LEU A 1 68  ? -2.930  -3.522  0.476   1.00 23.45 ? 68  LEU A CD1 1 
ATOM   463  C CD2 . LEU A 1 68  ? -0.573  -3.542  1.296   1.00 20.48 ? 68  LEU A CD2 1 
ATOM   464  N N   . LYS A 1 69  ? -1.856  -8.557  2.683   1.00 23.42 ? 69  LYS A N   1 
ATOM   465  C CA  . LYS A 1 69  ? -2.104  -9.539  3.744   1.00 24.17 ? 69  LYS A CA  1 
ATOM   466  C C   . LYS A 1 69  ? -0.798  -10.118 4.399   1.00 24.66 ? 69  LYS A C   1 
ATOM   467  O O   . LYS A 1 69  ? -0.670  -10.216 5.635   1.00 22.56 ? 69  LYS A O   1 
ATOM   468  C CB  . LYS A 1 69  ? -3.043  -10.641 3.227   1.00 25.09 ? 69  LYS A CB  1 
ATOM   469  C CG  . LYS A 1 69  ? -3.639  -11.496 4.361   1.00 27.13 ? 69  LYS A CG  1 
ATOM   470  C CD  . LYS A 1 69  ? -4.530  -12.668 3.797   1.00 30.28 ? 69  LYS A CD  1 
ATOM   471  C CE  . LYS A 1 69  ? -5.154  -13.516 4.947   1.00 29.75 ? 69  LYS A CE  1 
ATOM   472  N NZ  . LYS A 1 69  ? -6.164  -14.486 4.396   1.00 27.78 ? 69  LYS A NZ  1 
ATOM   473  N N   . ASN A 1 70  ? 0.174   -10.446 3.558   1.00 26.62 ? 70  ASN A N   1 
ATOM   474  C CA  . ASN A 1 70  ? 1.487   -10.918 4.002   1.00 27.78 ? 70  ASN A CA  1 
ATOM   475  C C   . ASN A 1 70  ? 2.308   -9.820  4.707   1.00 27.59 ? 70  ASN A C   1 
ATOM   476  O O   . ASN A 1 70  ? 2.859   -10.034 5.822   1.00 29.03 ? 70  ASN A O   1 
ATOM   477  C CB  . ASN A 1 70  ? 2.244   -11.489 2.790   1.00 28.80 ? 70  ASN A CB  1 
ATOM   478  C CG  . ASN A 1 70  ? 1.677   -12.845 2.319   1.00 31.46 ? 70  ASN A CG  1 
ATOM   479  O OD1 . ASN A 1 70  ? 1.091   -13.586 3.100   1.00 33.81 ? 70  ASN A OD1 1 
ATOM   480  N ND2 . ASN A 1 70  ? 1.859   -13.164 1.042   1.00 36.00 ? 70  ASN A ND2 1 
ATOM   481  N N   . GLU A 1 71  ? 2.406   -8.637  4.113   1.00 27.32 ? 71  GLU A N   1 
ATOM   482  C CA  . GLU A 1 71  ? 3.251   -7.582  4.745   1.00 26.74 ? 71  GLU A CA  1 
ATOM   483  C C   . GLU A 1 71  ? 2.694   -6.952  6.013   1.00 26.14 ? 71  GLU A C   1 
ATOM   484  O O   . GLU A 1 71  ? 3.432   -6.703  6.986   1.00 25.03 ? 71  GLU A O   1 
ATOM   485  C CB  . GLU A 1 71  ? 3.524   -6.459  3.769   1.00 26.65 ? 71  GLU A CB  1 
ATOM   486  C CG  . GLU A 1 71  ? 4.396   -6.864  2.583   1.00 29.22 ? 71  GLU A CG  1 
ATOM   487  C CD  . GLU A 1 71  ? 4.849   -5.666  1.776   1.00 29.73 ? 71  GLU A CD  1 
ATOM   488  O OE1 . GLU A 1 71  ? 4.236   -4.548  1.875   1.00 29.33 ? 71  GLU A OE1 1 
ATOM   489  O OE2 . GLU A 1 71  ? 5.835   -5.850  1.053   1.00 29.27 ? 71  GLU A OE2 1 
ATOM   490  N N   . TYR A 1 72  ? 1.383   -6.656  6.005   1.00 24.92 ? 72  TYR A N   1 
ATOM   491  C CA  . TYR A 1 72  ? 0.738   -6.096  7.202   1.00 24.94 ? 72  TYR A CA  1 
ATOM   492  C C   . TYR A 1 72  ? -0.568  -6.801  7.586   1.00 24.89 ? 72  TYR A C   1 
ATOM   493  O O   . TYR A 1 72  ? -1.676  -6.198  7.410   1.00 24.34 ? 72  TYR A O   1 
ATOM   494  C CB  . TYR A 1 72  ? 0.402   -4.615  6.979   1.00 25.74 ? 72  TYR A CB  1 
ATOM   495  C CG  . TYR A 1 72  ? 1.620   -3.765  6.832   1.00 25.79 ? 72  TYR A CG  1 
ATOM   496  C CD1 . TYR A 1 72  ? 2.255   -3.238  7.976   1.00 28.44 ? 72  TYR A CD1 1 
ATOM   497  C CD2 . TYR A 1 72  ? 2.148   -3.504  5.560   1.00 25.65 ? 72  TYR A CD2 1 
ATOM   498  C CE1 . TYR A 1 72  ? 3.403   -2.430  7.861   1.00 29.96 ? 72  TYR A CE1 1 
ATOM   499  C CE2 . TYR A 1 72  ? 3.260   -2.729  5.418   1.00 29.03 ? 72  TYR A CE2 1 
ATOM   500  C CZ  . TYR A 1 72  ? 3.909   -2.191  6.574   1.00 32.03 ? 72  TYR A CZ  1 
ATOM   501  O OH  . TYR A 1 72  ? 5.043   -1.399  6.458   1.00 33.26 ? 72  TYR A OH  1 
ATOM   502  N N   . PRO A 1 73  ? -0.451  -8.041  8.101   1.00 24.90 ? 73  PRO A N   1 
ATOM   503  C CA  . PRO A 1 73  ? -1.611  -8.845  8.500   1.00 24.84 ? 73  PRO A CA  1 
ATOM   504  C C   . PRO A 1 73  ? -2.552  -8.072  9.417   1.00 24.83 ? 73  PRO A C   1 
ATOM   505  O O   . PRO A 1 73  ? -3.766  -8.160  9.281   1.00 24.30 ? 73  PRO A O   1 
ATOM   506  C CB  . PRO A 1 73  ? -0.989  -10.041 9.258   1.00 23.95 ? 73  PRO A CB  1 
ATOM   507  C CG  . PRO A 1 73  ? 0.501   -9.739  9.370   1.00 25.26 ? 73  PRO A CG  1 
ATOM   508  C CD  . PRO A 1 73  ? 0.821   -8.786  8.306   1.00 25.66 ? 73  PRO A CD  1 
ATOM   509  N N   . LEU A 1 74  ? -2.006  -7.310  10.345  1.00 24.45 ? 74  LEU A N   1 
ATOM   510  C CA  . LEU A 1 74  ? -2.877  -6.684  11.335  1.00 24.40 ? 74  LEU A CA  1 
ATOM   511  C C   . LEU A 1 74  ? -3.687  -5.538  10.736  1.00 22.16 ? 74  LEU A C   1 
ATOM   512  O O   . LEU A 1 74  ? -4.902  -5.419  11.043  1.00 20.96 ? 74  LEU A O   1 
ATOM   513  C CB  . LEU A 1 74  ? -2.080  -6.230  12.578  1.00 25.23 ? 74  LEU A CB  1 
ATOM   514  C CG  . LEU A 1 74  ? -2.925  -5.562  13.672  1.00 27.58 ? 74  LEU A CG  1 
ATOM   515  C CD1 . LEU A 1 74  ? -4.042  -6.524  14.031  1.00 29.40 ? 74  LEU A CD1 1 
ATOM   516  C CD2 . LEU A 1 74  ? -2.145  -5.136  14.962  1.00 26.69 ? 74  LEU A CD2 1 
ATOM   517  N N   . CYS A 1 75  ? -3.031  -4.708  9.902   1.00 21.86 ? 75  CYS A N   1 
ATOM   518  C CA  . CYS A 1 75  ? -3.720  -3.608  9.217   1.00 20.84 ? 75  CYS A CA  1 
ATOM   519  C C   . CYS A 1 75  ? -4.722  -4.162  8.212   1.00 19.07 ? 75  CYS A C   1 
ATOM   520  O O   . CYS A 1 75  ? -5.876  -3.641  8.108   1.00 17.63 ? 75  CYS A O   1 
ATOM   521  C CB  . CYS A 1 75  ? -2.742  -2.640  8.562   1.00 22.24 ? 75  CYS A CB  1 
ATOM   522  S SG  . CYS A 1 75  ? -1.676  -1.774  9.817   1.00 25.60 ? 75  CYS A SG  1 
ATOM   523  N N   . TYR A 1 76  ? -4.309  -5.201  7.486   1.00 17.05 ? 76  TYR A N   1 
ATOM   524  C CA  . TYR A 1 76  ? -5.154  -5.840  6.481   1.00 17.23 ? 76  TYR A CA  1 
ATOM   525  C C   . TYR A 1 76  ? -6.486  -6.351  7.101   1.00 18.26 ? 76  TYR A C   1 
ATOM   526  O O   . TYR A 1 76  ? -7.562  -6.062  6.604   1.00 18.81 ? 76  TYR A O   1 
ATOM   527  C CB  . TYR A 1 76  ? -4.397  -6.975  5.830   1.00 16.72 ? 76  TYR A CB  1 
ATOM   528  C CG  . TYR A 1 76  ? -5.170  -7.748  4.784   1.00 15.54 ? 76  TYR A CG  1 
ATOM   529  C CD1 . TYR A 1 76  ? -5.310  -7.251  3.541   1.00 14.88 ? 76  TYR A CD1 1 
ATOM   530  C CD2 . TYR A 1 76  ? -5.825  -8.919  5.082   1.00 13.40 ? 76  TYR A CD2 1 
ATOM   531  C CE1 . TYR A 1 76  ? -5.972  -7.924  2.560   1.00 13.52 ? 76  TYR A CE1 1 
ATOM   532  C CE2 . TYR A 1 76  ? -6.469  -9.624  4.094   1.00 14.62 ? 76  TYR A CE2 1 
ATOM   533  C CZ  . TYR A 1 76  ? -6.562  -9.087  2.841   1.00 18.83 ? 76  TYR A CZ  1 
ATOM   534  O OH  . TYR A 1 76  ? -7.237  -9.733  1.814   1.00 21.50 ? 76  TYR A OH  1 
ATOM   535  N N   . ASN A 1 77  ? -6.386  -7.132  8.178   1.00 19.64 ? 77  ASN A N   1 
ATOM   536  C CA  . ASN A 1 77  ? -7.532  -7.730  8.825   1.00 18.67 ? 77  ASN A CA  1 
ATOM   537  C C   . ASN A 1 77  ? -8.403  -6.676  9.513   1.00 18.42 ? 77  ASN A C   1 
ATOM   538  O O   . ASN A 1 77  ? -9.611  -6.775  9.497   1.00 18.31 ? 77  ASN A O   1 
ATOM   539  C CB  . ASN A 1 77  ? -7.031  -8.826  9.786   1.00 19.77 ? 77  ASN A CB  1 
ATOM   540  C CG  . ASN A 1 77  ? -6.683  -10.107 9.032   1.00 22.24 ? 77  ASN A CG  1 
ATOM   541  O OD1 . ASN A 1 77  ? -7.418  -10.525 8.103   1.00 25.60 ? 77  ASN A OD1 1 
ATOM   542  N ND2 . ASN A 1 77  ? -5.576  -10.716 9.384   1.00 24.88 ? 77  ASN A ND2 1 
ATOM   543  N N   . THR A 1 78  ? -7.757  -5.640  10.051  1.00 16.26 ? 78  THR A N   1 
ATOM   544  C CA  . THR A 1 78  ? -8.413  -4.471  10.555  1.00 18.01 ? 78  THR A CA  1 
ATOM   545  C C   . THR A 1 78  ? -9.274  -3.772  9.474   1.00 16.37 ? 78  THR A C   1 
ATOM   546  O O   . THR A 1 78  ? -10.448 -3.491  9.728   1.00 16.14 ? 78  THR A O   1 
ATOM   547  C CB  . THR A 1 78  ? -7.413  -3.563  11.362  1.00 18.45 ? 78  THR A CB  1 
ATOM   548  O OG1 . THR A 1 78  ? -6.722  -4.357  12.363  1.00 19.69 ? 78  THR A OG1 1 
ATOM   549  C CG2 . THR A 1 78  ? -8.176  -2.501  12.065  1.00 17.64 ? 78  THR A CG2 1 
ATOM   550  N N   . ALA A 1 79  ? -8.731  -3.561  8.267   1.00 15.80 ? 79  ALA A N   1 
ATOM   551  C CA  . ALA A 1 79  ? -9.497  -3.065  7.093   1.00 16.79 ? 79  ALA A CA  1 
ATOM   552  C C   . ALA A 1 79  ? -10.769 -3.869  6.808   1.00 16.74 ? 79  ALA A C   1 
ATOM   553  O O   . ALA A 1 79  ? -11.874 -3.316  6.573   1.00 16.49 ? 79  ALA A O   1 
ATOM   554  C CB  . ALA A 1 79  ? -8.620  -3.077  5.845   1.00 15.97 ? 79  ALA A CB  1 
ATOM   555  N N   . TRP A 1 80  ? -10.570 -5.194  6.701   1.00 17.74 ? 80  TRP A N   1 
ATOM   556  C CA  . TRP A 1 80  ? -11.669 -6.096  6.528   1.00 16.96 ? 80  TRP A CA  1 
ATOM   557  C C   . TRP A 1 80  ? -12.696 -6.041  7.709   1.00 16.87 ? 80  TRP A C   1 
ATOM   558  O O   . TRP A 1 80  ? -13.907 -6.228  7.462   1.00 16.82 ? 80  TRP A O   1 
ATOM   559  C CB  . TRP A 1 80  ? -11.162 -7.528  6.247   1.00 17.88 ? 80  TRP A CB  1 
ATOM   560  C CG  . TRP A 1 80  ? -10.779 -7.707  4.845   1.00 17.83 ? 80  TRP A CG  1 
ATOM   561  C CD1 . TRP A 1 80  ? -9.495  -7.846  4.348   1.00 16.42 ? 80  TRP A CD1 1 
ATOM   562  C CD2 . TRP A 1 80  ? -11.635 -7.674  3.699   1.00 19.15 ? 80  TRP A CD2 1 
ATOM   563  N NE1 . TRP A 1 80  ? -9.508  -7.914  2.981   1.00 16.43 ? 80  TRP A NE1 1 
ATOM   564  C CE2 . TRP A 1 80  ? -10.804 -7.833  2.549   1.00 18.56 ? 80  TRP A CE2 1 
ATOM   565  C CE3 . TRP A 1 80  ? -13.021 -7.570  3.518   1.00 20.12 ? 80  TRP A CE3 1 
ATOM   566  C CZ2 . TRP A 1 80  ? -11.312 -7.879  1.262   1.00 21.94 ? 80  TRP A CZ2 1 
ATOM   567  C CZ3 . TRP A 1 80  ? -13.528 -7.630  2.221   1.00 21.43 ? 80  TRP A CZ3 1 
ATOM   568  C CH2 . TRP A 1 80  ? -12.669 -7.759  1.110   1.00 18.12 ? 80  TRP A CH2 1 
ATOM   569  N N   . LYS A 1 81  ? -12.287 -5.792  8.959   1.00 16.19 ? 81  LYS A N   1 
ATOM   570  C CA  . LYS A 1 81  ? -13.302 -5.737  10.047  1.00 17.87 ? 81  LYS A CA  1 
ATOM   571  C C   . LYS A 1 81  ? -14.107 -4.473  9.896   1.00 17.70 ? 81  LYS A C   1 
ATOM   572  O O   . LYS A 1 81  ? -15.316 -4.456  10.196  1.00 18.85 ? 81  LYS A O   1 
ATOM   573  C CB  . LYS A 1 81  ? -12.697 -5.616  11.464  1.00 19.09 ? 81  LYS A CB  1 
ATOM   574  C CG  . LYS A 1 81  ? -11.935 -6.773  11.946  1.00 24.16 ? 81  LYS A CG  1 
ATOM   575  C CD  . LYS A 1 81  ? -11.544 -6.503  13.426  1.00 25.07 ? 81  LYS A CD  1 
ATOM   576  C CE  . LYS A 1 81  ? -10.204 -7.126  13.674  1.00 30.65 ? 81  LYS A CE  1 
ATOM   577  N NZ  . LYS A 1 81  ? -10.227 -8.571  13.239  1.00 29.99 ? 81  LYS A NZ  1 
ATOM   578  N N   . LEU A 1 82  ? -13.448 -3.396  9.455   1.00 16.18 ? 82  LEU A N   1 
ATOM   579  C CA  . LEU A 1 82  ? -14.117 -2.119  9.139   1.00 16.37 ? 82  LEU A CA  1 
ATOM   580  C C   . LEU A 1 82  ? -15.182 -2.349  8.060   1.00 16.22 ? 82  LEU A C   1 
ATOM   581  O O   . LEU A 1 82  ? -16.332 -1.968  8.232   1.00 14.85 ? 82  LEU A O   1 
ATOM   582  C CB  . LEU A 1 82  ? -13.122 -1.015  8.702   1.00 15.81 ? 82  LEU A CB  1 
ATOM   583  C CG  . LEU A 1 82  ? -12.085 -0.652  9.770   1.00 19.10 ? 82  LEU A CG  1 
ATOM   584  C CD1 . LEU A 1 82  ? -11.243 0.594   9.338   1.00 17.51 ? 82  LEU A CD1 1 
ATOM   585  C CD2 . LEU A 1 82  ? -12.700 -0.454  11.160  1.00 21.27 ? 82  LEU A CD2 1 
ATOM   586  N N   . ILE A 1 83  ? -14.788 -3.030  7.000   1.00 16.87 ? 83  ILE A N   1 
ATOM   587  C CA  . ILE A 1 83  ? -15.611 -3.305  5.857   1.00 16.31 ? 83  ILE A CA  1 
ATOM   588  C C   . ILE A 1 83  ? -16.819 -4.199  6.209   1.00 17.71 ? 83  ILE A C   1 
ATOM   589  O O   . ILE A 1 83  ? -17.928 -3.964  5.756   1.00 17.42 ? 83  ILE A O   1 
ATOM   590  C CB  . ILE A 1 83  ? -14.759 -3.894  4.760   1.00 17.11 ? 83  ILE A CB  1 
ATOM   591  C CG1 . ILE A 1 83  ? -13.867 -2.781  4.150   1.00 16.33 ? 83  ILE A CG1 1 
ATOM   592  C CG2 . ILE A 1 83  ? -15.643 -4.635  3.707   1.00 15.92 ? 83  ILE A CG2 1 
ATOM   593  C CD1 . ILE A 1 83  ? -13.039 -3.258  2.962   1.00 20.46 ? 83  ILE A CD1 1 
ATOM   594  N N   . LYS A 1 84  ? -16.584 -5.184  7.055   1.00 17.55 ? 84  LYS A N   1 
ATOM   595  C CA  . LYS A 1 84  ? -17.620 -5.987  7.642   1.00 17.51 ? 84  LYS A CA  1 
ATOM   596  C C   . LYS A 1 84  ? -18.665 -5.109  8.307   1.00 16.62 ? 84  LYS A C   1 
ATOM   597  O O   . LYS A 1 84  ? -19.864 -5.289  8.054   1.00 16.68 ? 84  LYS A O   1 
ATOM   598  C CB  . LYS A 1 84  ? -17.009 -7.055  8.575   1.00 17.74 ? 84  LYS A CB  1 
ATOM   599  C CG  . LYS A 1 84  ? -17.989 -7.935  9.289   1.00 19.57 ? 84  LYS A CG  1 
ATOM   600  C CD  . LYS A 1 84  ? -17.364 -9.045  10.139  1.00 25.55 ? 84  LYS A CD  1 
ATOM   601  C CE  . LYS A 1 84  ? -18.479 -9.844  10.841  1.00 28.99 ? 84  LYS A CE  1 
ATOM   602  N NZ  . LYS A 1 84  ? -17.976 -11.141 11.436  1.00 31.33 ? 84  LYS A NZ  1 
ATOM   603  N N   . ILE A 1 85  ? -18.240 -4.152  9.129   1.00 16.39 ? 85  ILE A N   1 
ATOM   604  C CA  . ILE A 1 85  ? -19.209 -3.290  9.814   1.00 16.08 ? 85  ILE A CA  1 
ATOM   605  C C   . ILE A 1 85  ? -20.000 -2.441  8.789   1.00 16.63 ? 85  ILE A C   1 
ATOM   606  O O   . ILE A 1 85  ? -21.208 -2.295  8.911   1.00 16.40 ? 85  ILE A O   1 
ATOM   607  C CB  . ILE A 1 85  ? -18.552 -2.417  10.884  1.00 16.74 ? 85  ILE A CB  1 
ATOM   608  C CG1 . ILE A 1 85  ? -18.101 -3.291  12.059  1.00 18.45 ? 85  ILE A CG1 1 
ATOM   609  C CG2 . ILE A 1 85  ? -19.535 -1.346  11.386  1.00 15.33 ? 85  ILE A CG2 1 
ATOM   610  C CD1 . ILE A 1 85  ? -17.131 -2.611  13.006  1.00 18.22 ? 85  ILE A CD1 1 
ATOM   611  N N   . LEU A 1 86  ? -19.303 -1.917  7.773   1.00 15.71 ? 86  LEU A N   1 
ATOM   612  C CA  . LEU A 1 86  ? -19.916 -1.123  6.693   1.00 17.47 ? 86  LEU A CA  1 
ATOM   613  C C   . LEU A 1 86  ? -20.975 -1.888  5.858   1.00 18.10 ? 86  LEU A C   1 
ATOM   614  O O   . LEU A 1 86  ? -22.011 -1.346  5.411   1.00 17.65 ? 86  LEU A O   1 
ATOM   615  C CB  . LEU A 1 86  ? -18.790 -0.549  5.790   1.00 16.20 ? 86  LEU A CB  1 
ATOM   616  C CG  . LEU A 1 86  ? -17.823 0.430   6.492   1.00 19.30 ? 86  LEU A CG  1 
ATOM   617  C CD1 . LEU A 1 86  ? -16.618 0.933   5.599   1.00 19.72 ? 86  LEU A CD1 1 
ATOM   618  C CD2 . LEU A 1 86  ? -18.595 1.643   7.042   1.00 20.01 ? 86  LEU A CD2 1 
ATOM   619  N N   . GLN A 1 87  ? -20.705 -3.169  5.644   1.00 19.16 ? 87  GLN A N   1 
ATOM   620  C CA  . GLN A 1 87  ? -21.616 -3.983  4.887   1.00 21.38 ? 87  GLN A CA  1 
ATOM   621  C C   . GLN A 1 87  ? -22.850 -4.273  5.704   1.00 20.66 ? 87  GLN A C   1 
ATOM   622  O O   . GLN A 1 87  ? -23.973 -4.296  5.160   1.00 19.84 ? 87  GLN A O   1 
ATOM   623  C CB  . GLN A 1 87  ? -20.948 -5.306  4.570   1.00 21.64 ? 87  GLN A CB  1 
ATOM   624  C CG  . GLN A 1 87  ? -21.104 -5.636  3.203   1.00 27.89 ? 87  GLN A CG  1 
ATOM   625  C CD  . GLN A 1 87  ? -19.942 -6.413  2.701   1.00 31.78 ? 87  GLN A CD  1 
ATOM   626  O OE1 . GLN A 1 87  ? -18.795 -6.301  3.198   1.00 34.45 ? 87  GLN A OE1 1 
ATOM   627  N NE2 . GLN A 1 87  ? -20.212 -7.215  1.728   1.00 22.67 ? 87  GLN A NE2 1 
ATOM   628  N N   . GLN A 1 88  ? -22.618 -4.564  6.976   1.00 21.35 ? 88  GLN A N   1 
ATOM   629  C CA  . GLN A 1 88  ? -23.698 -4.936  7.893   1.00 22.19 ? 88  GLN A CA  1 
ATOM   630  C C   . GLN A 1 88  ? -24.663 -3.722  8.072   1.00 21.88 ? 88  GLN A C   1 
ATOM   631  O O   . GLN A 1 88  ? -25.873 -3.897  8.183   1.00 21.57 ? 88  GLN A O   1 
ATOM   632  C CB  . GLN A 1 88  ? -23.160 -5.454  9.226   1.00 22.99 ? 88  GLN A CB  1 
ATOM   633  C CG  . GLN A 1 88  ? -22.493 -6.888  9.203   1.00 24.49 ? 88  GLN A CG  1 
ATOM   634  C CD  . GLN A 1 88  ? -21.609 -7.132  10.451  1.00 27.15 ? 88  GLN A CD  1 
ATOM   635  O OE1 . GLN A 1 88  ? -21.042 -6.210  11.016  1.00 27.15 ? 88  GLN A OE1 1 
ATOM   636  N NE2 . GLN A 1 88  ? -21.457 -8.379  10.833  1.00 33.72 ? 88  GLN A NE2 1 
ATOM   637  N N   . THR A 1 89  ? -24.110 -2.511  8.039   1.00 22.12 ? 89  THR A N   1 
ATOM   638  C CA  . THR A 1 89  ? -24.843 -1.256  8.270   1.00 23.03 ? 89  THR A CA  1 
ATOM   639  C C   . THR A 1 89  ? -25.420 -0.659  7.012   1.00 23.24 ? 89  THR A C   1 
ATOM   640  O O   . THR A 1 89  ? -26.652 -0.401  6.920   1.00 24.02 ? 89  THR A O   1 
ATOM   641  C CB  . THR A 1 89  ? -23.943 -0.260  8.973   1.00 23.84 ? 89  THR A CB  1 
ATOM   642  O OG1 . THR A 1 89  ? -23.719 -0.757  10.305  1.00 28.94 ? 89  THR A OG1 1 
ATOM   643  C CG2 . THR A 1 89  ? -24.604 1.122   9.085   1.00 27.29 ? 89  THR A CG2 1 
ATOM   644  N N   . LEU A 1 90  ? -24.556 -0.450  6.024   1.00 22.04 ? 90  LEU A N   1 
ATOM   645  C CA  . LEU A 1 90  ? -24.955 0.207   4.769   1.00 22.75 ? 90  LEU A CA  1 
ATOM   646  C C   . LEU A 1 90  ? -25.591 -0.747  3.773   1.00 23.92 ? 90  LEU A C   1 
ATOM   647  O O   . LEU A 1 90  ? -26.279 -0.320  2.835   1.00 22.63 ? 90  LEU A O   1 
ATOM   648  C CB  . LEU A 1 90  ? -23.743 0.886   4.114   1.00 22.21 ? 90  LEU A CB  1 
ATOM   649  C CG  . LEU A 1 90  ? -22.986 1.882   4.999   1.00 22.06 ? 90  LEU A CG  1 
ATOM   650  C CD1 . LEU A 1 90  ? -21.656 2.262   4.288   1.00 23.03 ? 90  LEU A CD1 1 
ATOM   651  C CD2 . LEU A 1 90  ? -23.829 3.156   5.430   1.00 23.20 ? 90  LEU A CD2 1 
ATOM   652  N N   . LYS A 1 91  ? -25.352 -2.039  3.987   1.00 25.07 ? 91  LYS A N   1 
ATOM   653  C CA  . LYS A 1 91  ? -25.860 -3.152  3.141   1.00 26.71 ? 91  LYS A CA  1 
ATOM   654  C C   . LYS A 1 91  ? -25.438 -3.182  1.690   1.00 27.82 ? 91  LYS A C   1 
ATOM   655  O O   . LYS A 1 91  ? -25.987 -3.919  0.890   1.00 31.30 ? 91  LYS A O   1 
ATOM   656  C CB  . LYS A 1 91  ? -27.380 -3.224  3.218   1.00 26.73 ? 91  LYS A CB  1 
ATOM   657  C CG  . LYS A 1 91  ? -27.896 -3.273  4.610   1.00 28.66 ? 91  LYS A CG  1 
ATOM   658  C CD  . LYS A 1 91  ? -29.416 -3.269  4.552   1.00 34.77 ? 91  LYS A CD  1 
ATOM   659  C CE  . LYS A 1 91  ? -30.038 -3.637  5.887   1.00 37.19 ? 91  LYS A CE  1 
ATOM   660  N NZ  . LYS A 1 91  ? -31.532 -3.937  5.720   1.00 40.71 ? 91  LYS A NZ  1 
ATOM   661  N N   . LYS A 1 92  ? -24.478 -2.398  1.285   1.00 27.84 ? 92  LYS A N   1 
ATOM   662  C CA  . LYS A 1 92  ? -24.167 -2.431  -0.098  1.00 27.08 ? 92  LYS A CA  1 
ATOM   663  C C   . LYS A 1 92  ? -22.992 -3.330  -0.244  1.00 26.07 ? 92  LYS A C   1 
ATOM   664  O O   . LYS A 1 92  ? -22.260 -3.513  0.688   1.00 25.06 ? 92  LYS A O   1 
ATOM   665  C CB  . LYS A 1 92  ? -23.939 -1.012  -0.579  1.00 28.39 ? 92  LYS A CB  1 
ATOM   666  C CG  . LYS A 1 92  ? -25.277 -0.296  -0.702  1.00 30.63 ? 92  LYS A CG  1 
ATOM   667  C CD  . LYS A 1 92  ? -25.095 1.171   -0.967  1.00 34.15 ? 92  LYS A CD  1 
ATOM   668  C CE  . LYS A 1 92  ? -26.454 1.868   -0.921  1.00 36.60 ? 92  LYS A CE  1 
ATOM   669  N NZ  . LYS A 1 92  ? -27.319 1.365   -2.008  1.00 37.37 ? 92  LYS A NZ  1 
ATOM   670  N N   . PRO A 1 93  ? -22.836 -3.960  -1.406  1.00 26.09 ? 93  PRO A N   1 
ATOM   671  C CA  . PRO A 1 93  ? -21.587 -4.667  -1.621  1.00 26.38 ? 93  PRO A CA  1 
ATOM   672  C C   . PRO A 1 93  ? -20.352 -3.784  -1.456  1.00 26.58 ? 93  PRO A C   1 
ATOM   673  O O   . PRO A 1 93  ? -20.472 -2.565  -1.590  1.00 26.72 ? 93  PRO A O   1 
ATOM   674  C CB  . PRO A 1 93  ? -21.687 -5.103  -3.079  1.00 27.54 ? 93  PRO A CB  1 
ATOM   675  C CG  . PRO A 1 93  ? -22.744 -4.160  -3.700  1.00 27.01 ? 93  PRO A CG  1 
ATOM   676  C CD  . PRO A 1 93  ? -23.710 -3.980  -2.589  1.00 26.07 ? 93  PRO A CD  1 
ATOM   677  N N   . VAL A 1 94  ? -19.189 -4.389  -1.188  1.00 26.75 ? 94  VAL A N   1 
ATOM   678  C CA  . VAL A 1 94  ? -17.924 -3.624  -1.066  1.00 25.39 ? 94  VAL A CA  1 
ATOM   679  C C   . VAL A 1 94  ? -16.849 -4.183  -2.016  1.00 26.80 ? 94  VAL A C   1 
ATOM   680  O O   . VAL A 1 94  ? -16.498 -5.366  -1.985  1.00 27.96 ? 94  VAL A O   1 
ATOM   681  C CB  . VAL A 1 94  ? -17.419 -3.516  0.357   1.00 25.50 ? 94  VAL A CB  1 
ATOM   682  C CG1 . VAL A 1 94  ? -16.133 -2.616  0.378   1.00 22.33 ? 94  VAL A CG1 1 
ATOM   683  C CG2 . VAL A 1 94  ? -18.505 -2.908  1.296   1.00 20.23 ? 94  VAL A CG2 1 
ATOM   684  N N   . HIS A 1 95  ? -16.349 -3.325  -2.880  1.00 26.72 ? 95  HIS A N   1 
ATOM   685  C CA  . HIS A 1 95  ? -15.382 -3.726  -3.852  1.00 28.38 ? 95  HIS A CA  1 
ATOM   686  C C   . HIS A 1 95  ? -14.091 -3.885  -3.083  1.00 27.79 ? 95  HIS A C   1 
ATOM   687  O O   . HIS A 1 95  ? -13.756 -3.042  -2.216  1.00 25.70 ? 95  HIS A O   1 
ATOM   688  C CB  . HIS A 1 95  ? -15.315 -2.688  -4.984  1.00 29.91 ? 95  HIS A CB  1 
ATOM   689  C CG  . HIS A 1 95  ? -16.623 -2.523  -5.741  1.00 37.20 ? 95  HIS A CG  1 
ATOM   690  N ND1 . HIS A 1 95  ? -16.910 -1.422  -6.538  1.00 41.16 ? 95  HIS A ND1 1 
ATOM   691  C CD2 . HIS A 1 95  ? -17.728 -3.321  -5.805  1.00 43.05 ? 95  HIS A CD2 1 
ATOM   692  C CE1 . HIS A 1 95  ? -18.124 -1.552  -7.054  1.00 42.35 ? 95  HIS A CE1 1 
ATOM   693  N NE2 . HIS A 1 95  ? -18.642 -2.691  -6.624  1.00 43.50 ? 95  HIS A NE2 1 
ATOM   694  N N   . GLU A 1 96  ? -13.402 -4.988  -3.343  1.00 26.60 ? 96  GLU A N   1 
ATOM   695  C CA  . GLU A 1 96  ? -12.169 -5.360  -2.646  1.00 27.49 ? 96  GLU A CA  1 
ATOM   696  C C   . GLU A 1 96  ? -11.129 -4.248  -2.597  1.00 25.93 ? 96  GLU A C   1 
ATOM   697  O O   . GLU A 1 96  ? -10.353 -4.230  -1.704  1.00 25.32 ? 96  GLU A O   1 
ATOM   698  C CB  . GLU A 1 96  ? -11.484 -6.554  -3.359  1.00 28.49 ? 96  GLU A CB  1 
ATOM   699  C CG  . GLU A 1 96  ? -11.913 -7.878  -2.901  1.00 33.47 ? 96  GLU A CG  1 
ATOM   700  C CD  . GLU A 1 96  ? -11.214 -9.046  -3.671  1.00 36.04 ? 96  GLU A CD  1 
ATOM   701  O OE1 . GLU A 1 96  ? -10.287 -8.820  -4.487  1.00 38.83 ? 96  GLU A OE1 1 
ATOM   702  O OE2 . GLU A 1 96  ? -11.640 -10.189 -3.456  1.00 39.08 ? 96  GLU A OE2 1 
ATOM   703  N N   . ALA A 1 97  ? -11.035 -3.431  -3.649  1.00 24.90 ? 97  ALA A N   1 
ATOM   704  C CA  . ALA A 1 97  ? -10.130 -2.276  -3.719  1.00 23.96 ? 97  ALA A CA  1 
ATOM   705  C C   . ALA A 1 97  ? -10.261 -1.408  -2.469  1.00 23.03 ? 97  ALA A C   1 
ATOM   706  O O   . ALA A 1 97  ? -9.312  -0.742  -2.085  1.00 23.18 ? 97  ALA A O   1 
ATOM   707  C CB  . ALA A 1 97  ? -10.470 -1.411  -4.965  1.00 23.75 ? 97  ALA A CB  1 
ATOM   708  N N   . GLU A 1 98  ? -11.450 -1.378  -1.861  1.00 21.48 ? 98  GLU A N   1 
ATOM   709  C CA  . GLU A 1 98  ? -11.640 -0.619  -0.633  1.00 21.40 ? 98  GLU A CA  1 
ATOM   710  C C   . GLU A 1 98  ? -10.808 -1.146  0.540   1.00 20.62 ? 98  GLU A C   1 
ATOM   711  O O   . GLU A 1 98  ? -10.320 -0.325  1.317   1.00 21.36 ? 98  GLU A O   1 
ATOM   712  C CB  . GLU A 1 98  ? -13.147 -0.460  -0.266  1.00 21.60 ? 98  GLU A CB  1 
ATOM   713  C CG  . GLU A 1 98  ? -13.991 0.297   -1.345  1.00 20.41 ? 98  GLU A CG  1 
ATOM   714  C CD  . GLU A 1 98  ? -13.584 1.788   -1.528  1.00 21.13 ? 98  GLU A CD  1 
ATOM   715  O OE1 . GLU A 1 98  ? -12.866 2.346   -0.643  1.00 20.19 ? 98  GLU A OE1 1 
ATOM   716  O OE2 . GLU A 1 98  ? -13.961 2.381   -2.579  1.00 18.28 ? 98  GLU A OE2 1 
ATOM   717  N N   . ALA A 1 99  ? -10.598 -2.471  0.669   1.00 20.08 ? 99  ALA A N   1 
ATOM   718  C CA  . ALA A 1 99  ? -9.695  -3.032  1.710   1.00 19.95 ? 99  ALA A CA  1 
ATOM   719  C C   . ALA A 1 99  ? -8.235  -2.655  1.500   1.00 17.74 ? 99  ALA A C   1 
ATOM   720  O O   . ALA A 1 99  ? -7.486  -2.456  2.466   1.00 18.44 ? 99  ALA A O   1 
ATOM   721  C CB  . ALA A 1 99  ? -9.812  -4.568  1.819   1.00 20.33 ? 99  ALA A CB  1 
ATOM   722  N N   . VAL A 1 100 ? -7.838  -2.536  0.256   1.00 17.81 ? 100 VAL A N   1 
ATOM   723  C CA  . VAL A 1 100 ? -6.477  -2.058  -0.044  1.00 16.76 ? 100 VAL A CA  1 
ATOM   724  C C   . VAL A 1 100 ? -6.269  -0.592  0.409   1.00 16.45 ? 100 VAL A C   1 
ATOM   725  O O   . VAL A 1 100 ? -5.247  -0.242  1.020   1.00 14.88 ? 100 VAL A O   1 
ATOM   726  C CB  . VAL A 1 100 ? -6.136  -2.204  -1.514  1.00 18.42 ? 100 VAL A CB  1 
ATOM   727  C CG1 . VAL A 1 100 ? -4.782  -1.554  -1.834  1.00 15.76 ? 100 VAL A CG1 1 
ATOM   728  C CG2 . VAL A 1 100 ? -6.127  -3.662  -1.949  1.00 18.16 ? 100 VAL A CG2 1 
ATOM   729  N N   . TYR A 1 101 ? -7.206  0.277   0.115   1.00 16.50 ? 101 TYR A N   1 
ATOM   730  C CA  . TYR A 1 101 ? -7.034  1.699   0.448   1.00 15.99 ? 101 TYR A CA  1 
ATOM   731  C C   . TYR A 1 101 ? -7.064  1.860   1.949   1.00 15.59 ? 101 TYR A C   1 
ATOM   732  O O   . TYR A 1 101 ? -6.192  2.557   2.579   1.00 14.40 ? 101 TYR A O   1 
ATOM   733  C CB  . TYR A 1 101 ? -8.130  2.596   -0.202  1.00 17.43 ? 101 TYR A CB  1 
ATOM   734  C CG  . TYR A 1 101 ? -8.325  2.407   -1.683  1.00 16.33 ? 101 TYR A CG  1 
ATOM   735  C CD1 . TYR A 1 101 ? -7.247  2.145   -2.512  1.00 21.47 ? 101 TYR A CD1 1 
ATOM   736  C CD2 . TYR A 1 101 ? -9.596  2.453   -2.262  1.00 16.28 ? 101 TYR A CD2 1 
ATOM   737  C CE1 . TYR A 1 101 ? -7.419  1.953   -3.903  1.00 22.07 ? 101 TYR A CE1 1 
ATOM   738  C CE2 . TYR A 1 101 ? -9.773  2.255   -3.619  1.00 19.35 ? 101 TYR A CE2 1 
ATOM   739  C CZ  . TYR A 1 101 ? -8.689  1.988   -4.443  1.00 18.83 ? 101 TYR A CZ  1 
ATOM   740  O OH  . TYR A 1 101 ? -8.852  1.809   -5.815  1.00 19.73 ? 101 TYR A OH  1 
ATOM   741  N N   . LEU A 1 102 ? -7.973  1.156   2.578   1.00 14.68 ? 102 LEU A N   1 
ATOM   742  C CA  . LEU A 1 102 ? -8.045  1.306   4.033   1.00 15.46 ? 102 LEU A CA  1 
ATOM   743  C C   . LEU A 1 102 ? -6.789  0.773   4.729   1.00 14.84 ? 102 LEU A C   1 
ATOM   744  O O   . LEU A 1 102 ? -6.277  1.370   5.653   1.00 14.84 ? 102 LEU A O   1 
ATOM   745  C CB  . LEU A 1 102 ? -9.252  0.588   4.592   1.00 16.28 ? 102 LEU A CB  1 
ATOM   746  C CG  . LEU A 1 102 ? -10.627 1.198   4.483   1.00 18.90 ? 102 LEU A CG  1 
ATOM   747  C CD1 . LEU A 1 102 ? -11.668 0.177   4.997   1.00 17.38 ? 102 LEU A CD1 1 
ATOM   748  C CD2 . LEU A 1 102 ? -10.598 2.503   5.277   1.00 18.36 ? 102 LEU A CD2 1 
ATOM   749  N N   . THR A 1 103 ? -6.340  -0.402  4.336   1.00 14.35 ? 103 THR A N   1 
ATOM   750  C CA  . THR A 1 103 ? -5.088  -0.987  4.867   1.00 14.41 ? 103 THR A CA  1 
ATOM   751  C C   . THR A 1 103 ? -3.945  0.063   4.777   1.00 15.20 ? 103 THR A C   1 
ATOM   752  O O   . THR A 1 103 ? -3.254  0.320   5.748   1.00 16.92 ? 103 THR A O   1 
ATOM   753  C CB  . THR A 1 103 ? -4.706  -2.267  4.091   1.00 14.99 ? 103 THR A CB  1 
ATOM   754  O OG1 . THR A 1 103 ? -5.754  -3.254  4.238   1.00 13.47 ? 103 THR A OG1 1 
ATOM   755  C CG2 . THR A 1 103 ? -3.285  -2.840  4.558   1.00 14.28 ? 103 THR A CG2 1 
ATOM   756  N N   . LEU A 1 104 ? -3.827  0.722   3.623   1.00 16.31 ? 104 LEU A N   1 
ATOM   757  C CA  . LEU A 1 104 ? -2.787  1.767   3.378   1.00 16.54 ? 104 LEU A CA  1 
ATOM   758  C C   . LEU A 1 104 ? -2.976  2.997   4.246   1.00 17.06 ? 104 LEU A C   1 
ATOM   759  O O   . LEU A 1 104 ? -1.988  3.589   4.701   1.00 17.08 ? 104 LEU A O   1 
ATOM   760  C CB  . LEU A 1 104 ? -2.700  2.141   1.887   1.00 15.98 ? 104 LEU A CB  1 
ATOM   761  C CG  . LEU A 1 104 ? -2.105  1.027   0.993   1.00 18.22 ? 104 LEU A CG  1 
ATOM   762  C CD1 . LEU A 1 104 ? -2.275  1.361   -0.433  1.00 18.88 ? 104 LEU A CD1 1 
ATOM   763  C CD2 . LEU A 1 104 ? -0.624  0.736   1.355   1.00 18.87 ? 104 LEU A CD2 1 
ATOM   764  N N   . HIS A 1 105 ? -4.226  3.372   4.518   1.00 17.44 ? 105 HIS A N   1 
ATOM   765  C CA  . HIS A 1 105 ? -4.447  4.475   5.433   1.00 18.83 ? 105 HIS A CA  1 
ATOM   766  C C   . HIS A 1 105 ? -4.216  4.065   6.920   1.00 18.47 ? 105 HIS A C   1 
ATOM   767  O O   . HIS A 1 105 ? -4.045  4.927   7.740   1.00 17.98 ? 105 HIS A O   1 
ATOM   768  C CB  . HIS A 1 105 ? -5.838  5.045   5.291   1.00 18.72 ? 105 HIS A CB  1 
ATOM   769  C CG  . HIS A 1 105 ? -6.178  5.452   3.899   1.00 20.90 ? 105 HIS A CG  1 
ATOM   770  N ND1 . HIS A 1 105 ? -5.360  6.240   3.125   1.00 21.01 ? 105 HIS A ND1 1 
ATOM   771  C CD2 . HIS A 1 105 ? -7.317  5.281   3.188   1.00 22.13 ? 105 HIS A CD2 1 
ATOM   772  C CE1 . HIS A 1 105 ? -5.965  6.499   1.975   1.00 18.02 ? 105 HIS A CE1 1 
ATOM   773  N NE2 . HIS A 1 105 ? -7.139  5.906   1.982   1.00 21.90 ? 105 HIS A NE2 1 
ATOM   774  N N   . LEU A 1 106 ? -4.269  2.777   7.252   1.00 17.71 ? 106 LEU A N   1 
ATOM   775  C CA  . LEU A 1 106 ? -4.126  2.331   8.632   1.00 18.38 ? 106 LEU A CA  1 
ATOM   776  C C   . LEU A 1 106 ? -2.632  2.144   9.061   1.00 18.46 ? 106 LEU A C   1 
ATOM   777  O O   . LEU A 1 106 ? -2.266  2.340   10.240  1.00 18.33 ? 106 LEU A O   1 
ATOM   778  C CB  . LEU A 1 106 ? -4.958  1.038   8.891   1.00 18.59 ? 106 LEU A CB  1 
ATOM   779  C CG  . LEU A 1 106 ? -6.491  1.249   8.902   1.00 19.74 ? 106 LEU A CG  1 
ATOM   780  C CD1 . LEU A 1 106 ? -7.206  -0.087  8.906   1.00 15.79 ? 106 LEU A CD1 1 
ATOM   781  C CD2 . LEU A 1 106 ? -6.870  2.084   10.160  1.00 16.79 ? 106 LEU A CD2 1 
ATOM   782  N N   . ILE A 1 107 ? -1.781  1.752   8.131   1.00 20.92 ? 107 ILE A N   1 
ATOM   783  C CA  . ILE A 1 107 ? -0.387  1.447   8.464   1.00 24.01 ? 107 ILE A CA  1 
ATOM   784  C C   . ILE A 1 107 ? 0.318   2.526   9.324   1.00 26.20 ? 107 ILE A C   1 
ATOM   785  O O   . ILE A 1 107 ? 1.065   2.180   10.216  1.00 28.71 ? 107 ILE A O   1 
ATOM   786  C CB  . ILE A 1 107 ? 0.446   1.121   7.200   1.00 24.47 ? 107 ILE A CB  1 
ATOM   787  C CG1 . ILE A 1 107 ? 0.042   -0.243  6.626   1.00 24.65 ? 107 ILE A CG1 1 
ATOM   788  C CG2 . ILE A 1 107 ? 2.012   1.160   7.525   1.00 25.14 ? 107 ILE A CG2 1 
ATOM   789  C CD1 . ILE A 1 107 ? 0.360   -0.414  5.154   1.00 27.18 ? 107 ILE A CD1 1 
ATOM   790  N N   . PRO A 1 108 ? 0.074   3.836   9.078   1.00 27.92 ? 108 PRO A N   1 
ATOM   791  C CA  . PRO A 1 108 ? 0.812   4.848   9.835   1.00 29.25 ? 108 PRO A CA  1 
ATOM   792  C C   . PRO A 1 108 ? 0.419   5.025   11.289  1.00 31.00 ? 108 PRO A C   1 
ATOM   793  O O   . PRO A 1 108 ? 1.294   5.335   12.111  1.00 31.54 ? 108 PRO A O   1 
ATOM   794  C CB  . PRO A 1 108 ? 0.525   6.132   9.050   1.00 29.59 ? 108 PRO A CB  1 
ATOM   795  C CG  . PRO A 1 108 ? 0.279   5.650   7.635   1.00 28.86 ? 108 PRO A CG  1 
ATOM   796  C CD  . PRO A 1 108 ? -0.507  4.391   7.850   1.00 27.49 ? 108 PRO A CD  1 
ATOM   797  N N   . ILE A 1 109 ? -0.861  4.785   11.593  1.00 32.23 ? 109 ILE A N   1 
ATOM   798  C CA  . ILE A 1 109 ? -1.523  5.083   12.878  1.00 33.60 ? 109 ILE A CA  1 
ATOM   799  C C   . ILE A 1 109 ? -0.714  4.638   14.131  1.00 33.47 ? 109 ILE A C   1 
ATOM   800  O O   . ILE A 1 109 ? 0.041   3.658   14.068  1.00 34.16 ? 109 ILE A O   1 
ATOM   801  C CB  . ILE A 1 109 ? -2.974  4.446   12.933  1.00 33.50 ? 109 ILE A CB  1 
ATOM   802  C CG1 . ILE A 1 109 ? -3.792  4.782   11.692  1.00 35.37 ? 109 ILE A CG1 1 
ATOM   803  C CG2 . ILE A 1 109 ? -3.774  5.013   14.070  1.00 34.98 ? 109 ILE A CG2 1 
ATOM   804  C CD1 . ILE A 1 109 ? -3.753  6.285   11.360  1.00 35.89 ? 109 ILE A CD1 1 
ATOM   805  N N   . GLN B 1 11  ? -23.602 12.677  8.391   1.00 49.33 ? 11  GLN B N   1 
ATOM   806  C CA  . GLN B 1 11  ? -22.768 12.449  9.608   1.00 49.60 ? 11  GLN B CA  1 
ATOM   807  C C   . GLN B 1 11  ? -22.127 11.035  9.609   1.00 49.54 ? 11  GLN B C   1 
ATOM   808  O O   . GLN B 1 11  ? -20.897 10.916  9.386   1.00 50.35 ? 11  GLN B O   1 
ATOM   809  C CB  . GLN B 1 11  ? -23.593 12.677  10.887  1.00 49.32 ? 11  GLN B CB  1 
ATOM   810  N N   . HIS B 1 12  ? -22.958 9.995   9.830   1.00 48.43 ? 12  HIS B N   1 
ATOM   811  C CA  . HIS B 1 12  ? -22.509 8.608   10.161  1.00 47.77 ? 12  HIS B CA  1 
ATOM   812  C C   . HIS B 1 12  ? -21.714 8.590   11.464  1.00 46.42 ? 12  HIS B C   1 
ATOM   813  O O   . HIS B 1 12  ? -20.660 7.980   11.569  1.00 45.79 ? 12  HIS B O   1 
ATOM   814  C CB  . HIS B 1 12  ? -21.673 7.982   9.032   1.00 47.52 ? 12  HIS B CB  1 
ATOM   815  C CG  . HIS B 1 12  ? -22.379 7.928   7.712   1.00 49.44 ? 12  HIS B CG  1 
ATOM   816  N ND1 . HIS B 1 12  ? -23.435 7.073   7.468   1.00 50.52 ? 12  HIS B ND1 1 
ATOM   817  C CD2 . HIS B 1 12  ? -22.176 8.618   6.559   1.00 49.05 ? 12  HIS B CD2 1 
ATOM   818  C CE1 . HIS B 1 12  ? -23.848 7.232   6.219   1.00 49.39 ? 12  HIS B CE1 1 
ATOM   819  N NE2 . HIS B 1 12  ? -23.104 8.168   5.651   1.00 50.02 ? 12  HIS B NE2 1 
ATOM   820  N N   . SER B 1 13  ? -22.244 9.272   12.467  1.00 45.47 ? 13  SER B N   1 
ATOM   821  C CA  . SER B 1 13  ? -21.433 9.657   13.594  1.00 44.17 ? 13  SER B CA  1 
ATOM   822  C C   . SER B 1 13  ? -21.131 8.490   14.485  1.00 41.90 ? 13  SER B C   1 
ATOM   823  O O   . SER B 1 13  ? -19.996 8.315   14.892  1.00 41.12 ? 13  SER B O   1 
ATOM   824  C CB  . SER B 1 13  ? -22.136 10.730  14.423  1.00 44.86 ? 13  SER B CB  1 
ATOM   825  O OG  . SER B 1 13  ? -21.479 10.856  15.668  1.00 46.04 ? 13  SER B OG  1 
ATOM   826  N N   . GLN B 1 14  ? -22.169 7.732   14.816  1.00 39.36 ? 14  GLN B N   1 
ATOM   827  C CA  . GLN B 1 14  ? -22.024 6.535   15.641  1.00 38.74 ? 14  GLN B CA  1 
ATOM   828  C C   . GLN B 1 14  ? -21.219 5.474   14.868  1.00 35.75 ? 14  GLN B C   1 
ATOM   829  O O   . GLN B 1 14  ? -20.330 4.816   15.431  1.00 35.67 ? 14  GLN B O   1 
ATOM   830  C CB  . GLN B 1 14  ? -23.396 5.976   16.039  1.00 38.95 ? 14  GLN B CB  1 
ATOM   831  C CG  . GLN B 1 14  ? -24.441 7.023   16.513  1.00 43.52 ? 14  GLN B CG  1 
ATOM   832  C CD  . GLN B 1 14  ? -23.967 7.869   17.674  1.00 45.63 ? 14  GLN B CD  1 
ATOM   833  O OE1 . GLN B 1 14  ? -23.471 7.345   18.677  1.00 49.79 ? 14  GLN B OE1 1 
ATOM   834  N NE2 . GLN B 1 14  ? -24.124 9.192   17.552  1.00 49.73 ? 14  GLN B NE2 1 
ATOM   835  N N   . LEU B 1 15  ? -21.536 5.319   13.581  1.00 32.60 ? 15  LEU B N   1 
ATOM   836  C CA  . LEU B 1 15  ? -20.771 4.407   12.742  1.00 29.88 ? 15  LEU B CA  1 
ATOM   837  C C   . LEU B 1 15  ? -19.307 4.825   12.819  1.00 28.45 ? 15  LEU B C   1 
ATOM   838  O O   . LEU B 1 15  ? -18.493 4.004   13.124  1.00 26.56 ? 15  LEU B O   1 
ATOM   839  C CB  . LEU B 1 15  ? -21.286 4.367   11.275  1.00 29.70 ? 15  LEU B CB  1 
ATOM   840  C CG  . LEU B 1 15  ? -20.512 3.543   10.221  1.00 27.00 ? 15  LEU B CG  1 
ATOM   841  C CD1 . LEU B 1 15  ? -20.455 2.005   10.535  1.00 26.28 ? 15  LEU B CD1 1 
ATOM   842  C CD2 . LEU B 1 15  ? -21.120 3.764   8.892   1.00 23.66 ? 15  LEU B CD2 1 
ATOM   843  N N   . MET B 1 16  ? -18.988 6.099   12.547  1.00 26.97 ? 16  MET B N   1 
ATOM   844  C CA  . MET B 1 16  ? -17.604 6.531   12.638  1.00 27.91 ? 16  MET B CA  1 
ATOM   845  C C   . MET B 1 16  ? -16.993 6.167   13.992  1.00 26.27 ? 16  MET B C   1 
ATOM   846  O O   . MET B 1 16  ? -15.909 5.719   14.039  1.00 24.72 ? 16  MET B O   1 
ATOM   847  C CB  . MET B 1 16  ? -17.446 8.034   12.437  1.00 28.98 ? 16  MET B CB  1 
ATOM   848  C CG  . MET B 1 16  ? -15.955 8.483   12.339  1.00 30.96 ? 16  MET B CG  1 
ATOM   849  S SD  . MET B 1 16  ? -15.109 7.823   10.832  1.00 39.10 ? 16  MET B SD  1 
ATOM   850  C CE  . MET B 1 16  ? -16.344 8.281   9.602   1.00 34.85 ? 16  MET B CE  1 
ATOM   851  N N   . ALA B 1 17  ? -17.746 6.352   15.069  1.00 26.03 ? 17  ALA B N   1 
ATOM   852  C CA  . ALA B 1 17  ? -17.260 6.181   16.430  1.00 25.25 ? 17  ALA B CA  1 
ATOM   853  C C   . ALA B 1 17  ? -16.905 4.719   16.648  1.00 24.44 ? 17  ALA B C   1 
ATOM   854  O O   . ALA B 1 17  ? -15.881 4.369   17.228  1.00 24.00 ? 17  ALA B O   1 
ATOM   855  C CB  . ALA B 1 17  ? -18.360 6.600   17.421  1.00 25.57 ? 17  ALA B CB  1 
ATOM   856  N N   . GLN B 1 18  ? -17.756 3.868   16.128  1.00 23.75 ? 18  GLN B N   1 
ATOM   857  C CA  . GLN B 1 18  ? -17.557 2.441   16.205  1.00 24.21 ? 18  GLN B CA  1 
ATOM   858  C C   . GLN B 1 18  ? -16.372 1.935   15.374  1.00 22.41 ? 18  GLN B C   1 
ATOM   859  O O   . GLN B 1 18  ? -15.626 1.056   15.848  1.00 21.28 ? 18  GLN B O   1 
ATOM   860  C CB  . GLN B 1 18  ? -18.857 1.750   15.812  1.00 25.45 ? 18  GLN B CB  1 
ATOM   861  C CG  . GLN B 1 18  ? -18.806 0.226   15.794  1.00 31.45 ? 18  GLN B CG  1 
ATOM   862  C CD  . GLN B 1 18  ? -18.827 -0.347  17.189  1.00 36.40 ? 18  GLN B CD  1 
ATOM   863  O OE1 . GLN B 1 18  ? -17.805 -0.832  17.696  1.00 38.35 ? 18  GLN B OE1 1 
ATOM   864  N NE2 . GLN B 1 18  ? -19.998 -0.277  17.833  1.00 38.59 ? 18  GLN B NE2 1 
ATOM   865  N N   . LEU B 1 19  ? -16.219 2.450   14.145  1.00 21.17 ? 19  LEU B N   1 
ATOM   866  C CA  . LEU B 1 19  ? -15.020 2.134   13.326  1.00 21.35 ? 19  LEU B CA  1 
ATOM   867  C C   . LEU B 1 19  ? -13.708 2.493   14.080  1.00 20.74 ? 19  LEU B C   1 
ATOM   868  O O   . LEU B 1 19  ? -12.741 1.708   14.100  1.00 20.85 ? 19  LEU B O   1 
ATOM   869  C CB  . LEU B 1 19  ? -15.092 2.774   11.902  1.00 21.23 ? 19  LEU B CB  1 
ATOM   870  C CG  . LEU B 1 19  ? -16.312 2.236   11.119  1.00 20.40 ? 19  LEU B CG  1 
ATOM   871  C CD1 . LEU B 1 19  ? -16.604 2.957   9.782   1.00 19.12 ? 19  LEU B CD1 1 
ATOM   872  C CD2 . LEU B 1 19  ? -16.086 0.764   10.848  1.00 21.65 ? 19  LEU B CD2 1 
ATOM   873  N N   . VAL B 1 20  ? -13.686 3.662   14.720  1.00 20.40 ? 20  VAL B N   1 
ATOM   874  C CA  . VAL B 1 20  ? -12.493 4.102   15.464  1.00 19.29 ? 20  VAL B CA  1 
ATOM   875  C C   . VAL B 1 20  ? -12.162 3.247   16.710  1.00 19.64 ? 20  VAL B C   1 
ATOM   876  O O   . VAL B 1 20  ? -10.952 2.944   16.945  1.00 18.62 ? 20  VAL B O   1 
ATOM   877  C CB  . VAL B 1 20  ? -12.511 5.626   15.734  1.00 18.53 ? 20  VAL B CB  1 
ATOM   878  C CG1 . VAL B 1 20  ? -11.413 6.055   16.736  1.00 19.23 ? 20  VAL B CG1 1 
ATOM   879  C CG2 . VAL B 1 20  ? -12.311 6.377   14.397  1.00 19.84 ? 20  VAL B CG2 1 
ATOM   880  N N   . GLU B 1 21  ? -13.187 2.839   17.467  1.00 20.28 ? 21  GLU B N   1 
ATOM   881  C CA  . GLU B 1 21  ? -12.981 1.842   18.568  1.00 23.06 ? 21  GLU B CA  1 
ATOM   882  C C   . GLU B 1 21  ? -12.353 0.557   18.078  1.00 22.21 ? 21  GLU B C   1 
ATOM   883  O O   . GLU B 1 21  ? -11.499 -0.051  18.726  1.00 23.40 ? 21  GLU B O   1 
ATOM   884  C CB  . GLU B 1 21  ? -14.307 1.458   19.225  1.00 23.15 ? 21  GLU B CB  1 
ATOM   885  C CG  . GLU B 1 21  ? -14.805 2.501   20.159  1.00 30.21 ? 21  GLU B CG  1 
ATOM   886  C CD  . GLU B 1 21  ? -15.992 2.029   21.069  1.00 38.98 ? 21  GLU B CD  1 
ATOM   887  O OE1 . GLU B 1 21  ? -16.482 0.847   20.958  1.00 37.95 ? 21  GLU B OE1 1 
ATOM   888  O OE2 . GLU B 1 21  ? -16.427 2.887   21.900  1.00 42.52 ? 21  GLU B OE2 1 
ATOM   889  N N   . VAL B 1 22  ? -12.832 0.088   16.950  1.00 23.16 ? 22  VAL B N   1 
ATOM   890  C CA  . VAL B 1 22  ? -12.359 -1.158  16.411  1.00 23.25 ? 22  VAL B CA  1 
ATOM   891  C C   . VAL B 1 22  ? -10.897 -0.968  16.050  1.00 23.95 ? 22  VAL B C   1 
ATOM   892  O O   . VAL B 1 22  ? -10.023 -1.807  16.345  1.00 24.06 ? 22  VAL B O   1 
ATOM   893  C CB  . VAL B 1 22  ? -13.207 -1.567  15.176  1.00 24.04 ? 22  VAL B CB  1 
ATOM   894  C CG1 . VAL B 1 22  ? -12.410 -2.435  14.217  1.00 23.30 ? 22  VAL B CG1 1 
ATOM   895  C CG2 . VAL B 1 22  ? -14.508 -2.274  15.631  1.00 23.06 ? 22  VAL B CG2 1 
ATOM   896  N N   . ILE B 1 23  ? -10.609 0.138   15.370  1.00 24.10 ? 23  ILE B N   1 
ATOM   897  C CA  . ILE B 1 23  ? -9.203  0.442   15.096  1.00 23.69 ? 23  ILE B CA  1 
ATOM   898  C C   . ILE B 1 23  ? -8.365  0.551   16.395  1.00 23.37 ? 23  ILE B C   1 
ATOM   899  O O   . ILE B 1 23  ? -7.266  0.036   16.498  1.00 22.71 ? 23  ILE B O   1 
ATOM   900  C CB  . ILE B 1 23  ? -9.078  1.751   14.330  1.00 24.35 ? 23  ILE B CB  1 
ATOM   901  C CG1 . ILE B 1 23  ? -9.745  1.640   12.946  1.00 22.37 ? 23  ILE B CG1 1 
ATOM   902  C CG2 . ILE B 1 23  ? -7.589  2.191   14.237  1.00 22.43 ? 23  ILE B CG2 1 
ATOM   903  C CD1 . ILE B 1 23  ? -9.773  2.993   12.202  1.00 21.90 ? 23  ILE B CD1 1 
ATOM   904  N N   . GLU B 1 24  ? -8.880  1.239   17.395  1.00 24.59 ? 24  GLU B N   1 
ATOM   905  C CA  . GLU B 1 24  ? -8.099  1.409   18.643  1.00 24.33 ? 24  GLU B CA  1 
ATOM   906  C C   . GLU B 1 24  ? -7.823  0.059   19.313  1.00 26.10 ? 24  GLU B C   1 
ATOM   907  O O   . GLU B 1 24  ? -6.754  -0.218  19.814  1.00 24.44 ? 24  GLU B O   1 
ATOM   908  C CB  . GLU B 1 24  ? -8.895  2.293   19.599  1.00 25.36 ? 24  GLU B CB  1 
ATOM   909  C CG  . GLU B 1 24  ? -8.814  3.763   19.264  1.00 24.00 ? 24  GLU B CG  1 
ATOM   910  C CD  . GLU B 1 24  ? -9.649  4.618   20.165  1.00 31.05 ? 24  GLU B CD  1 
ATOM   911  O OE1 . GLU B 1 24  ? -10.646 4.137   20.775  1.00 33.25 ? 24  GLU B OE1 1 
ATOM   912  O OE2 . GLU B 1 24  ? -9.337  5.822   20.261  1.00 31.84 ? 24  GLU B OE2 1 
ATOM   913  N N   . ASP B 1 25  ? -8.829  -0.786  19.304  1.00 28.42 ? 25  ASP B N   1 
ATOM   914  C CA  . ASP B 1 25  ? -8.712  -2.059  19.978  1.00 30.93 ? 25  ASP B CA  1 
ATOM   915  C C   . ASP B 1 25  ? -7.802  -2.995  19.194  1.00 30.68 ? 25  ASP B C   1 
ATOM   916  O O   . ASP B 1 25  ? -6.904  -3.651  19.753  1.00 30.79 ? 25  ASP B O   1 
ATOM   917  C CB  . ASP B 1 25  ? -10.116 -2.539  20.344  1.00 31.67 ? 25  ASP B CB  1 
ATOM   918  C CG  . ASP B 1 25  ? -10.811 -1.567  21.409  1.00 37.31 ? 25  ASP B CG  1 
ATOM   919  O OD1 . ASP B 1 25  ? -10.092 -0.900  22.189  1.00 40.91 ? 25  ASP B OD1 1 
ATOM   920  O OD2 . ASP B 1 25  ? -12.066 -1.442  21.475  1.00 41.11 ? 25  ASP B OD2 1 
ATOM   921  N N   . SER B 1 26  ? -7.899  -2.970  17.874  1.00 30.97 ? 26  SER B N   1 
ATOM   922  C CA  . SER B 1 26  ? -7.007  -3.810  17.078  1.00 30.18 ? 26  SER B CA  1 
ATOM   923  C C   . SER B 1 26  ? -5.526  -3.488  17.275  1.00 30.55 ? 26  SER B C   1 
ATOM   924  O O   . SER B 1 26  ? -4.663  -4.382  17.239  1.00 29.26 ? 26  SER B O   1 
ATOM   925  C CB  . SER B 1 26  ? -7.363  -3.714  15.579  1.00 30.66 ? 26  SER B CB  1 
ATOM   926  O OG  . SER B 1 26  ? -8.728  -4.052  15.327  1.00 32.08 ? 26  SER B OG  1 
ATOM   927  N N   . PHE B 1 27  ? -5.212  -2.217  17.454  1.00 30.88 ? 27  PHE B N   1 
ATOM   928  C CA  . PHE B 1 27  ? -3.817  -1.804  17.502  1.00 32.56 ? 27  PHE B CA  1 
ATOM   929  C C   . PHE B 1 27  ? -3.357  -1.587  18.933  1.00 33.88 ? 27  PHE B C   1 
ATOM   930  O O   . PHE B 1 27  ? -2.209  -1.244  19.149  1.00 34.41 ? 27  PHE B O   1 
ATOM   931  C CB  . PHE B 1 27  ? -3.571  -0.510  16.693  1.00 33.06 ? 27  PHE B CB  1 
ATOM   932  C CG  . PHE B 1 27  ? -3.889  -0.604  15.215  1.00 35.21 ? 27  PHE B CG  1 
ATOM   933  C CD1 . PHE B 1 27  ? -4.021  -1.820  14.554  1.00 41.18 ? 27  PHE B CD1 1 
ATOM   934  C CD2 . PHE B 1 27  ? -4.019  0.546   14.467  1.00 39.29 ? 27  PHE B CD2 1 
ATOM   935  C CE1 . PHE B 1 27  ? -4.307  -1.871  13.181  1.00 41.26 ? 27  PHE B CE1 1 
ATOM   936  C CE2 . PHE B 1 27  ? -4.289  0.488   13.084  1.00 41.53 ? 27  PHE B CE2 1 
ATOM   937  C CZ  . PHE B 1 27  ? -4.438  -0.722  12.462  1.00 40.88 ? 27  PHE B CZ  1 
ATOM   938  N N   . GLN B 1 28  ? -4.264  -1.744  19.889  1.00 35.40 ? 28  GLN B N   1 
ATOM   939  C CA  . GLN B 1 28  ? -3.941  -1.658  21.318  1.00 36.65 ? 28  GLN B CA  1 
ATOM   940  C C   . GLN B 1 28  ? -3.444  -0.259  21.694  1.00 36.76 ? 28  GLN B C   1 
ATOM   941  O O   . GLN B 1 28  ? -2.415  -0.071  22.369  1.00 37.64 ? 28  GLN B O   1 
ATOM   942  C CB  . GLN B 1 28  ? -3.006  -2.833  21.717  1.00 36.81 ? 28  GLN B CB  1 
ATOM   943  C CG  . GLN B 1 28  ? -3.789  -4.195  21.753  1.00 38.84 ? 28  GLN B CG  1 
ATOM   944  C CD  . GLN B 1 28  ? -2.918  -5.473  21.683  1.00 43.82 ? 28  GLN B CD  1 
ATOM   945  O OE1 . GLN B 1 28  ? -1.725  -5.462  22.002  1.00 48.10 ? 28  GLN B OE1 1 
ATOM   946  N NE2 . GLN B 1 28  ? -3.526  -6.577  21.259  1.00 45.32 ? 28  GLN B NE2 1 
ATOM   947  N N   . MET B 1 29  ? -4.218  0.731   21.253  1.00 37.11 ? 29  MET B N   1 
ATOM   948  C CA  . MET B 1 29  ? -3.827  2.141   21.292  1.00 36.92 ? 29  MET B CA  1 
ATOM   949  C C   . MET B 1 29  ? -5.012  3.057   21.557  1.00 36.64 ? 29  MET B C   1 
ATOM   950  O O   . MET B 1 29  ? -6.165  2.666   21.402  1.00 36.60 ? 29  MET B O   1 
ATOM   951  C CB  . MET B 1 29  ? -3.234  2.541   19.944  1.00 36.93 ? 29  MET B CB  1 
ATOM   952  C CG  . MET B 1 29  ? -4.308  2.746   18.816  1.00 38.86 ? 29  MET B CG  1 
ATOM   953  S SD  . MET B 1 29  ? -3.662  3.519   17.316  1.00 41.57 ? 29  MET B SD  1 
ATOM   954  C CE  . MET B 1 29  ? -2.790  4.983   17.977  1.00 36.53 ? 29  MET B CE  1 
ATOM   955  N N   . LYS B 1 30  ? -4.695  4.292   21.926  1.00 36.41 ? 30  LYS B N   1 
ATOM   956  C CA  . LYS B 1 30  ? -5.650  5.388   22.010  1.00 36.19 ? 30  LYS B CA  1 
ATOM   957  C C   . LYS B 1 30  ? -5.301  6.373   20.891  1.00 35.03 ? 30  LYS B C   1 
ATOM   958  O O   . LYS B 1 30  ? -4.140  6.754   20.724  1.00 35.97 ? 30  LYS B O   1 
ATOM   959  C CB  . LYS B 1 30  ? -5.630  6.067   23.401  1.00 37.19 ? 30  LYS B CB  1 
ATOM   960  C CG  . LYS B 1 30  ? -4.240  6.568   23.910  1.00 38.08 ? 30  LYS B CG  1 
ATOM   961  C CD  . LYS B 1 30  ? -4.180  6.701   25.475  1.00 38.66 ? 30  LYS B CD  1 
ATOM   962  N N   . VAL B 1 31  ? -6.278  6.714   20.065  1.00 33.41 ? 31  VAL B N   1 
ATOM   963  C CA  . VAL B 1 31  ? -6.087  7.740   19.070  1.00 32.92 ? 31  VAL B CA  1 
ATOM   964  C C   . VAL B 1 31  ? -6.352  9.092   19.780  1.00 32.37 ? 31  VAL B C   1 
ATOM   965  O O   . VAL B 1 31  ? -7.357  9.295   20.463  1.00 32.38 ? 31  VAL B O   1 
ATOM   966  C CB  . VAL B 1 31  ? -6.990  7.512   17.812  1.00 33.51 ? 31  VAL B CB  1 
ATOM   967  C CG1 . VAL B 1 31  ? -6.867  8.668   16.831  1.00 33.24 ? 31  VAL B CG1 1 
ATOM   968  C CG2 . VAL B 1 31  ? -6.559  6.211   17.058  1.00 31.65 ? 31  VAL B CG2 1 
ATOM   969  N N   . ASN B 1 32  ? -5.392  9.973   19.668  1.00 32.17 ? 32  ASN B N   1 
ATOM   970  C CA  . ASN B 1 32  ? -5.545  11.359  20.101  1.00 32.88 ? 32  ASN B CA  1 
ATOM   971  C C   . ASN B 1 32  ? -6.566  12.037  19.197  1.00 32.60 ? 32  ASN B C   1 
ATOM   972  O O   . ASN B 1 32  ? -6.270  12.366  18.058  1.00 32.43 ? 32  ASN B O   1 
ATOM   973  C CB  . ASN B 1 32  ? -4.189  12.045  19.986  1.00 32.32 ? 32  ASN B CB  1 
ATOM   974  C CG  . ASN B 1 32  ? -4.197  13.449  20.535  1.00 35.79 ? 32  ASN B CG  1 
ATOM   975  O OD1 . ASN B 1 32  ? -5.232  14.121  20.575  1.00 38.26 ? 32  ASN B OD1 1 
ATOM   976  N ND2 . ASN B 1 32  ? -3.025  13.915  20.939  1.00 40.66 ? 32  ASN B ND2 1 
ATOM   977  N N   . LYS B 1 33  ? -7.766  12.236  19.692  1.00 33.42 ? 33  LYS B N   1 
ATOM   978  C CA  . LYS B 1 33  ? -8.780  12.854  18.862  1.00 34.74 ? 33  LYS B CA  1 
ATOM   979  C C   . LYS B 1 33  ? -8.573  14.366  18.648  1.00 35.55 ? 33  LYS B C   1 
ATOM   980  O O   . LYS B 1 33  ? -9.341  15.018  17.948  1.00 36.43 ? 33  LYS B O   1 
ATOM   981  C CB  . LYS B 1 33  ? -10.146 12.539  19.440  1.00 35.20 ? 33  LYS B CB  1 
ATOM   982  C CG  . LYS B 1 33  ? -10.572 11.076  19.179  1.00 36.93 ? 33  LYS B CG  1 
ATOM   983  C CD  . LYS B 1 33  ? -11.575 10.608  20.278  1.00 39.74 ? 33  LYS B CD  1 
ATOM   984  C CE  . LYS B 1 33  ? -12.058 9.167   20.093  1.00 37.81 ? 33  LYS B CE  1 
ATOM   985  N NZ  . LYS B 1 33  ? -13.063 8.862   21.182  1.00 40.96 ? 33  LYS B NZ  1 
ATOM   986  N N   . GLU B 1 34  ? -7.518  14.923  19.232  1.00 35.79 ? 34  GLU B N   1 
ATOM   987  C CA  . GLU B 1 34  ? -7.151  16.311  18.947  1.00 35.70 ? 34  GLU B CA  1 
ATOM   988  C C   . GLU B 1 34  ? -5.763  16.261  18.309  1.00 35.82 ? 34  GLU B C   1 
ATOM   989  O O   . GLU B 1 34  ? -4.760  16.733  18.873  1.00 34.24 ? 34  GLU B O   1 
ATOM   990  C CB  . GLU B 1 34  ? -7.220  17.172  20.214  1.00 36.27 ? 34  GLU B CB  1 
ATOM   991  C CG  . GLU B 1 34  ? -8.181  16.622  21.331  1.00 39.68 ? 34  GLU B CG  1 
ATOM   992  C CD  . GLU B 1 34  ? -9.585  17.262  21.368  1.00 43.45 ? 34  GLU B CD  1 
ATOM   993  O OE1 . GLU B 1 34  ? -9.692  18.455  21.804  1.00 42.89 ? 34  GLU B OE1 1 
ATOM   994  O OE2 . GLU B 1 34  ? -10.571 16.533  21.033  1.00 42.93 ? 34  GLU B OE2 1 
ATOM   995  N N   . SER B 1 35  ? -5.709  15.618  17.132  1.00 35.49 ? 35  SER B N   1 
ATOM   996  C CA  . SER B 1 35  ? -4.453  15.404  16.379  1.00 36.17 ? 35  SER B CA  1 
ATOM   997  C C   . SER B 1 35  ? -4.759  15.290  14.899  1.00 36.90 ? 35  SER B C   1 
ATOM   998  O O   . SER B 1 35  ? -5.862  14.907  14.518  1.00 35.96 ? 35  SER B O   1 
ATOM   999  C CB  . SER B 1 35  ? -3.714  14.134  16.789  1.00 36.19 ? 35  SER B CB  1 
ATOM   1000 O OG  . SER B 1 35  ? -4.514  12.944  16.573  1.00 37.94 ? 35  SER B OG  1 
ATOM   1001 N N   . VAL B 1 36  ? -3.756  15.598  14.090  1.00 37.91 ? 36  VAL B N   1 
ATOM   1002 C CA  . VAL B 1 36  ? -3.843  15.525  12.646  1.00 39.49 ? 36  VAL B CA  1 
ATOM   1003 C C   . VAL B 1 36  ? -4.094  14.110  12.167  1.00 40.32 ? 36  VAL B C   1 
ATOM   1004 O O   . VAL B 1 36  ? -4.722  13.933  11.102  1.00 41.24 ? 36  VAL B O   1 
ATOM   1005 C CB  . VAL B 1 36  ? -2.557  16.017  11.967  1.00 39.81 ? 36  VAL B CB  1 
ATOM   1006 C CG1 . VAL B 1 36  ? -1.351  15.116  12.383  1.00 40.58 ? 36  VAL B CG1 1 
ATOM   1007 C CG2 . VAL B 1 36  ? -2.731  16.031  10.482  1.00 39.16 ? 36  VAL B CG2 1 
ATOM   1008 N N   . ASN B 1 37  ? -3.620  13.098  12.904  1.00 40.63 ? 37  ASN B N   1 
ATOM   1009 C CA  . ASN B 1 37  ? -3.856  11.732  12.410  1.00 40.83 ? 37  ASN B CA  1 
ATOM   1010 C C   . ASN B 1 37  ? -5.244  11.213  12.786  1.00 38.49 ? 37  ASN B C   1 
ATOM   1011 O O   . ASN B 1 37  ? -5.750  10.311  12.153  1.00 38.30 ? 37  ASN B O   1 
ATOM   1012 C CB  . ASN B 1 37  ? -2.699  10.735  12.723  1.00 41.66 ? 37  ASN B CB  1 
ATOM   1013 C CG  . ASN B 1 37  ? -2.612  10.368  14.179  1.00 45.23 ? 37  ASN B CG  1 
ATOM   1014 O OD1 . ASN B 1 37  ? -2.731  11.239  15.070  1.00 50.42 ? 37  ASN B OD1 1 
ATOM   1015 N ND2 . ASN B 1 37  ? -2.380  9.062   14.448  1.00 49.22 ? 37  ASN B ND2 1 
ATOM   1016 N N   . TYR B 1 38  ? -5.901  11.788  13.786  1.00 36.85 ? 38  TYR B N   1 
ATOM   1017 C CA  . TYR B 1 38  ? -7.321  11.493  13.897  1.00 35.16 ? 38  TYR B CA  1 
ATOM   1018 C C   . TYR B 1 38  ? -8.086  12.131  12.705  1.00 33.92 ? 38  TYR B C   1 
ATOM   1019 O O   . TYR B 1 38  ? -8.898  11.469  12.077  1.00 34.17 ? 38  TYR B O   1 
ATOM   1020 C CB  . TYR B 1 38  ? -7.889  11.923  15.215  1.00 35.35 ? 38  TYR B CB  1 
ATOM   1021 C CG  . TYR B 1 38  ? -9.392  11.759  15.350  1.00 35.37 ? 38  TYR B CG  1 
ATOM   1022 C CD1 . TYR B 1 38  ? -9.986  10.505  15.467  1.00 34.76 ? 38  TYR B CD1 1 
ATOM   1023 C CD2 . TYR B 1 38  ? -10.206 12.858  15.368  1.00 34.07 ? 38  TYR B CD2 1 
ATOM   1024 C CE1 . TYR B 1 38  ? -11.341 10.393  15.617  1.00 33.90 ? 38  TYR B CE1 1 
ATOM   1025 C CE2 . TYR B 1 38  ? -11.556 12.753  15.508  1.00 33.61 ? 38  TYR B CE2 1 
ATOM   1026 C CZ  . TYR B 1 38  ? -12.118 11.531  15.635  1.00 35.26 ? 38  TYR B CZ  1 
ATOM   1027 O OH  . TYR B 1 38  ? -13.478 11.508  15.796  1.00 39.21 ? 38  TYR B OH  1 
ATOM   1028 N N   . LEU B 1 39  ? -7.811  13.386  12.380  1.00 31.50 ? 39  LEU B N   1 
ATOM   1029 C CA  . LEU B 1 39  ? -8.457  14.010  11.227  1.00 30.07 ? 39  LEU B CA  1 
ATOM   1030 C C   . LEU B 1 39  ? -8.205  13.292  9.893   1.00 28.79 ? 39  LEU B C   1 
ATOM   1031 O O   . LEU B 1 39  ? -9.123  13.127  9.109   1.00 26.43 ? 39  LEU B O   1 
ATOM   1032 C CB  . LEU B 1 39  ? -8.043  15.481  11.106  1.00 29.82 ? 39  LEU B CB  1 
ATOM   1033 C CG  . LEU B 1 39  ? -8.600  16.377  12.229  1.00 29.30 ? 39  LEU B CG  1 
ATOM   1034 C CD1 . LEU B 1 39  ? -8.103  17.803  12.013  1.00 30.90 ? 39  LEU B CD1 1 
ATOM   1035 C CD2 . LEU B 1 39  ? -10.086 16.315  12.298  1.00 27.12 ? 39  LEU B CD2 1 
ATOM   1036 N N   . ARG B 1 40  ? -6.972  12.895  9.612   1.00 29.22 ? 40  ARG B N   1 
ATOM   1037 C CA  . ARG B 1 40  ? -6.653  12.210  8.336   1.00 31.08 ? 40  ARG B CA  1 
ATOM   1038 C C   . ARG B 1 40  ? -7.441  10.933  8.213   1.00 30.37 ? 40  ARG B C   1 
ATOM   1039 O O   . ARG B 1 40  ? -8.014  10.619  7.160   1.00 29.56 ? 40  ARG B O   1 
ATOM   1040 C CB  . ARG B 1 40  ? -5.179  11.815  8.239   1.00 32.04 ? 40  ARG B CB  1 
ATOM   1041 C CG  . ARG B 1 40  ? -4.236  12.877  7.637   1.00 37.65 ? 40  ARG B CG  1 
ATOM   1042 C CD  . ARG B 1 40  ? -4.834  13.708  6.440   1.00 41.78 ? 40  ARG B CD  1 
ATOM   1043 N NE  . ARG B 1 40  ? -4.819  13.081  5.090   1.00 47.18 ? 40  ARG B NE  1 
ATOM   1044 C CZ  . ARG B 1 40  ? -4.005  13.424  4.080   1.00 46.59 ? 40  ARG B CZ  1 
ATOM   1045 N NH1 . ARG B 1 40  ? -3.065  14.361  4.235   1.00 48.31 ? 40  ARG B NH1 1 
ATOM   1046 N NH2 . ARG B 1 40  ? -4.117  12.810  2.913   1.00 46.67 ? 40  ARG B NH2 1 
ATOM   1047 N N   . LEU B 1 41  ? -7.485  10.228  9.325   1.00 30.04 ? 41  LEU B N   1 
ATOM   1048 C CA  . LEU B 1 41  ? -8.049  8.909   9.360   1.00 30.15 ? 41  LEU B CA  1 
ATOM   1049 C C   . LEU B 1 41  ? -9.519  8.938   9.030   1.00 27.81 ? 41  LEU B C   1 
ATOM   1050 O O   . LEU B 1 41  ? -9.942  8.268   8.084   1.00 29.14 ? 41  LEU B O   1 
ATOM   1051 C CB  . LEU B 1 41  ? -7.854  8.289   10.721  1.00 29.94 ? 41  LEU B CB  1 
ATOM   1052 C CG  . LEU B 1 41  ? -8.177  6.815   10.801  1.00 33.27 ? 41  LEU B CG  1 
ATOM   1053 C CD1 . LEU B 1 41  ? -7.584  6.024   9.626   1.00 32.86 ? 41  LEU B CD1 1 
ATOM   1054 C CD2 . LEU B 1 41  ? -7.623  6.352   12.156  1.00 35.14 ? 41  LEU B CD2 1 
ATOM   1055 N N   . ILE B 1 42  ? -10.275 9.735   9.766   1.00 25.77 ? 42  ILE B N   1 
ATOM   1056 C CA  . ILE B 1 42  ? -11.706 9.893   9.523   1.00 25.57 ? 42  ILE B CA  1 
ATOM   1057 C C   . ILE B 1 42  ? -12.068 10.466  8.134   1.00 23.08 ? 42  ILE B C   1 
ATOM   1058 O O   . ILE B 1 42  ? -13.109 10.141  7.598   1.00 22.61 ? 42  ILE B O   1 
ATOM   1059 C CB  . ILE B 1 42  ? -12.389 10.680  10.624  1.00 26.58 ? 42  ILE B CB  1 
ATOM   1060 C CG1 . ILE B 1 42  ? -12.052 12.185  10.529  1.00 28.67 ? 42  ILE B CG1 1 
ATOM   1061 C CG2 . ILE B 1 42  ? -11.954 10.039  11.960  1.00 28.46 ? 42  ILE B CG2 1 
ATOM   1062 C CD1 . ILE B 1 42  ? -12.731 13.063  11.596  1.00 33.83 ? 42  ILE B CD1 1 
ATOM   1063 N N   . ARG B 1 43  ? -11.214 11.282  7.552   1.00 20.22 ? 43  ARG B N   1 
ATOM   1064 C CA  . ARG B 1 43  ? -11.475 11.806  6.209   1.00 20.54 ? 43  ARG B CA  1 
ATOM   1065 C C   . ARG B 1 43  ? -11.423 10.674  5.168   1.00 20.85 ? 43  ARG B C   1 
ATOM   1066 O O   . ARG B 1 43  ? -12.285 10.561  4.338   1.00 18.35 ? 43  ARG B O   1 
ATOM   1067 C CB  . ARG B 1 43  ? -10.442 12.860  5.819   1.00 22.07 ? 43  ARG B CB  1 
ATOM   1068 C CG  . ARG B 1 43  ? -10.698 13.431  4.411   1.00 25.15 ? 43  ARG B CG  1 
ATOM   1069 C CD  . ARG B 1 43  ? -9.867  14.736  4.151   1.00 35.04 ? 43  ARG B CD  1 
ATOM   1070 N NE  . ARG B 1 43  ? -9.953  15.172  2.741   1.00 38.66 ? 43  ARG B NE  1 
ATOM   1071 C CZ  . ARG B 1 43  ? -9.124  14.785  1.772   1.00 43.38 ? 43  ARG B CZ  1 
ATOM   1072 N NH1 . ARG B 1 43  ? -8.122  13.932  2.020   1.00 44.84 ? 43  ARG B NH1 1 
ATOM   1073 N NH2 . ARG B 1 43  ? -9.314  15.240  0.533   1.00 45.84 ? 43  ARG B NH2 1 
ATOM   1074 N N   . HIS B 1 44  ? -10.402 9.820   5.270   1.00 21.30 ? 44  HIS B N   1 
ATOM   1075 C CA  . HIS B 1 44  ? -10.290 8.695   4.368   1.00 21.34 ? 44  HIS B CA  1 
ATOM   1076 C C   . HIS B 1 44  ? -11.415 7.758   4.585   1.00 20.18 ? 44  HIS B C   1 
ATOM   1077 O O   . HIS B 1 44  ? -11.980 7.246   3.650   1.00 21.74 ? 44  HIS B O   1 
ATOM   1078 C CB  . HIS B 1 44  ? -8.986  7.932   4.601   1.00 20.47 ? 44  HIS B CB  1 
ATOM   1079 C CG  . HIS B 1 44  ? -7.781  8.730   4.276   1.00 19.80 ? 44  HIS B CG  1 
ATOM   1080 N ND1 . HIS B 1 44  ? -7.580  9.270   3.023   1.00 22.19 ? 44  HIS B ND1 1 
ATOM   1081 C CD2 . HIS B 1 44  ? -6.698  9.058   5.016   1.00 19.75 ? 44  HIS B CD2 1 
ATOM   1082 C CE1 . HIS B 1 44  ? -6.431  9.928   3.013   1.00 23.96 ? 44  HIS B CE1 1 
ATOM   1083 N NE2 . HIS B 1 44  ? -5.888  9.840   4.215   1.00 18.98 ? 44  HIS B NE2 1 
ATOM   1084 N N   . ILE B 1 45  ? -11.723 7.498   5.834   1.00 20.17 ? 45  ILE B N   1 
ATOM   1085 C CA  . ILE B 1 45  ? -12.868 6.639   6.124   1.00 20.04 ? 45  ILE B CA  1 
ATOM   1086 C C   . ILE B 1 45  ? -14.206 7.208   5.597   1.00 20.64 ? 45  ILE B C   1 
ATOM   1087 O O   . ILE B 1 45  ? -14.951 6.453   5.013   1.00 19.28 ? 45  ILE B O   1 
ATOM   1088 C CB  . ILE B 1 45  ? -12.936 6.275   7.579   1.00 18.81 ? 45  ILE B CB  1 
ATOM   1089 C CG1 . ILE B 1 45  ? -11.717 5.431   7.959   1.00 19.81 ? 45  ILE B CG1 1 
ATOM   1090 C CG2 . ILE B 1 45  ? -14.238 5.545   7.931   1.00 18.83 ? 45  ILE B CG2 1 
ATOM   1091 C CD1 . ILE B 1 45  ? -11.624 5.294   9.390   1.00 17.92 ? 45  ILE B CD1 1 
ATOM   1092 N N   . ARG B 1 46  ? -14.550 8.496   5.810   1.00 21.52 ? 46  ARG B N   1 
ATOM   1093 C CA  . ARG B 1 46  ? -15.798 9.021   5.208   1.00 22.13 ? 46  ARG B CA  1 
ATOM   1094 C C   . ARG B 1 46  ? -15.859 8.840   3.676   1.00 21.06 ? 46  ARG B C   1 
ATOM   1095 O O   . ARG B 1 46  ? -16.945 8.665   3.126   1.00 21.35 ? 46  ARG B O   1 
ATOM   1096 C CB  . ARG B 1 46  ? -16.095 10.505  5.550   1.00 23.57 ? 46  ARG B CB  1 
ATOM   1097 C CG  . ARG B 1 46  ? -16.406 10.744  7.082   1.00 30.91 ? 46  ARG B CG  1 
ATOM   1098 C CD  . ARG B 1 46  ? -16.292 12.267  7.578   1.00 38.41 ? 46  ARG B CD  1 
ATOM   1099 N NE  . ARG B 1 46  ? -16.146 12.437  9.051   1.00 43.12 ? 46  ARG B NE  1 
ATOM   1100 C CZ  . ARG B 1 46  ? -17.093 12.150  9.966   1.00 46.38 ? 46  ARG B CZ  1 
ATOM   1101 N NH1 . ARG B 1 46  ? -18.292 11.674  9.611   1.00 48.82 ? 46  ARG B NH1 1 
ATOM   1102 N NH2 . ARG B 1 46  ? -16.846 12.333  11.255  1.00 46.74 ? 46  ARG B NH2 1 
ATOM   1103 N N   . PHE B 1 47  ? -14.726 8.902   2.991   1.00 21.12 ? 47  PHE B N   1 
ATOM   1104 C CA  . PHE B 1 47  ? -14.714 8.745   1.526   1.00 21.64 ? 47  PHE B CA  1 
ATOM   1105 C C   . PHE B 1 47  ? -15.037 7.324   1.164   1.00 20.99 ? 47  PHE B C   1 
ATOM   1106 O O   . PHE B 1 47  ? -15.742 7.078   0.187   1.00 20.95 ? 47  PHE B O   1 
ATOM   1107 C CB  . PHE B 1 47  ? -13.367 9.125   0.878   1.00 21.89 ? 47  PHE B CB  1 
ATOM   1108 C CG  . PHE B 1 47  ? -13.212 10.620  0.592   1.00 24.27 ? 47  PHE B CG  1 
ATOM   1109 C CD1 . PHE B 1 47  ? -14.162 11.319  -0.134  1.00 26.54 ? 47  PHE B CD1 1 
ATOM   1110 C CD2 . PHE B 1 47  ? -12.098 11.315  1.040   1.00 28.78 ? 47  PHE B CD2 1 
ATOM   1111 C CE1 . PHE B 1 47  ? -14.031 12.701  -0.360  1.00 27.77 ? 47  PHE B CE1 1 
ATOM   1112 C CE2 . PHE B 1 47  ? -11.965 12.705  0.794   1.00 28.13 ? 47  PHE B CE2 1 
ATOM   1113 C CZ  . PHE B 1 47  ? -12.935 13.376  0.104   1.00 27.08 ? 47  PHE B CZ  1 
ATOM   1114 N N   . THR B 1 48  ? -14.487 6.377   1.927   1.00 21.37 ? 48  THR B N   1 
ATOM   1115 C CA  . THR B 1 48  ? -14.807 4.969   1.736   1.00 20.66 ? 48  THR B CA  1 
ATOM   1116 C C   . THR B 1 48  ? -16.319 4.771   1.825   1.00 19.70 ? 48  THR B C   1 
ATOM   1117 O O   . THR B 1 48  ? -16.885 4.111   0.985   1.00 18.91 ? 48  THR B O   1 
ATOM   1118 C CB  . THR B 1 48  ? -14.085 4.090   2.794   1.00 23.23 ? 48  THR B CB  1 
ATOM   1119 O OG1 . THR B 1 48  ? -12.675 4.096   2.496   1.00 25.53 ? 48  THR B OG1 1 
ATOM   1120 C CG2 . THR B 1 48  ? -14.626 2.625   2.805   1.00 21.63 ? 48  THR B CG2 1 
ATOM   1121 N N   . ILE B 1 49  ? -16.935 5.320   2.882   1.00 17.52 ? 49  ILE B N   1 
ATOM   1122 C CA  . ILE B 1 49  ? -18.379 5.223   3.114   1.00 17.69 ? 49  ILE B CA  1 
ATOM   1123 C C   . ILE B 1 49  ? -19.118 5.779   1.899   1.00 18.67 ? 49  ILE B C   1 
ATOM   1124 O O   . ILE B 1 49  ? -20.070 5.170   1.349   1.00 18.93 ? 49  ILE B O   1 
ATOM   1125 C CB  . ILE B 1 49  ? -18.801 5.999   4.467   1.00 15.84 ? 49  ILE B CB  1 
ATOM   1126 C CG1 . ILE B 1 49  ? -18.289 5.236   5.685   1.00 15.31 ? 49  ILE B CG1 1 
ATOM   1127 C CG2 . ILE B 1 49  ? -20.325 6.084   4.616   1.00 18.04 ? 49  ILE B CG2 1 
ATOM   1128 C CD1 . ILE B 1 49  ? -18.369 5.961   7.092   1.00 12.04 ? 49  ILE B CD1 1 
ATOM   1129 N N   . GLU B 1 50  ? -18.675 6.957   1.463   1.00 19.86 ? 50  GLU B N   1 
ATOM   1130 C CA  . GLU B 1 50  ? -19.384 7.633   0.394   1.00 21.54 ? 50  GLU B CA  1 
ATOM   1131 C C   . GLU B 1 50  ? -19.289 6.773   -0.870  1.00 20.17 ? 50  GLU B C   1 
ATOM   1132 O O   . GLU B 1 50  ? -20.281 6.585   -1.555  1.00 19.44 ? 50  GLU B O   1 
ATOM   1133 C CB  . GLU B 1 50  ? -18.848 9.060   0.203   1.00 22.47 ? 50  GLU B CB  1 
ATOM   1134 C CG  . GLU B 1 50  ? -19.747 9.993   -0.676  1.00 29.65 ? 50  GLU B CG  1 
ATOM   1135 C CD  . GLU B 1 50  ? -19.063 11.329  -1.127  1.00 36.95 ? 50  GLU B CD  1 
ATOM   1136 O OE1 . GLU B 1 50  ? -17.894 11.646  -0.736  1.00 36.47 ? 50  GLU B OE1 1 
ATOM   1137 O OE2 . GLU B 1 50  ? -19.741 12.055  -1.918  1.00 44.66 ? 50  GLU B OE2 1 
ATOM   1138 N N   . ARG B 1 51  ? -18.117 6.243   -1.213  1.00 20.67 ? 51  ARG B N   1 
ATOM   1139 C CA  . ARG B 1 51  ? -18.041 5.387   -2.411  1.00 19.58 ? 51  ARG B CA  1 
ATOM   1140 C C   . ARG B 1 51  ? -18.900 4.124   -2.274  1.00 20.78 ? 51  ARG B C   1 
ATOM   1141 O O   . ARG B 1 51  ? -19.494 3.674   -3.269  1.00 17.78 ? 51  ARG B O   1 
ATOM   1142 C CB  . ARG B 1 51  ? -16.617 4.993   -2.767  1.00 20.73 ? 51  ARG B CB  1 
ATOM   1143 C CG  . ARG B 1 51  ? -15.747 6.136   -3.252  1.00 17.06 ? 51  ARG B CG  1 
ATOM   1144 C CD  . ARG B 1 51  ? -14.354 5.717   -3.731  1.00 21.38 ? 51  ARG B CD  1 
ATOM   1145 N NE  . ARG B 1 51  ? -13.549 5.135   -2.691  1.00 18.90 ? 51  ARG B NE  1 
ATOM   1146 C CZ  . ARG B 1 51  ? -12.672 5.788   -1.930  1.00 20.71 ? 51  ARG B CZ  1 
ATOM   1147 N NH1 . ARG B 1 51  ? -12.454 7.091   -2.086  1.00 21.12 ? 51  ARG B NH1 1 
ATOM   1148 N NH2 . ARG B 1 51  ? -11.993 5.120   -1.005  1.00 21.51 ? 51  ARG B NH2 1 
ATOM   1149 N N   . ILE B 1 52  ? -18.967 3.554   -1.071  1.00 20.60 ? 52  ILE B N   1 
ATOM   1150 C CA  . ILE B 1 52  ? -19.814 2.367   -0.842  1.00 22.07 ? 52  ILE B CA  1 
ATOM   1151 C C   . ILE B 1 52  ? -21.288 2.689   -1.031  1.00 24.11 ? 52  ILE B C   1 
ATOM   1152 O O   . ILE B 1 52  ? -21.977 1.981   -1.799  1.00 24.27 ? 52  ILE B O   1 
ATOM   1153 C CB  . ILE B 1 52  ? -19.565 1.686   0.565   1.00 22.08 ? 52  ILE B CB  1 
ATOM   1154 C CG1 . ILE B 1 52  ? -18.145 1.100   0.629   1.00 21.71 ? 52  ILE B CG1 1 
ATOM   1155 C CG2 . ILE B 1 52  ? -20.688 0.616   0.926   1.00 20.40 ? 52  ILE B CG2 1 
ATOM   1156 C CD1 . ILE B 1 52  ? -17.673 0.667   2.026   1.00 22.42 ? 52  ILE B CD1 1 
ATOM   1157 N N   . LYS B 1 53  ? -21.769 3.716   -0.330  1.00 24.87 ? 53  LYS B N   1 
ATOM   1158 C CA  . LYS B 1 53  ? -23.174 4.142   -0.367  1.00 26.38 ? 53  LYS B CA  1 
ATOM   1159 C C   . LYS B 1 53  ? -23.647 4.541   -1.740  1.00 27.09 ? 53  LYS B C   1 
ATOM   1160 O O   . LYS B 1 53  ? -24.734 4.196   -2.115  1.00 26.92 ? 53  LYS B O   1 
ATOM   1161 C CB  . LYS B 1 53  ? -23.384 5.414   0.429   1.00 26.59 ? 53  LYS B CB  1 
ATOM   1162 C CG  . LYS B 1 53  ? -23.408 5.258   1.866   1.00 29.33 ? 53  LYS B CG  1 
ATOM   1163 C CD  . LYS B 1 53  ? -23.906 6.531   2.444   1.00 34.34 ? 53  LYS B CD  1 
ATOM   1164 C CE  . LYS B 1 53  ? -25.470 6.529   2.460   1.00 37.66 ? 53  LYS B CE  1 
ATOM   1165 N NZ  . LYS B 1 53  ? -25.929 7.524   3.452   1.00 38.31 ? 53  LYS B NZ  1 
ATOM   1166 N N   . LYS B 1 54  ? -22.842 5.355   -2.427  1.00 27.12 ? 54  LYS B N   1 
ATOM   1167 C CA  . LYS B 1 54  ? -23.160 5.845   -3.745  1.00 28.26 ? 54  LYS B CA  1 
ATOM   1168 C C   . LYS B 1 54  ? -22.856 4.776   -4.758  1.00 28.38 ? 54  LYS B C   1 
ATOM   1169 O O   . LYS B 1 54  ? -23.189 4.962   -5.886  1.00 29.06 ? 54  LYS B O   1 
ATOM   1170 C CB  . LYS B 1 54  ? -22.378 7.126   -4.103  1.00 27.02 ? 54  LYS B CB  1 
ATOM   1171 C CG  . LYS B 1 54  ? -22.475 8.232   -3.041  1.00 31.85 ? 54  LYS B CG  1 
ATOM   1172 C CD  . LYS B 1 54  ? -23.378 9.411   -3.448  1.00 35.22 ? 54  LYS B CD  1 
ATOM   1173 C CE  . LYS B 1 54  ? -24.019 10.138  -2.246  1.00 37.77 ? 54  LYS B CE  1 
ATOM   1174 N NZ  . LYS B 1 54  ? -25.030 11.217  -2.700  1.00 40.06 ? 54  LYS B NZ  1 
ATOM   1175 N N   . GLU B 1 55  ? -22.217 3.677   -4.360  1.00 30.61 ? 55  GLU B N   1 
ATOM   1176 C CA  . GLU B 1 55  ? -21.893 2.507   -5.247  1.00 32.61 ? 55  GLU B CA  1 
ATOM   1177 C C   . GLU B 1 55  ? -20.937 2.821   -6.400  1.00 34.45 ? 55  GLU B C   1 
ATOM   1178 O O   . GLU B 1 55  ? -21.103 2.333   -7.533  1.00 32.93 ? 55  GLU B O   1 
ATOM   1179 C CB  . GLU B 1 55  ? -23.170 1.817   -5.771  1.00 33.88 ? 55  GLU B CB  1 
ATOM   1180 C CG  . GLU B 1 55  ? -24.149 1.530   -4.632  1.00 35.36 ? 55  GLU B CG  1 
ATOM   1181 C CD  . GLU B 1 55  ? -25.473 0.998   -5.067  1.00 39.16 ? 55  GLU B CD  1 
ATOM   1182 O OE1 . GLU B 1 55  ? -25.495 -0.084  -5.695  1.00 41.86 ? 55  GLU B OE1 1 
ATOM   1183 O OE2 . GLU B 1 55  ? -26.497 1.634   -4.717  1.00 41.85 ? 55  GLU B OE2 1 
ATOM   1184 N N   . GLU B 1 56  ? -19.890 3.572   -6.070  1.00 35.36 ? 56  GLU B N   1 
ATOM   1185 C CA  . GLU B 1 56  ? -18.933 4.034   -7.045  1.00 37.59 ? 56  GLU B CA  1 
ATOM   1186 C C   . GLU B 1 56  ? -17.642 3.186   -7.073  1.00 39.29 ? 56  GLU B C   1 
ATOM   1187 O O   . GLU B 1 56  ? -17.034 2.926   -6.031  1.00 39.47 ? 56  GLU B O   1 
ATOM   1188 C CB  . GLU B 1 56  ? -18.598 5.491   -6.747  1.00 37.68 ? 56  GLU B CB  1 
ATOM   1189 C CG  . GLU B 1 56  ? -18.145 6.287   -7.986  1.00 40.66 ? 56  GLU B CG  1 
ATOM   1190 C CD  . GLU B 1 56  ? -19.194 6.329   -9.116  1.00 42.15 ? 56  GLU B CD  1 
ATOM   1191 O OE1 . GLU B 1 56  ? -20.388 6.006   -8.922  1.00 40.99 ? 56  GLU B OE1 1 
ATOM   1192 O OE2 . GLU B 1 56  ? -18.810 6.693   -10.235 1.00 47.22 ? 56  GLU B OE2 1 
ATOM   1193 N N   . PRO B 1 57  ? -17.243 2.706   -8.265  1.00 40.75 ? 57  PRO B N   1 
ATOM   1194 C CA  . PRO B 1 57  ? -15.920 2.088   -8.414  1.00 41.46 ? 57  PRO B CA  1 
ATOM   1195 C C   . PRO B 1 57  ? -14.772 3.095   -8.553  1.00 42.16 ? 57  PRO B C   1 
ATOM   1196 O O   . PRO B 1 57  ? -14.976 4.272   -8.910  1.00 41.33 ? 57  PRO B O   1 
ATOM   1197 C CB  . PRO B 1 57  ? -16.052 1.274   -9.707  1.00 41.66 ? 57  PRO B CB  1 
ATOM   1198 C CG  . PRO B 1 57  ? -17.530 1.065   -9.890  1.00 41.85 ? 57  PRO B CG  1 
ATOM   1199 C CD  . PRO B 1 57  ? -18.121 2.365   -9.399  1.00 41.46 ? 57  PRO B CD  1 
ATOM   1200 N N   . THR B 1 58  ? -13.564 2.618   -8.263  1.00 43.95 ? 58  THR B N   1 
ATOM   1201 C CA  . THR B 1 58  ? -12.326 3.409   -8.442  1.00 44.27 ? 58  THR B CA  1 
ATOM   1202 C C   . THR B 1 58  ? -11.427 2.808   -9.539  1.00 45.56 ? 58  THR B C   1 
ATOM   1203 O O   . THR B 1 58  ? -11.376 1.578   -9.699  1.00 45.76 ? 58  THR B O   1 
ATOM   1204 C CB  . THR B 1 58  ? -11.497 3.424   -7.150  1.00 44.58 ? 58  THR B CB  1 
ATOM   1205 O OG1 . THR B 1 58  ? -11.296 2.070   -6.707  1.00 41.95 ? 58  THR B OG1 1 
ATOM   1206 C CG2 . THR B 1 58  ? -12.202 4.250   -6.058  1.00 43.31 ? 58  THR B CG2 1 
ATOM   1207 N N   . LYS B 1 59  ? -10.708 3.671   -10.265 1.00 46.82 ? 59  LYS B N   1 
ATOM   1208 C CA  . LYS B 1 59  ? -9.697  3.244   -11.246 1.00 47.63 ? 59  LYS B CA  1 
ATOM   1209 C C   . LYS B 1 59  ? -8.451  2.843   -10.453 1.00 48.03 ? 59  LYS B C   1 
ATOM   1210 O O   . LYS B 1 59  ? -7.600  3.681   -10.178 1.00 48.58 ? 59  LYS B O   1 
ATOM   1211 C CB  . LYS B 1 59  ? -9.406  4.393   -12.229 1.00 48.16 ? 59  LYS B CB  1 
ATOM   1212 C CG  . LYS B 1 59  ? -10.682 4.997   -12.929 1.00 50.18 ? 59  LYS B CG  1 
ATOM   1213 C CD  . LYS B 1 59  ? -10.404 6.208   -13.892 1.00 51.36 ? 59  LYS B CD  1 
ATOM   1214 C CE  . LYS B 1 59  ? -10.130 7.546   -13.132 1.00 51.97 ? 59  LYS B CE  1 
ATOM   1215 N NZ  . LYS B 1 59  ? -10.022 8.787   -13.991 1.00 50.02 ? 59  LYS B NZ  1 
ATOM   1216 N N   . GLU B 1 60  ? -8.372  1.569   -10.061 1.00 48.30 ? 60  GLU B N   1 
ATOM   1217 C CA  . GLU B 1 60  ? -7.501  1.129   -8.943  1.00 48.73 ? 60  GLU B CA  1 
ATOM   1218 C C   . GLU B 1 60  ? -6.019  1.432   -9.123  1.00 48.23 ? 60  GLU B C   1 
ATOM   1219 O O   . GLU B 1 60  ? -5.400  1.910   -8.166  1.00 48.26 ? 60  GLU B O   1 
ATOM   1220 C CB  . GLU B 1 60  ? -7.662  -0.365  -8.642  1.00 49.27 ? 60  GLU B CB  1 
ATOM   1221 C CG  . GLU B 1 60  ? -6.910  -0.886  -7.396  1.00 50.13 ? 60  GLU B CG  1 
ATOM   1222 C CD  . GLU B 1 60  ? -7.243  -2.371  -7.124  1.00 53.26 ? 60  GLU B CD  1 
ATOM   1223 O OE1 . GLU B 1 60  ? -7.507  -3.119  -8.111  1.00 53.73 ? 60  GLU B OE1 1 
ATOM   1224 O OE2 . GLU B 1 60  ? -7.270  -2.792  -5.939  1.00 51.46 ? 60  GLU B OE2 1 
ATOM   1225 N N   . PRO B 1 61  ? -5.447  1.156   -10.318 1.00 46.69 ? 61  PRO B N   1 
ATOM   1226 C CA  . PRO B 1 61  ? -4.033  1.569   -10.514 1.00 46.22 ? 61  PRO B CA  1 
ATOM   1227 C C   . PRO B 1 61  ? -3.878  3.087   -10.405 1.00 44.31 ? 61  PRO B C   1 
ATOM   1228 O O   . PRO B 1 61  ? -2.911  3.569   -9.847  1.00 43.73 ? 61  PRO B O   1 
ATOM   1229 C CB  . PRO B 1 61  ? -3.717  1.117   -11.954 1.00 46.44 ? 61  PRO B CB  1 
ATOM   1230 C CG  . PRO B 1 61  ? -5.021  1.069   -12.630 1.00 47.25 ? 61  PRO B CG  1 
ATOM   1231 C CD  . PRO B 1 61  ? -6.036  0.668   -11.572 1.00 47.46 ? 61  PRO B CD  1 
ATOM   1232 N N   . GLU B 1 62  ? -4.861  3.818   -10.926 1.00 42.61 ? 62  GLU B N   1 
ATOM   1233 C CA  . GLU B 1 62  ? -4.824  5.266   -10.937 1.00 41.36 ? 62  GLU B CA  1 
ATOM   1234 C C   . GLU B 1 62  ? -4.973  5.768   -9.487  1.00 38.72 ? 62  GLU B C   1 
ATOM   1235 O O   . GLU B 1 62  ? -4.253  6.687   -9.040  1.00 37.80 ? 62  GLU B O   1 
ATOM   1236 C CB  . GLU B 1 62  ? -5.902  5.834   -11.890 1.00 42.40 ? 62  GLU B CB  1 
ATOM   1237 C CG  . GLU B 1 62  ? -6.092  5.010   -13.233 1.00 45.57 ? 62  GLU B CG  1 
ATOM   1238 C CD  . GLU B 1 62  ? -7.020  5.681   -14.287 1.00 50.50 ? 62  GLU B CD  1 
ATOM   1239 O OE1 . GLU B 1 62  ? -7.156  6.931   -14.300 1.00 52.89 ? 62  GLU B OE1 1 
ATOM   1240 O OE2 . GLU B 1 62  ? -7.607  4.938   -15.115 1.00 54.40 ? 62  GLU B OE2 1 
ATOM   1241 N N   . LYS B 1 63  ? -5.851  5.120   -8.721  1.00 34.39 ? 63  LYS B N   1 
ATOM   1242 C CA  . LYS B 1 63  ? -6.104  5.607   -7.387  1.00 32.12 ? 63  LYS B CA  1 
ATOM   1243 C C   . LYS B 1 63  ? -4.923  5.325   -6.460  1.00 29.07 ? 63  LYS B C   1 
ATOM   1244 O O   . LYS B 1 63  ? -4.569  6.204   -5.678  1.00 25.33 ? 63  LYS B O   1 
ATOM   1245 C CB  . LYS B 1 63  ? -7.399  5.064   -6.794  1.00 32.62 ? 63  LYS B CB  1 
ATOM   1246 C CG  . LYS B 1 63  ? -7.739  5.733   -5.454  1.00 36.36 ? 63  LYS B CG  1 
ATOM   1247 C CD  . LYS B 1 63  ? -9.238  5.678   -5.120  1.00 39.68 ? 63  LYS B CD  1 
ATOM   1248 C CE  . LYS B 1 63  ? -9.503  6.524   -3.872  1.00 40.55 ? 63  LYS B CE  1 
ATOM   1249 N NZ  . LYS B 1 63  ? -8.513  6.178   -2.807  1.00 42.11 ? 63  LYS B NZ  1 
ATOM   1250 N N   . LEU B 1 64  ? -4.317  4.137   -6.582  1.00 25.77 ? 64  LEU B N   1 
ATOM   1251 C CA  . LEU B 1 64  ? -3.164  3.780   -5.769  1.00 25.40 ? 64  LEU B CA  1 
ATOM   1252 C C   . LEU B 1 64  ? -1.996  4.702   -6.012  1.00 24.55 ? 64  LEU B C   1 
ATOM   1253 O O   . LEU B 1 64  ? -1.374  5.150   -5.076  1.00 23.68 ? 64  LEU B O   1 
ATOM   1254 C CB  . LEU B 1 64  ? -2.730  2.323   -5.978  1.00 25.71 ? 64  LEU B CB  1 
ATOM   1255 C CG  . LEU B 1 64  ? -3.629  1.366   -5.216  1.00 26.07 ? 64  LEU B CG  1 
ATOM   1256 C CD1 . LEU B 1 64  ? -3.378  -0.107  -5.498  1.00 28.73 ? 64  LEU B CD1 1 
ATOM   1257 C CD2 . LEU B 1 64  ? -3.547  1.670   -3.683  1.00 23.79 ? 64  LEU B CD2 1 
ATOM   1258 N N   . MET B 1 65  ? -1.688  4.991   -7.266  1.00 24.04 ? 65  MET B N   1 
ATOM   1259 C CA  . MET B 1 65  ? -0.605  5.892   -7.534  1.00 24.80 ? 65  MET B CA  1 
ATOM   1260 C C   . MET B 1 65  ? -0.847  7.227   -6.825  1.00 23.90 ? 65  MET B C   1 
ATOM   1261 O O   . MET B 1 65  ? 0.052   7.738   -6.143  1.00 23.71 ? 65  MET B O   1 
ATOM   1262 C CB  . MET B 1 65  ? -0.420  6.093   -9.029  1.00 24.45 ? 65  MET B CB  1 
ATOM   1263 C CG  . MET B 1 65  ? 0.121   4.889   -9.738  1.00 28.80 ? 65  MET B CG  1 
ATOM   1264 S SD  . MET B 1 65  ? 0.042   5.272   -11.479 1.00 35.88 ? 65  MET B SD  1 
ATOM   1265 C CE  . MET B 1 65  ? 1.548   6.196   -11.733 1.00 36.56 ? 65  MET B CE  1 
ATOM   1266 N N   . LEU B 1 66  ? -2.066  7.775   -6.949  1.00 22.73 ? 66  LEU B N   1 
ATOM   1267 C CA  . LEU B 1 66  ? -2.404  9.031   -6.210  1.00 23.17 ? 66  LEU B CA  1 
ATOM   1268 C C   . LEU B 1 66  ? -2.225  8.899   -4.679  1.00 20.48 ? 66  LEU B C   1 
ATOM   1269 O O   . LEU B 1 66  ? -1.740  9.838   -4.032  1.00 19.54 ? 66  LEU B O   1 
ATOM   1270 C CB  . LEU B 1 66  ? -3.855  9.530   -6.559  1.00 23.43 ? 66  LEU B CB  1 
ATOM   1271 C CG  . LEU B 1 66  ? -4.724  10.320  -5.553  1.00 29.57 ? 66  LEU B CG  1 
ATOM   1272 C CD1 . LEU B 1 66  ? -5.397  11.490  -6.255  1.00 33.34 ? 66  LEU B CD1 1 
ATOM   1273 C CD2 . LEU B 1 66  ? -5.873  9.497   -4.767  1.00 33.17 ? 66  LEU B CD2 1 
ATOM   1274 N N   . LEU B 1 67  ? -2.688  7.773   -4.120  1.00 17.88 ? 67  LEU B N   1 
ATOM   1275 C CA  . LEU B 1 67  ? -2.677  7.546   -2.697  1.00 16.61 ? 67  LEU B CA  1 
ATOM   1276 C C   . LEU B 1 67  ? -1.222  7.512   -2.261  1.00 16.17 ? 67  LEU B C   1 
ATOM   1277 O O   . LEU B 1 67  ? -0.827  8.194   -1.312  1.00 14.10 ? 67  LEU B O   1 
ATOM   1278 C CB  . LEU B 1 67  ? -3.437  6.250   -2.324  1.00 17.37 ? 67  LEU B CB  1 
ATOM   1279 C CG  . LEU B 1 67  ? -3.611  5.784   -0.889  1.00 17.94 ? 67  LEU B CG  1 
ATOM   1280 C CD1 . LEU B 1 67  ? -4.702  4.719   -0.755  1.00 17.70 ? 67  LEU B CD1 1 
ATOM   1281 C CD2 . LEU B 1 67  ? -2.325  5.277   -0.150  1.00 16.30 ? 67  LEU B CD2 1 
ATOM   1282 N N   . LEU B 1 68  ? -0.414  6.738   -2.980  1.00 15.94 ? 68  LEU B N   1 
ATOM   1283 C CA  . LEU B 1 68  ? 0.952   6.496   -2.555  1.00 16.34 ? 68  LEU B CA  1 
ATOM   1284 C C   . LEU B 1 68  ? 1.759   7.763   -2.629  1.00 16.98 ? 68  LEU B C   1 
ATOM   1285 O O   . LEU B 1 68  ? 2.554   8.065   -1.750  1.00 17.18 ? 68  LEU B O   1 
ATOM   1286 C CB  . LEU B 1 68  ? 1.528   5.381   -3.466  1.00 15.13 ? 68  LEU B CB  1 
ATOM   1287 C CG  . LEU B 1 68  ? 0.936   4.013   -3.135  1.00 14.24 ? 68  LEU B CG  1 
ATOM   1288 C CD1 . LEU B 1 68  ? 1.355   2.994   -4.156  1.00 16.20 ? 68  LEU B CD1 1 
ATOM   1289 C CD2 . LEU B 1 68  ? 1.351   3.487   -1.717  1.00 15.12 ? 68  LEU B CD2 1 
ATOM   1290 N N   . LYS B 1 69  ? 1.561   8.524   -3.694  1.00 18.72 ? 69  LYS B N   1 
ATOM   1291 C CA  . LYS B 1 69  ? 2.286   9.781   -3.867  1.00 21.04 ? 69  LYS B CA  1 
ATOM   1292 C C   . LYS B 1 69  ? 2.051   10.691  -2.682  1.00 21.80 ? 69  LYS B C   1 
ATOM   1293 O O   . LYS B 1 69  ? 2.986   11.306  -2.197  1.00 22.05 ? 69  LYS B O   1 
ATOM   1294 C CB  . LYS B 1 69  ? 1.818   10.444  -5.201  1.00 22.51 ? 69  LYS B CB  1 
ATOM   1295 C CG  . LYS B 1 69  ? 2.429   11.794  -5.648  1.00 26.04 ? 69  LYS B CG  1 
ATOM   1296 C CD  . LYS B 1 69  ? 2.065   12.113  -7.120  1.00 29.70 ? 69  LYS B CD  1 
ATOM   1297 N N   . ASN B 1 70  ? 0.796   10.757  -2.215  1.00 21.63 ? 70  ASN B N   1 
ATOM   1298 C CA  . ASN B 1 70  ? 0.372   11.711  -1.174  1.00 22.33 ? 70  ASN B CA  1 
ATOM   1299 C C   . ASN B 1 70  ? 0.805   11.228  0.194   1.00 21.41 ? 70  ASN B C   1 
ATOM   1300 O O   . ASN B 1 70  ? 1.354   12.015  1.010   1.00 20.89 ? 70  ASN B O   1 
ATOM   1301 C CB  . ASN B 1 70  ? -1.186  11.810  -1.094  1.00 23.21 ? 70  ASN B CB  1 
ATOM   1302 C CG  . ASN B 1 70  ? -1.849  12.271  -2.385  1.00 27.45 ? 70  ASN B CG  1 
ATOM   1303 O OD1 . ASN B 1 70  ? -1.314  13.063  -3.161  1.00 32.50 ? 70  ASN B OD1 1 
ATOM   1304 N ND2 . ASN B 1 70  ? -3.097  11.798  -2.589  1.00 38.40 ? 70  ASN B ND2 1 
ATOM   1305 N N   . GLU B 1 71  ? 0.598   9.931   0.417   1.00 18.38 ? 71  GLU B N   1 
ATOM   1306 C CA  . GLU B 1 71  ? 0.787   9.309   1.750   1.00 18.49 ? 71  GLU B CA  1 
ATOM   1307 C C   . GLU B 1 71  ? 2.126   8.618   2.004   1.00 16.62 ? 71  GLU B C   1 
ATOM   1308 O O   . GLU B 1 71  ? 2.457   8.498   3.108   1.00 15.50 ? 71  GLU B O   1 
ATOM   1309 C CB  . GLU B 1 71  ? -0.350  8.334   2.021   1.00 18.91 ? 71  GLU B CB  1 
ATOM   1310 C CG  . GLU B 1 71  ? -1.709  9.051   1.712   1.00 23.15 ? 71  GLU B CG  1 
ATOM   1311 C CD  . GLU B 1 71  ? -2.945  8.379   2.242   1.00 30.10 ? 71  GLU B CD  1 
ATOM   1312 O OE1 . GLU B 1 71  ? -2.850  7.552   3.214   1.00 31.69 ? 71  GLU B OE1 1 
ATOM   1313 O OE2 . GLU B 1 71  ? -4.044  8.701   1.638   1.00 35.47 ? 71  GLU B OE2 1 
ATOM   1314 N N   . TYR B 1 72  ? 2.860   8.196   0.958   1.00 15.36 ? 72  TYR B N   1 
ATOM   1315 C CA  . TYR B 1 72  ? 4.129   7.516   1.095   1.00 13.96 ? 72  TYR B CA  1 
ATOM   1316 C C   . TYR B 1 72  ? 5.114   8.115   0.137   1.00 14.28 ? 72  TYR B C   1 
ATOM   1317 O O   . TYR B 1 72  ? 5.664   7.408   -0.710  1.00 11.52 ? 72  TYR B O   1 
ATOM   1318 C CB  . TYR B 1 72  ? 3.934   6.026   0.826   1.00 15.24 ? 72  TYR B CB  1 
ATOM   1319 C CG  . TYR B 1 72  ? 3.106   5.355   1.820   1.00 15.10 ? 72  TYR B CG  1 
ATOM   1320 C CD1 . TYR B 1 72  ? 3.643   4.939   3.031   1.00 17.97 ? 72  TYR B CD1 1 
ATOM   1321 C CD2 . TYR B 1 72  ? 1.721   5.171   1.618   1.00 16.48 ? 72  TYR B CD2 1 
ATOM   1322 C CE1 . TYR B 1 72  ? 2.844   4.322   4.005   1.00 17.58 ? 72  TYR B CE1 1 
ATOM   1323 C CE2 . TYR B 1 72  ? 0.933   4.576   2.601   1.00 18.96 ? 72  TYR B CE2 1 
ATOM   1324 C CZ  . TYR B 1 72  ? 1.498   4.114   3.785   1.00 20.20 ? 72  TYR B CZ  1 
ATOM   1325 O OH  . TYR B 1 72  ? 0.732   3.475   4.774   1.00 18.68 ? 72  TYR B OH  1 
ATOM   1326 N N   . PRO B 1 73  ? 5.285   9.464   0.191   1.00 13.17 ? 73  PRO B N   1 
ATOM   1327 C CA  . PRO B 1 73  ? 6.007   10.117  -0.855  1.00 13.94 ? 73  PRO B CA  1 
ATOM   1328 C C   . PRO B 1 73  ? 7.459   9.698   -0.994  1.00 11.62 ? 73  PRO B C   1 
ATOM   1329 O O   . PRO B 1 73  ? 7.953   9.592   -2.139  1.00 14.16 ? 73  PRO B O   1 
ATOM   1330 C CB  . PRO B 1 73  ? 5.895   11.624  -0.481  1.00 14.20 ? 73  PRO B CB  1 
ATOM   1331 C CG  . PRO B 1 73  ? 5.551   11.637  0.910   1.00 14.16 ? 73  PRO B CG  1 
ATOM   1332 C CD  . PRO B 1 73  ? 4.670   10.459  1.086   1.00 13.97 ? 73  PRO B CD  1 
ATOM   1333 N N   . LEU B 1 74  ? 8.121   9.405   0.101   1.00 12.73 ? 74  LEU B N   1 
ATOM   1334 C CA  . LEU B 1 74  ? 9.516   8.883   0.025   1.00 13.46 ? 74  LEU B CA  1 
ATOM   1335 C C   . LEU B 1 74  ? 9.590   7.498   -0.637  1.00 13.93 ? 74  LEU B C   1 
ATOM   1336 O O   . LEU B 1 74  ? 10.393  7.277   -1.517  1.00 13.19 ? 74  LEU B O   1 
ATOM   1337 C CB  . LEU B 1 74  ? 10.134  8.791   1.363   1.00 14.32 ? 74  LEU B CB  1 
ATOM   1338 C CG  . LEU B 1 74  ? 11.556  8.248   1.519   1.00 15.05 ? 74  LEU B CG  1 
ATOM   1339 C CD1 . LEU B 1 74  ? 12.453  9.147   0.780   1.00 15.52 ? 74  LEU B CD1 1 
ATOM   1340 C CD2 . LEU B 1 74  ? 11.916  8.108   2.958   1.00 15.50 ? 74  LEU B CD2 1 
ATOM   1341 N N   . CYS B 1 75  ? 8.764   6.570   -0.215  1.00 12.77 ? 75  CYS B N   1 
ATOM   1342 C CA  . CYS B 1 75  ? 8.805   5.258   -0.818  1.00 13.14 ? 75  CYS B CA  1 
ATOM   1343 C C   . CYS B 1 75  ? 8.379   5.294   -2.282  1.00 13.40 ? 75  CYS B C   1 
ATOM   1344 O O   . CYS B 1 75  ? 8.907   4.541   -3.127  1.00 13.07 ? 75  CYS B O   1 
ATOM   1345 C CB  . CYS B 1 75  ? 7.968   4.272   -0.011  1.00 13.91 ? 75  CYS B CB  1 
ATOM   1346 S SG  . CYS B 1 75  ? 8.480   3.986   1.712   1.00 19.77 ? 75  CYS B SG  1 
ATOM   1347 N N   . TYR B 1 76  ? 7.392   6.133   -2.616  1.00 11.63 ? 76  TYR B N   1 
ATOM   1348 C CA  . TYR B 1 76  ? 6.934   6.225   -3.969  1.00 12.91 ? 76  TYR B CA  1 
ATOM   1349 C C   . TYR B 1 76  ? 7.962   6.776   -4.957  1.00 12.49 ? 76  TYR B C   1 
ATOM   1350 O O   . TYR B 1 76  ? 8.171   6.222   -6.052  1.00 10.74 ? 76  TYR B O   1 
ATOM   1351 C CB  . TYR B 1 76  ? 5.696   7.094   -4.025  1.00 12.40 ? 76  TYR B CB  1 
ATOM   1352 C CG  . TYR B 1 76  ? 4.981   7.132   -5.349  1.00 14.85 ? 76  TYR B CG  1 
ATOM   1353 C CD1 . TYR B 1 76  ? 4.930   8.300   -6.085  1.00 19.34 ? 76  TYR B CD1 1 
ATOM   1354 C CD2 . TYR B 1 76  ? 4.280   5.997   -5.832  1.00 19.00 ? 76  TYR B CD2 1 
ATOM   1355 C CE1 . TYR B 1 76  ? 4.243   8.357   -7.265  1.00 19.51 ? 76  TYR B CE1 1 
ATOM   1356 C CE2 . TYR B 1 76  ? 3.631   6.039   -6.997  1.00 21.01 ? 76  TYR B CE2 1 
ATOM   1357 C CZ  . TYR B 1 76  ? 3.605   7.221   -7.702  1.00 20.11 ? 76  TYR B CZ  1 
ATOM   1358 O OH  . TYR B 1 76  ? 2.967   7.284   -8.867  1.00 22.14 ? 76  TYR B OH  1 
ATOM   1359 N N   . ASN B 1 77  ? 8.542   7.892   -4.571  1.00 12.32 ? 77  ASN B N   1 
ATOM   1360 C CA  . ASN B 1 77  ? 9.584   8.543   -5.321  1.00 13.30 ? 77  ASN B CA  1 
ATOM   1361 C C   . ASN B 1 77  ? 10.810  7.660   -5.469  1.00 12.57 ? 77  ASN B C   1 
ATOM   1362 O O   . ASN B 1 77  ? 11.390  7.629   -6.559  1.00 12.92 ? 77  ASN B O   1 
ATOM   1363 C CB  . ASN B 1 77  ? 9.915   9.885   -4.605  1.00 14.74 ? 77  ASN B CB  1 
ATOM   1364 C CG  . ASN B 1 77  ? 8.767   10.947  -4.826  1.00 18.03 ? 77  ASN B CG  1 
ATOM   1365 O OD1 . ASN B 1 77  ? 8.035   10.878  -5.806  1.00 23.89 ? 77  ASN B OD1 1 
ATOM   1366 N ND2 . ASN B 1 77  ? 8.622   11.871  -3.897  1.00 18.83 ? 77  ASN B ND2 1 
ATOM   1367 N N   . THR B 1 78  ? 11.166  6.911   -4.412  1.00 13.26 ? 78  THR B N   1 
ATOM   1368 C CA  . THR B 1 78  ? 12.327  5.970   -4.486  1.00 13.33 ? 78  THR B CA  1 
ATOM   1369 C C   . THR B 1 78  ? 12.049  4.800   -5.416  1.00 14.11 ? 78  THR B C   1 
ATOM   1370 O O   . THR B 1 78  ? 12.894  4.433   -6.271  1.00 13.98 ? 78  THR B O   1 
ATOM   1371 C CB  . THR B 1 78  ? 12.702  5.490   -3.087  1.00 14.87 ? 78  THR B CB  1 
ATOM   1372 O OG1 . THR B 1 78  ? 13.041  6.623   -2.275  1.00 16.72 ? 78  THR B OG1 1 
ATOM   1373 C CG2 . THR B 1 78  ? 13.904  4.539   -3.063  1.00 13.21 ? 78  THR B CG2 1 
ATOM   1374 N N   . ALA B 1 79  ? 10.816  4.289   -5.361  1.00 11.78 ? 79  ALA B N   1 
ATOM   1375 C CA  . ALA B 1 79  ? 10.374  3.255   -6.305  1.00 12.89 ? 79  ALA B CA  1 
ATOM   1376 C C   . ALA B 1 79  ? 10.467  3.739   -7.763  1.00 13.12 ? 79  ALA B C   1 
ATOM   1377 O O   . ALA B 1 79  ? 10.915  2.987   -8.657  1.00 12.42 ? 79  ALA B O   1 
ATOM   1378 C CB  . ALA B 1 79  ? 8.932   2.797   -5.993  1.00 11.45 ? 79  ALA B CB  1 
ATOM   1379 N N   . TRP B 1 80  ? 10.055  4.980   -8.027  1.00 13.59 ? 80  TRP B N   1 
ATOM   1380 C CA  . TRP B 1 80  ? 10.154  5.519   -9.394  1.00 13.91 ? 80  TRP B CA  1 
ATOM   1381 C C   . TRP B 1 80  ? 11.608  5.588   -9.904  1.00 14.61 ? 80  TRP B C   1 
ATOM   1382 O O   . TRP B 1 80  ? 11.871  5.384   -11.097 1.00 13.20 ? 80  TRP B O   1 
ATOM   1383 C CB  . TRP B 1 80  ? 9.485   6.876   -9.502  1.00 16.25 ? 80  TRP B CB  1 
ATOM   1384 C CG  . TRP B 1 80  ? 8.096   6.701   -9.924  1.00 17.15 ? 80  TRP B CG  1 
ATOM   1385 C CD1 . TRP B 1 80  ? 6.967   6.780   -9.160  1.00 20.71 ? 80  TRP B CD1 1 
ATOM   1386 C CD2 . TRP B 1 80  ? 7.684   6.376   -11.227 1.00 23.12 ? 80  TRP B CD2 1 
ATOM   1387 N NE1 . TRP B 1 80  ? 5.870   6.477   -9.909  1.00 19.97 ? 80  TRP B NE1 1 
ATOM   1388 C CE2 . TRP B 1 80  ? 6.270   6.238   -11.195 1.00 22.52 ? 80  TRP B CE2 1 
ATOM   1389 C CE3 . TRP B 1 80  ? 8.374   6.159   -12.433 1.00 25.52 ? 80  TRP B CE3 1 
ATOM   1390 C CZ2 . TRP B 1 80  ? 5.494   5.929   -12.351 1.00 24.99 ? 80  TRP B CZ2 1 
ATOM   1391 C CZ3 . TRP B 1 80  ? 7.620   5.840   -13.581 1.00 28.27 ? 80  TRP B CZ3 1 
ATOM   1392 C CH2 . TRP B 1 80  ? 6.179   5.727   -13.525 1.00 27.93 ? 80  TRP B CH2 1 
ATOM   1393 N N   . LYS B 1 81  ? 12.514  5.956   -9.016  1.00 14.42 ? 81  LYS B N   1 
ATOM   1394 C CA  . LYS B 1 81  ? 13.942  5.990   -9.313  1.00 15.38 ? 81  LYS B CA  1 
ATOM   1395 C C   . LYS B 1 81  ? 14.469  4.588   -9.639  1.00 14.39 ? 81  LYS B C   1 
ATOM   1396 O O   . LYS B 1 81  ? 15.271  4.417   -10.570 1.00 13.52 ? 81  LYS B O   1 
ATOM   1397 C CB  . LYS B 1 81  ? 14.664  6.584   -8.091  1.00 18.06 ? 81  LYS B CB  1 
ATOM   1398 C CG  . LYS B 1 81  ? 16.192  6.647   -8.103  1.00 21.57 ? 81  LYS B CG  1 
ATOM   1399 C CD  . LYS B 1 81  ? 16.711  7.752   -7.033  1.00 26.07 ? 81  LYS B CD  1 
ATOM   1400 C CE  . LYS B 1 81  ? 16.067  7.623   -5.574  1.00 28.21 ? 81  LYS B CE  1 
ATOM   1401 N NZ  . LYS B 1 81  ? 16.290  8.748   -4.562  1.00 24.91 ? 81  LYS B NZ  1 
ATOM   1402 N N   . LEU B 1 82  ? 13.994  3.578   -8.909  1.00 13.41 ? 82  LEU B N   1 
ATOM   1403 C CA  . LEU B 1 82  ? 14.398  2.192   -9.164  1.00 13.01 ? 82  LEU B CA  1 
ATOM   1404 C C   . LEU B 1 82  ? 13.876  1.702   -10.495 1.00 13.99 ? 82  LEU B C   1 
ATOM   1405 O O   . LEU B 1 82  ? 14.618  1.141   -11.301 1.00 12.33 ? 82  LEU B O   1 
ATOM   1406 C CB  . LEU B 1 82  ? 14.016  1.306   -7.982  1.00 12.93 ? 82  LEU B CB  1 
ATOM   1407 C CG  . LEU B 1 82  ? 14.647  1.668   -6.646  1.00 15.45 ? 82  LEU B CG  1 
ATOM   1408 C CD1 . LEU B 1 82  ? 13.903  0.796   -5.563  1.00 13.58 ? 82  LEU B CD1 1 
ATOM   1409 C CD2 . LEU B 1 82  ? 16.142  1.519   -6.667  1.00 18.52 ? 82  LEU B CD2 1 
ATOM   1410 N N   . ILE B 1 83  ? 12.610  2.005   -10.763 1.00 15.60 ? 83  ILE B N   1 
ATOM   1411 C CA  . ILE B 1 83  ? 11.968  1.677   -12.021 1.00 16.32 ? 83  ILE B CA  1 
ATOM   1412 C C   . ILE B 1 83  ? 12.693  2.271   -13.239 1.00 16.87 ? 83  ILE B C   1 
ATOM   1413 O O   . ILE B 1 83  ? 12.855  1.604   -14.249 1.00 15.12 ? 83  ILE B O   1 
ATOM   1414 C CB  . ILE B 1 83  ? 10.469  2.082   -11.956 1.00 17.47 ? 83  ILE B CB  1 
ATOM   1415 C CG1 . ILE B 1 83  ? 9.675   1.186   -10.950 1.00 18.39 ? 83  ILE B CG1 1 
ATOM   1416 C CG2 . ILE B 1 83  ? 9.871   2.152   -13.324 1.00 19.54 ? 83  ILE B CG2 1 
ATOM   1417 C CD1 . ILE B 1 83  ? 9.509   -0.289  -11.323 1.00 20.39 ? 83  ILE B CD1 1 
ATOM   1418 N N   . LYS B 1 84  ? 13.129  3.528   -13.137 1.00 16.95 ? 84  LYS B N   1 
ATOM   1419 C CA  . LYS B 1 84  ? 13.889  4.151   -14.188 1.00 18.97 ? 84  LYS B CA  1 
ATOM   1420 C C   . LYS B 1 84  ? 15.279  3.525   -14.438 1.00 18.76 ? 84  LYS B C   1 
ATOM   1421 O O   . LYS B 1 84  ? 15.709  3.392   -15.596 1.00 17.73 ? 84  LYS B O   1 
ATOM   1422 C CB  . LYS B 1 84  ? 14.062  5.620   -13.859 1.00 19.81 ? 84  LYS B CB  1 
ATOM   1423 C CG  . LYS B 1 84  ? 12.778  6.412   -13.785 1.00 23.50 ? 84  LYS B CG  1 
ATOM   1424 C CD  . LYS B 1 84  ? 13.072  7.730   -12.992 1.00 27.92 ? 84  LYS B CD  1 
ATOM   1425 C CE  . LYS B 1 84  ? 11.924  8.738   -13.077 1.00 30.81 ? 84  LYS B CE  1 
ATOM   1426 N NZ  . LYS B 1 84  ? 12.359  10.051  -12.449 1.00 33.27 ? 84  LYS B NZ  1 
ATOM   1427 N N   . ILE B 1 85  ? 15.945  3.129   -13.348 1.00 18.74 ? 85  ILE B N   1 
ATOM   1428 C CA  . ILE B 1 85  ? 17.155  2.296   -13.413 1.00 17.93 ? 85  ILE B CA  1 
ATOM   1429 C C   . ILE B 1 85  ? 16.911  0.949   -14.174 1.00 17.66 ? 85  ILE B C   1 
ATOM   1430 O O   . ILE B 1 85  ? 17.571  0.694   -15.142 1.00 18.40 ? 85  ILE B O   1 
ATOM   1431 C CB  . ILE B 1 85  ? 17.765  2.042   -12.009 1.00 16.75 ? 85  ILE B CB  1 
ATOM   1432 C CG1 . ILE B 1 85  ? 18.358  3.344   -11.442 1.00 18.01 ? 85  ILE B CG1 1 
ATOM   1433 C CG2 . ILE B 1 85  ? 18.898  1.022   -12.054 1.00 20.04 ? 85  ILE B CG2 1 
ATOM   1434 C CD1 . ILE B 1 85  ? 18.791  3.189   -9.994  1.00 17.32 ? 85  ILE B CD1 1 
ATOM   1435 N N   . LEU B 1 86  ? 15.913  0.172   -13.765 1.00 16.08 ? 86  LEU B N   1 
ATOM   1436 C CA  . LEU B 1 86  ? 15.518  -1.012  -14.461 1.00 17.33 ? 86  LEU B CA  1 
ATOM   1437 C C   . LEU B 1 86  ? 15.224  -0.770  -15.938 1.00 17.71 ? 86  LEU B C   1 
ATOM   1438 O O   . LEU B 1 86  ? 15.675  -1.549  -16.790 1.00 16.74 ? 86  LEU B O   1 
ATOM   1439 C CB  . LEU B 1 86  ? 14.244  -1.602  -13.809 1.00 17.77 ? 86  LEU B CB  1 
ATOM   1440 C CG  . LEU B 1 86  ? 14.393  -2.241  -12.451 1.00 19.00 ? 86  LEU B CG  1 
ATOM   1441 C CD1 . LEU B 1 86  ? 13.011  -2.592  -11.867 1.00 21.28 ? 86  LEU B CD1 1 
ATOM   1442 C CD2 . LEU B 1 86  ? 15.308  -3.500  -12.462 1.00 20.95 ? 86  LEU B CD2 1 
ATOM   1443 N N   . GLN B 1 87  ? 14.482  0.301   -16.247 1.00 17.68 ? 87  GLN B N   1 
ATOM   1444 C CA  . GLN B 1 87  ? 14.123  0.563   -17.658 1.00 20.10 ? 87  GLN B CA  1 
ATOM   1445 C C   . GLN B 1 87  ? 15.358  0.854   -18.493 1.00 20.43 ? 87  GLN B C   1 
ATOM   1446 O O   . GLN B 1 87  ? 15.495  0.327   -19.603 1.00 20.71 ? 87  GLN B O   1 
ATOM   1447 C CB  . GLN B 1 87  ? 13.182  1.760   -17.858 1.00 19.61 ? 87  GLN B CB  1 
ATOM   1448 C CG  . GLN B 1 87  ? 13.099  2.177   -19.368 1.00 21.27 ? 87  GLN B CG  1 
ATOM   1449 C CD  . GLN B 1 87  ? 12.002  3.117   -19.653 0.50 16.98 ? 87  GLN B CD  1 
ATOM   1450 O OE1 . GLN B 1 87  ? 12.219  4.330   -19.756 0.50 14.91 ? 87  GLN B OE1 1 
ATOM   1451 N NE2 . GLN B 1 87  ? 10.795  2.584   -19.768 0.50 15.94 ? 87  GLN B NE2 1 
ATOM   1452 N N   . GLN B 1 88  ? 16.215  1.732   -17.977 1.00 21.75 ? 88  GLN B N   1 
ATOM   1453 C CA  . GLN B 1 88  ? 17.490  2.119   -18.653 1.00 22.99 ? 88  GLN B CA  1 
ATOM   1454 C C   . GLN B 1 88  ? 18.426  0.861   -18.763 1.00 22.55 ? 88  GLN B C   1 
ATOM   1455 O O   . GLN B 1 88  ? 18.981  0.570   -19.838 1.00 21.65 ? 88  GLN B O   1 
ATOM   1456 C CB  . GLN B 1 88  ? 18.089  3.316   -17.889 1.00 24.12 ? 88  GLN B CB  1 
ATOM   1457 C CG  . GLN B 1 88  ? 19.529  3.814   -18.259 1.00 30.97 ? 88  GLN B CG  1 
ATOM   1458 C CD  . GLN B 1 88  ? 19.905  5.161   -17.533 1.00 38.71 ? 88  GLN B CD  1 
ATOM   1459 O OE1 . GLN B 1 88  ? 19.311  5.518   -16.487 1.00 41.59 ? 88  GLN B OE1 1 
ATOM   1460 N NE2 . GLN B 1 88  ? 20.887  5.903   -18.100 1.00 43.65 ? 88  GLN B NE2 1 
ATOM   1461 N N   . THR B 1 89  ? 18.542  0.061   -17.716 1.00 22.58 ? 89  THR B N   1 
ATOM   1462 C CA  . THR B 1 89  ? 19.418  -1.117  -17.784 1.00 23.72 ? 89  THR B CA  1 
ATOM   1463 C C   . THR B 1 89  ? 18.864  -2.227  -18.707 1.00 24.44 ? 89  THR B C   1 
ATOM   1464 O O   . THR B 1 89  ? 19.604  -2.814  -19.514 1.00 25.00 ? 89  THR B O   1 
ATOM   1465 C CB  . THR B 1 89  ? 19.678  -1.707  -16.406 1.00 24.46 ? 89  THR B CB  1 
ATOM   1466 O OG1 . THR B 1 89  ? 20.237  -0.696  -15.561 1.00 23.55 ? 89  THR B OG1 1 
ATOM   1467 C CG2 . THR B 1 89  ? 20.707  -2.867  -16.509 1.00 28.68 ? 89  THR B CG2 1 
ATOM   1468 N N   . LEU B 1 90  ? 17.586  -2.525  -18.604 1.00 23.93 ? 90  LEU B N   1 
ATOM   1469 C CA  . LEU B 1 90  ? 17.041  -3.638  -19.366 1.00 24.32 ? 90  LEU B CA  1 
ATOM   1470 C C   . LEU B 1 90  ? 16.675  -3.249  -20.792 1.00 24.49 ? 90  LEU B C   1 
ATOM   1471 O O   . LEU B 1 90  ? 16.423  -4.100  -21.625 1.00 23.86 ? 90  LEU B O   1 
ATOM   1472 C CB  . LEU B 1 90  ? 15.843  -4.237  -18.628 1.00 24.04 ? 90  LEU B CB  1 
ATOM   1473 C CG  . LEU B 1 90  ? 16.186  -4.838  -17.253 1.00 22.43 ? 90  LEU B CG  1 
ATOM   1474 C CD1 . LEU B 1 90  ? 14.864  -5.160  -16.565 1.00 20.77 ? 90  LEU B CD1 1 
ATOM   1475 C CD2 . LEU B 1 90  ? 17.145  -6.148  -17.351 1.00 21.13 ? 90  LEU B CD2 1 
ATOM   1476 N N   . LYS B 1 91  ? 16.563  -1.959  -21.031 1.00 25.32 ? 91  LYS B N   1 
ATOM   1477 C CA  . LYS B 1 91  ? 16.133  -1.397  -22.301 1.00 26.19 ? 91  LYS B CA  1 
ATOM   1478 C C   . LYS B 1 91  ? 14.721  -1.838  -22.722 1.00 28.42 ? 91  LYS B C   1 
ATOM   1479 O O   . LYS B 1 91  ? 14.504  -2.157  -23.886 1.00 26.97 ? 91  LYS B O   1 
ATOM   1480 C CB  . LYS B 1 91  ? 17.160  -1.721  -23.391 1.00 26.73 ? 91  LYS B CB  1 
ATOM   1481 N N   . LYS B 1 92  ? 13.769  -1.863  -21.790 1.00 28.26 ? 92  LYS B N   1 
ATOM   1482 C CA  . LYS B 1 92  ? 12.410  -2.293  -22.130 1.00 29.60 ? 92  LYS B CA  1 
ATOM   1483 C C   . LYS B 1 92  ? 11.426  -1.310  -21.508 1.00 30.64 ? 92  LYS B C   1 
ATOM   1484 O O   . LYS B 1 92  ? 11.807  -0.563  -20.592 1.00 32.22 ? 92  LYS B O   1 
ATOM   1485 C CB  . LYS B 1 92  ? 12.096  -3.691  -21.582 1.00 29.80 ? 92  LYS B CB  1 
ATOM   1486 C CG  . LYS B 1 92  ? 13.087  -4.830  -21.857 1.00 30.16 ? 92  LYS B CG  1 
ATOM   1487 C CD  . LYS B 1 92  ? 13.140  -5.325  -23.261 1.00 33.03 ? 92  LYS B CD  1 
ATOM   1488 C CE  . LYS B 1 92  ? 11.787  -5.592  -23.836 1.00 34.62 ? 92  LYS B CE  1 
ATOM   1489 N NZ  . LYS B 1 92  ? 11.859  -6.319  -25.114 1.00 33.79 ? 92  LYS B NZ  1 
ATOM   1490 N N   . PRO B 1 93  ? 10.166  -1.304  -21.986 1.00 30.59 ? 93  PRO B N   1 
ATOM   1491 C CA  . PRO B 1 93  ? 9.194   -0.480  -21.274 1.00 30.19 ? 93  PRO B CA  1 
ATOM   1492 C C   . PRO B 1 93  ? 8.882   -1.048  -19.891 1.00 29.02 ? 93  PRO B C   1 
ATOM   1493 O O   . PRO B 1 93  ? 8.885   -2.264  -19.673 1.00 28.80 ? 93  PRO B O   1 
ATOM   1494 C CB  . PRO B 1 93  ? 7.924   -0.568  -22.135 1.00 30.28 ? 93  PRO B CB  1 
ATOM   1495 C CG  . PRO B 1 93  ? 8.250   -1.612  -23.282 1.00 30.23 ? 93  PRO B CG  1 
ATOM   1496 C CD  . PRO B 1 93  ? 9.511   -2.274  -22.890 1.00 30.51 ? 93  PRO B CD  1 
ATOM   1497 N N   . VAL B 1 94  ? 8.610   -0.159  -18.959 1.00 28.38 ? 94  VAL B N   1 
ATOM   1498 C CA  . VAL B 1 94  ? 8.114   -0.559  -17.664 1.00 27.42 ? 94  VAL B CA  1 
ATOM   1499 C C   . VAL B 1 94  ? 6.771   0.112   -17.509 1.00 29.09 ? 94  VAL B C   1 
ATOM   1500 O O   . VAL B 1 94  ? 6.582   1.253   -17.964 1.00 29.19 ? 94  VAL B O   1 
ATOM   1501 C CB  . VAL B 1 94  ? 9.053   -0.153  -16.529 1.00 27.09 ? 94  VAL B CB  1 
ATOM   1502 C CG1 . VAL B 1 94  ? 8.556   -0.758  -15.234 1.00 26.08 ? 94  VAL B CG1 1 
ATOM   1503 C CG2 . VAL B 1 94  ? 10.434  -0.615  -16.800 1.00 22.79 ? 94  VAL B CG2 1 
ATOM   1504 N N   . HIS B 1 95  ? 5.852   -0.584  -16.863 1.00 29.54 ? 95  HIS B N   1 
ATOM   1505 C CA  . HIS B 1 95  ? 4.504   -0.085  -16.700 1.00 31.62 ? 95  HIS B CA  1 
ATOM   1506 C C   . HIS B 1 95  ? 4.337   0.648   -15.392 1.00 31.20 ? 95  HIS B C   1 
ATOM   1507 O O   . HIS B 1 95  ? 5.138   0.487   -14.484 1.00 30.83 ? 95  HIS B O   1 
ATOM   1508 C CB  . HIS B 1 95  ? 3.563   -1.263  -16.776 1.00 32.17 ? 95  HIS B CB  1 
ATOM   1509 C CG  . HIS B 1 95  ? 3.615   -1.989  -18.089 1.00 38.60 ? 95  HIS B CG  1 
ATOM   1510 N ND1 . HIS B 1 95  ? 3.202   -1.413  -19.279 1.00 41.88 ? 95  HIS B ND1 1 
ATOM   1511 C CD2 . HIS B 1 95  ? 4.018   -3.249  -18.398 1.00 41.91 ? 95  HIS B CD2 1 
ATOM   1512 C CE1 . HIS B 1 95  ? 3.345   -2.292  -20.258 1.00 42.44 ? 95  HIS B CE1 1 
ATOM   1513 N NE2 . HIS B 1 95  ? 3.831   -3.411  -19.751 1.00 43.15 ? 95  HIS B NE2 1 
ATOM   1514 N N   . GLU B 1 96  ? 3.273   1.430   -15.272 1.00 30.87 ? 96  GLU B N   1 
ATOM   1515 C CA  . GLU B 1 96  ? 3.013   2.194   -14.058 1.00 30.80 ? 96  GLU B CA  1 
ATOM   1516 C C   . GLU B 1 96  ? 2.748   1.317   -12.840 1.00 29.88 ? 96  GLU B C   1 
ATOM   1517 O O   . GLU B 1 96  ? 3.239   1.607   -11.760 1.00 29.97 ? 96  GLU B O   1 
ATOM   1518 C CB  . GLU B 1 96  ? 1.861   3.193   -14.276 1.00 31.88 ? 96  GLU B CB  1 
ATOM   1519 C CG  . GLU B 1 96  ? 2.386   4.526   -14.761 1.00 33.52 ? 96  GLU B CG  1 
ATOM   1520 C CD  . GLU B 1 96  ? 1.294   5.438   -15.352 1.00 38.67 ? 96  GLU B CD  1 
ATOM   1521 O OE1 . GLU B 1 96  ? 0.094   5.031   -15.355 1.00 33.92 ? 96  GLU B OE1 1 
ATOM   1522 O OE2 . GLU B 1 96  ? 1.684   6.566   -15.811 1.00 39.04 ? 96  GLU B OE2 1 
ATOM   1523 N N   . ALA B 1 97  ? 1.976   0.254   -13.016 1.00 28.27 ? 97  ALA B N   1 
ATOM   1524 C CA  . ALA B 1 97  ? 1.803   -0.755  -11.999 1.00 28.05 ? 97  ALA B CA  1 
ATOM   1525 C C   . ALA B 1 97  ? 3.095   -1.258  -11.315 1.00 27.63 ? 97  ALA B C   1 
ATOM   1526 O O   . ALA B 1 97  ? 3.045   -1.653  -10.158 1.00 27.97 ? 97  ALA B O   1 
ATOM   1527 C CB  . ALA B 1 97  ? 0.991   -1.970  -12.565 1.00 26.91 ? 97  ALA B CB  1 
ATOM   1528 N N   . GLU B 1 98  ? 4.248   -1.250  -11.990 1.00 27.17 ? 98  GLU B N   1 
ATOM   1529 C CA  . GLU B 1 98  ? 5.435   -1.668  -11.304 1.00 26.66 ? 98  GLU B CA  1 
ATOM   1530 C C   . GLU B 1 98  ? 5.790   -0.756  -10.148 1.00 25.50 ? 98  GLU B C   1 
ATOM   1531 O O   . GLU B 1 98  ? 6.121   -1.242  -9.074  1.00 25.28 ? 98  GLU B O   1 
ATOM   1532 C CB  . GLU B 1 98  ? 6.622   -1.819  -12.242 1.00 27.60 ? 98  GLU B CB  1 
ATOM   1533 C CG  . GLU B 1 98  ? 6.422   -2.849  -13.309 1.00 32.06 ? 98  GLU B CG  1 
ATOM   1534 C CD  . GLU B 1 98  ? 6.021   -4.173  -12.788 1.00 38.35 ? 98  GLU B CD  1 
ATOM   1535 O OE1 . GLU B 1 98  ? 6.136   -4.427  -11.549 1.00 41.35 ? 98  GLU B OE1 1 
ATOM   1536 O OE2 . GLU B 1 98  ? 5.597   -4.986  -13.643 1.00 42.84 ? 98  GLU B OE2 1 
ATOM   1537 N N   . ALA B 1 99  ? 5.688   0.556   -10.357 1.00 23.24 ? 99  ALA B N   1 
ATOM   1538 C CA  . ALA B 1 99  ? 6.037   1.532   -9.340  1.00 21.38 ? 99  ALA B CA  1 
ATOM   1539 C C   . ALA B 1 99  ? 5.193   1.293   -8.101  1.00 19.65 ? 99  ALA B C   1 
ATOM   1540 O O   . ALA B 1 99  ? 5.687   1.313   -6.967  1.00 20.66 ? 99  ALA B O   1 
ATOM   1541 C CB  . ALA B 1 99  ? 5.858   3.004   -9.896  1.00 21.18 ? 99  ALA B CB  1 
ATOM   1542 N N   . VAL B 1 100 ? 3.925   0.975   -8.317  1.00 17.60 ? 100 VAL B N   1 
ATOM   1543 C CA  . VAL B 1 100 ? 3.015   0.688   -7.237  1.00 16.90 ? 100 VAL B CA  1 
ATOM   1544 C C   . VAL B 1 100 ? 3.426   -0.562  -6.404  1.00 16.02 ? 100 VAL B C   1 
ATOM   1545 O O   . VAL B 1 100 ? 3.470   -0.525  -5.204  1.00 15.40 ? 100 VAL B O   1 
ATOM   1546 C CB  . VAL B 1 100 ? 1.575   0.621   -7.783  1.00 17.41 ? 100 VAL B CB  1 
ATOM   1547 C CG1 . VAL B 1 100 ? 0.666   -0.019  -6.744  1.00 15.54 ? 100 VAL B CG1 1 
ATOM   1548 C CG2 . VAL B 1 100 ? 1.062   2.041   -8.169  1.00 18.22 ? 100 VAL B CG2 1 
ATOM   1549 N N   . TYR B 1 101 ? 3.704   -1.680  -7.063  1.00 16.24 ? 101 TYR B N   1 
ATOM   1550 C CA  . TYR B 1 101 ? 3.997   -2.903  -6.391  1.00 17.35 ? 101 TYR B CA  1 
ATOM   1551 C C   . TYR B 1 101 ? 5.335   -2.775  -5.735  1.00 15.97 ? 101 TYR B C   1 
ATOM   1552 O O   . TYR B 1 101 ? 5.480   -3.177  -4.624  1.00 14.85 ? 101 TYR B O   1 
ATOM   1553 C CB  . TYR B 1 101 ? 4.031   -4.085  -7.393  1.00 20.88 ? 101 TYR B CB  1 
ATOM   1554 C CG  . TYR B 1 101 ? 2.678   -4.653  -7.666  1.00 25.61 ? 101 TYR B CG  1 
ATOM   1555 C CD1 . TYR B 1 101 ? 2.139   -5.619  -6.807  1.00 37.10 ? 101 TYR B CD1 1 
ATOM   1556 C CD2 . TYR B 1 101 ? 1.944   -4.275  -8.776  1.00 36.38 ? 101 TYR B CD2 1 
ATOM   1557 C CE1 . TYR B 1 101 ? 0.886   -6.180  -7.035  1.00 39.08 ? 101 TYR B CE1 1 
ATOM   1558 C CE2 . TYR B 1 101 ? 0.679   -4.839  -9.039  1.00 39.42 ? 101 TYR B CE2 1 
ATOM   1559 C CZ  . TYR B 1 101 ? 0.158   -5.794  -8.147  1.00 42.26 ? 101 TYR B CZ  1 
ATOM   1560 O OH  . TYR B 1 101 ? -1.083  -6.393  -8.348  1.00 45.86 ? 101 TYR B OH  1 
ATOM   1561 N N   . LEU B 1 102 ? 6.296   -2.140  -6.420  1.00 15.06 ? 102 LEU B N   1 
ATOM   1562 C CA  . LEU B 1 102 ? 7.555   -1.818  -5.785  1.00 14.72 ? 102 LEU B CA  1 
ATOM   1563 C C   . LEU B 1 102 ? 7.459   -0.892  -4.566  1.00 14.33 ? 102 LEU B C   1 
ATOM   1564 O O   . LEU B 1 102 ? 8.128   -1.155  -3.533  1.00 14.79 ? 102 LEU B O   1 
ATOM   1565 C CB  . LEU B 1 102 ? 8.507   -1.284  -6.823  1.00 15.18 ? 102 LEU B CB  1 
ATOM   1566 C CG  . LEU B 1 102 ? 9.994   -1.211  -6.460  1.00 19.83 ? 102 LEU B CG  1 
ATOM   1567 C CD1 . LEU B 1 102 ? 10.568  -2.602  -5.883  1.00 21.38 ? 102 LEU B CD1 1 
ATOM   1568 C CD2 . LEU B 1 102 ? 10.783  -0.792  -7.729  1.00 19.70 ? 102 LEU B CD2 1 
ATOM   1569 N N   . THR B 1 103 ? 6.599   0.138   -4.599  1.00 13.65 ? 103 THR B N   1 
ATOM   1570 C CA  . THR B 1 103 ? 6.375   0.970   -3.415  1.00 13.01 ? 103 THR B CA  1 
ATOM   1571 C C   . THR B 1 103 ? 5.892   0.152   -2.199  1.00 13.52 ? 103 THR B C   1 
ATOM   1572 O O   . THR B 1 103 ? 6.360   0.336   -1.086  1.00 13.72 ? 103 THR B O   1 
ATOM   1573 C CB  . THR B 1 103 ? 5.346   2.105   -3.670  1.00 12.42 ? 103 THR B CB  1 
ATOM   1574 O OG1 . THR B 1 103 ? 5.771   2.867   -4.795  1.00 12.88 ? 103 THR B OG1 1 
ATOM   1575 C CG2 . THR B 1 103 ? 5.063   2.993   -2.381  1.00 8.68  ? 103 THR B CG2 1 
ATOM   1576 N N   . LEU B 1 104 ? 4.938   -0.740  -2.437  1.00 13.65 ? 104 LEU B N   1 
ATOM   1577 C CA  . LEU B 1 104 ? 4.396   -1.585  -1.410  1.00 14.77 ? 104 LEU B CA  1 
ATOM   1578 C C   . LEU B 1 104 ? 5.417   -2.514  -0.798  1.00 13.90 ? 104 LEU B C   1 
ATOM   1579 O O   . LEU B 1 104 ? 5.317   -2.795  0.338   1.00 15.91 ? 104 LEU B O   1 
ATOM   1580 C CB  . LEU B 1 104 ? 3.186   -2.406  -1.921  1.00 14.36 ? 104 LEU B CB  1 
ATOM   1581 C CG  . LEU B 1 104 ? 1.991   -1.497  -2.338  1.00 17.59 ? 104 LEU B CG  1 
ATOM   1582 C CD1 . LEU B 1 104 ? 0.858   -2.429  -2.960  1.00 18.56 ? 104 LEU B CD1 1 
ATOM   1583 C CD2 . LEU B 1 104 ? 1.474   -0.666  -1.304  1.00 18.74 ? 104 LEU B CD2 1 
ATOM   1584 N N   . HIS B 1 105 ? 6.394   -2.962  -1.531  1.00 15.24 ? 105 HIS B N   1 
ATOM   1585 C CA  . HIS B 1 105 ? 7.542   -3.718  -0.935  1.00 15.57 ? 105 HIS B CA  1 
ATOM   1586 C C   . HIS B 1 105 ? 8.560   -2.854  -0.163  1.00 16.57 ? 105 HIS B C   1 
ATOM   1587 O O   . HIS B 1 105 ? 9.282   -3.374  0.710   1.00 19.17 ? 105 HIS B O   1 
ATOM   1588 C CB  . HIS B 1 105 ? 8.311   -4.446  -2.027  1.00 16.36 ? 105 HIS B CB  1 
ATOM   1589 C CG  . HIS B 1 105 ? 7.655   -5.676  -2.503  1.00 16.67 ? 105 HIS B CG  1 
ATOM   1590 N ND1 . HIS B 1 105 ? 6.827   -5.685  -3.607  1.00 23.39 ? 105 HIS B ND1 1 
ATOM   1591 C CD2 . HIS B 1 105 ? 7.628   -6.929  -1.991  1.00 20.37 ? 105 HIS B CD2 1 
ATOM   1592 C CE1 . HIS B 1 105 ? 6.344   -6.910  -3.772  1.00 23.85 ? 105 HIS B CE1 1 
ATOM   1593 N NE2 . HIS B 1 105 ? 6.825   -7.684  -2.819  1.00 19.01 ? 105 HIS B NE2 1 
ATOM   1594 N N   . LEU B 1 106 ? 8.701   -1.574  -0.539  1.00 16.91 ? 106 LEU B N   1 
ATOM   1595 C CA  . LEU B 1 106 ? 9.572   -0.632  0.165   1.00 16.06 ? 106 LEU B CA  1 
ATOM   1596 C C   . LEU B 1 106 ? 8.975   -0.092  1.463   1.00 16.72 ? 106 LEU B C   1 
ATOM   1597 O O   . LEU B 1 106 ? 9.700   0.269   2.395   1.00 15.48 ? 106 LEU B O   1 
ATOM   1598 C CB  . LEU B 1 106 ? 9.933   0.537   -0.741  1.00 15.84 ? 106 LEU B CB  1 
ATOM   1599 C CG  . LEU B 1 106 ? 10.801  0.231   -1.986  1.00 12.45 ? 106 LEU B CG  1 
ATOM   1600 C CD1 . LEU B 1 106 ? 10.983  1.477   -2.826  1.00 14.61 ? 106 LEU B CD1 1 
ATOM   1601 C CD2 . LEU B 1 106 ? 12.110  -0.351  -1.587  1.00 9.35  ? 106 LEU B CD2 1 
ATOM   1602 N N   . ILE B 1 107 ? 7.665   0.041   1.522   1.00 17.08 ? 107 ILE B N   1 
ATOM   1603 C CA  . ILE B 1 107 ? 7.097   0.654   2.699   1.00 17.82 ? 107 ILE B CA  1 
ATOM   1604 C C   . ILE B 1 107 ? 7.616   -0.037  3.990   1.00 20.28 ? 107 ILE B C   1 
ATOM   1605 O O   . ILE B 1 107 ? 8.114   0.673   4.859   1.00 20.49 ? 107 ILE B O   1 
ATOM   1606 C CB  . ILE B 1 107 ? 5.530   0.685   2.662   1.00 16.38 ? 107 ILE B CB  1 
ATOM   1607 C CG1 . ILE B 1 107 ? 5.021   1.715   1.632   1.00 16.22 ? 107 ILE B CG1 1 
ATOM   1608 C CG2 . ILE B 1 107 ? 4.970   0.896   4.016   1.00 16.57 ? 107 ILE B CG2 1 
ATOM   1609 C CD1 . ILE B 1 107 ? 3.548   1.522   1.195   1.00 15.76 ? 107 ILE B CD1 1 
ATOM   1610 N N   . PRO B 1 108 ? 7.489   -1.392  4.129   1.00 22.51 ? 108 PRO B N   1 
ATOM   1611 C CA  . PRO B 1 108 ? 7.995   -2.026  5.357   1.00 24.19 ? 108 PRO B CA  1 
ATOM   1612 C C   . PRO B 1 108 ? 9.488   -1.858  5.530   1.00 25.41 ? 108 PRO B C   1 
ATOM   1613 O O   . PRO B 1 108 ? 9.965   -1.916  6.658   1.00 26.10 ? 108 PRO B O   1 
ATOM   1614 C CB  . PRO B 1 108 ? 7.686   -3.508  5.171   1.00 24.39 ? 108 PRO B CB  1 
ATOM   1615 C CG  . PRO B 1 108 ? 7.519   -3.701  3.785   1.00 24.50 ? 108 PRO B CG  1 
ATOM   1616 C CD  . PRO B 1 108 ? 7.025   -2.411  3.190   1.00 22.57 ? 108 PRO B CD  1 
ATOM   1617 N N   . ILE B 1 109 ? 10.216  -1.614  4.447   1.00 26.00 ? 109 ILE B N   1 
ATOM   1618 C CA  . ILE B 1 109 ? 11.664  -1.322  4.549   1.00 27.13 ? 109 ILE B CA  1 
ATOM   1619 C C   . ILE B 1 109 ? 12.023  0.028   5.188   1.00 28.19 ? 109 ILE B C   1 
ATOM   1620 O O   . ILE B 1 109 ? 12.970  0.098   5.952   1.00 26.22 ? 109 ILE B O   1 
ATOM   1621 C CB  . ILE B 1 109 ? 12.369  -1.461  3.158   1.00 26.58 ? 109 ILE B CB  1 
ATOM   1622 C CG1 . ILE B 1 109 ? 12.318  -2.913  2.666   1.00 29.63 ? 109 ILE B CG1 1 
ATOM   1623 C CG2 . ILE B 1 109 ? 13.808  -1.045  3.204   1.00 28.37 ? 109 ILE B CG2 1 
ATOM   1624 C CD1 . ILE B 1 109 ? 12.537  -3.933  3.748   1.00 29.92 ? 109 ILE B CD1 1 
ATOM   1625 N N   . ASN B 1 110 ? 11.263  1.078   4.880   1.00 30.64 ? 110 ASN B N   1 
ATOM   1626 C CA  . ASN B 1 110 ? 11.522  2.444   5.385   1.00 32.64 ? 110 ASN B CA  1 
ATOM   1627 C C   . ASN B 1 110 ? 10.934  2.579   6.750   1.00 35.80 ? 110 ASN B C   1 
ATOM   1628 O O   . ASN B 1 110 ? 11.486  3.251   7.581   1.00 36.37 ? 110 ASN B O   1 
ATOM   1629 C CB  . ASN B 1 110 ? 10.843  3.456   4.487   1.00 31.59 ? 110 ASN B CB  1 
ATOM   1630 C CG  . ASN B 1 110 ? 10.960  4.883   4.984   1.00 32.23 ? 110 ASN B CG  1 
ATOM   1631 O OD1 . ASN B 1 110 ? 12.055  5.402   5.188   1.00 28.46 ? 110 ASN B OD1 1 
ATOM   1632 N ND2 . ASN B 1 110 ? 9.804   5.559   5.116   1.00 33.64 ? 110 ASN B ND2 1 
ATOM   1633 N N   . GLN B 1 111 ? 9.759   1.978   6.901   1.00 39.37 ? 111 GLN B N   1 
ATOM   1634 C CA  . GLN B 1 111 ? 9.003   1.706   8.158   1.00 42.21 ? 111 GLN B CA  1 
ATOM   1635 C C   . GLN B 1 111 ? 7.725   2.552   8.317   1.00 42.97 ? 111 GLN B C   1 
ATOM   1636 O O   . GLN B 1 111 ? 6.603   2.057   8.061   1.00 44.60 ? 111 GLN B O   1 
ATOM   1637 C CB  . GLN B 1 111 ? 9.882   1.761   9.413   1.00 43.22 ? 111 GLN B CB  1 
ATOM   1638 C CG  . GLN B 1 111 ? 10.860  0.576   9.508   1.00 45.90 ? 111 GLN B CG  1 
ATOM   1639 C CD  . GLN B 1 111 ? 11.348  0.383   10.904  1.00 49.30 ? 111 GLN B CD  1 
ATOM   1640 O OE1 . GLN B 1 111 ? 11.584  1.364   11.612  1.00 52.98 ? 111 GLN B OE1 1 
ATOM   1641 N NE2 . GLN B 1 111 ? 11.488  -0.877  11.324  1.00 51.14 ? 111 GLN B NE2 1 
HETATM 1642 P P   . PO4 C 2 .   ? 13.172  -5.401  8.258   0.50 23.71 ? 112 PO4 A P   1 
HETATM 1643 O O1  . PO4 C 2 .   ? 11.899  -6.108  8.618   0.50 25.57 ? 112 PO4 A O1  1 
HETATM 1644 O O2  . PO4 C 2 .   ? 13.384  -5.452  6.767   0.50 20.37 ? 112 PO4 A O2  1 
HETATM 1645 O O3  . PO4 C 2 .   ? 13.168  -4.008  8.736   0.50 24.19 ? 112 PO4 A O3  1 
HETATM 1646 O O4  . PO4 C 2 .   ? 14.247  -6.164  8.978   0.50 26.84 ? 112 PO4 A O4  1 
HETATM 1647 P P   . PO4 D 2 .   ? -9.271  7.896   0.065   1.00 56.49 ? 112 PO4 B P   1 
HETATM 1648 O O1  . PO4 D 2 .   ? -10.372 7.746   -0.951  1.00 55.59 ? 112 PO4 B O1  1 
HETATM 1649 O O2  . PO4 D 2 .   ? -9.201  9.340   0.558   1.00 52.98 ? 112 PO4 B O2  1 
HETATM 1650 O O3  . PO4 D 2 .   ? -9.586  6.985   1.239   1.00 57.40 ? 112 PO4 B O3  1 
HETATM 1651 O O4  . PO4 D 2 .   ? -7.927  7.486   -0.567  1.00 54.81 ? 112 PO4 B O4  1 
HETATM 1652 O O   . HOH E 3 .   ? 21.758  7.032   -4.379  1.00 31.12 ? 113 HOH A O   1 
HETATM 1653 O O   . HOH E 3 .   ? -15.772 1.387   -4.144  1.00 27.99 ? 114 HOH A O   1 
HETATM 1654 O O   . HOH E 3 .   ? 10.767  -8.512  7.896   1.00 22.15 ? 115 HOH A O   1 
HETATM 1655 O O   . HOH E 3 .   ? 7.441   -3.778  -9.321  1.00 24.86 ? 116 HOH A O   1 
HETATM 1656 O O   . HOH E 3 .   ? -19.107 -7.141  -0.562  1.00 21.80 ? 117 HOH A O   1 
HETATM 1657 O O   . HOH E 3 .   ? 23.959  5.439   2.622   1.00 36.70 ? 118 HOH A O   1 
HETATM 1658 O O   . HOH E 3 .   ? -4.941  7.561   7.537   1.00 34.63 ? 119 HOH A O   1 
HETATM 1659 O O   . HOH E 3 .   ? 15.141  -13.139 -1.916  1.00 30.35 ? 120 HOH A O   1 
HETATM 1660 O O   . HOH E 3 .   ? 16.213  11.029  0.755   1.00 23.40 ? 121 HOH A O   1 
HETATM 1661 O O   . HOH E 3 .   ? 24.527  -2.487  -2.342  1.00 31.24 ? 122 HOH A O   1 
HETATM 1662 O O   . HOH E 3 .   ? 21.824  -7.410  7.104   1.00 32.72 ? 123 HOH A O   1 
HETATM 1663 O O   . HOH E 3 .   ? -4.790  -12.805 8.430   1.00 39.73 ? 124 HOH A O   1 
HETATM 1664 O O   . HOH E 3 .   ? 2.617   3.423   14.691  1.00 42.11 ? 125 HOH A O   1 
HETATM 1665 O O   . HOH E 3 .   ? 26.631  -7.689  -12.567 1.00 31.58 ? 126 HOH A O   1 
HETATM 1666 O O   . HOH E 3 .   ? 11.175  -14.049 -8.272  1.00 32.63 ? 127 HOH A O   1 
HETATM 1667 O O   . HOH F 3 .   ? 7.262   7.002   2.526   1.00 20.62 ? 113 HOH B O   1 
HETATM 1668 O O   . HOH F 3 .   ? -21.604 -0.275  -3.007  1.00 30.90 ? 114 HOH B O   1 
HETATM 1669 O O   . HOH F 3 .   ? 9.161   -6.126  1.189   1.00 26.63 ? 115 HOH B O   1 
HETATM 1670 O O   . HOH F 3 .   ? 7.012   4.802   4.352   1.00 33.29 ? 116 HOH B O   1 
HETATM 1671 O O   . HOH F 3 .   ? -13.930 12.593  3.295   1.00 31.21 ? 117 HOH B O   1 
HETATM 1672 O O   . HOH F 3 .   ? 8.400   -4.728  -20.598 1.00 30.44 ? 118 HOH B O   1 
HETATM 1673 O O   . HOH F 3 .   ? -14.079 14.453  5.289   1.00 24.13 ? 119 HOH B O   1 
HETATM 1674 O O   . HOH F 3 .   ? 7.000   9.436   3.095   1.00 31.86 ? 120 HOH B O   1 
HETATM 1675 O O   . HOH F 3 .   ? -3.422  11.060  4.740   1.00 33.20 ? 121 HOH B O   1 
HETATM 1676 O O   . HOH F 3 .   ? 14.052  9.132   -3.298  1.00 21.69 ? 122 HOH B O   1 
HETATM 1677 O O   . HOH F 3 .   ? -7.227  12.904  4.361   0.50 19.10 ? 123 HOH B O   1 
HETATM 1678 O O   . HOH F 3 .   ? -4.425  10.467  -0.158  1.00 38.51 ? 124 HOH B O   1 
HETATM 1679 O O   . HOH F 3 .   ? -1.156  6.359   4.731   1.00 37.29 ? 125 HOH B O   1 
HETATM 1680 O O   . HOH F 3 .   ? 2.325   12.206  3.626   1.00 34.48 ? 126 HOH B O   1 
# 
